data_2CH5
#
_entry.id   2CH5
#
_cell.length_a   57.537
_cell.length_b   98.482
_cell.length_c   101.981
_cell.angle_alpha   63.43
_cell.angle_beta   75.66
_cell.angle_gamma   75.06
#
_symmetry.space_group_name_H-M   'P 1'
#
loop_
_entity.id
_entity.type
_entity.pdbx_description
1 polymer 'NAGK PROTEIN'
2 non-polymer 2-acetamido-2-deoxy-beta-D-glucopyranose
3 non-polymer GLYCEROL
4 non-polymer 2-acetamido-2-deoxy-alpha-D-glucopyranose
5 water water
#
_entity_poly.entity_id   1
_entity_poly.type   'polypeptide(L)'
_entity_poly.pdbx_seq_one_letter_code
;PQFMAAIYGGVEGGGTRSEVLLVSEDGKILAEADGLSTNHWLIGTDKCVERINEMVNRAKRKAGVDPLVPLRSLGLSLSG
GDQEDAGRILIEELRDRFPYLSESYLITTDAAGSIATATPDGGVVLISGTGSNCRLINPDGSESGCGGWGHMMGDEGSAY
WIAHQAVKIVFDSIDNLEAAPHDIGYVKQAMFHYFQVPDRLGILTHLYRDFDKCRFAGFCRKIAEGAQQGDPLSRYIFRK
AGEMLGRHIVAVLPEIDPVLFQGKIGLPILCVGSVWKSWELLKEGFLLALTQGREIQAQNFFSSFTLMKLRHSSALGGAS
LGARHIGHLLPMDYSANAIAFYSYTFS
;
_entity_poly.pdbx_strand_id   A,B,C,D
#
# COMPACT_ATOMS: atom_id res chain seq x y z
N PRO A 1 17.56 49.41 36.00
CA PRO A 1 16.24 48.82 36.18
C PRO A 1 16.33 47.30 36.41
N GLN A 2 16.82 46.95 37.59
CA GLN A 2 17.11 45.57 38.00
C GLN A 2 16.44 45.28 39.36
N PHE A 3 16.57 46.22 40.30
CA PHE A 3 16.13 46.00 41.69
C PHE A 3 14.74 46.59 41.94
N MET A 4 14.42 47.94 40.86
CA MET A 4 13.14 48.61 41.23
C MET A 4 11.91 47.88 40.75
N ALA A 5 12.07 47.08 39.68
CA ALA A 5 10.93 46.51 38.99
C ALA A 5 10.86 44.99 39.12
N ALA A 6 9.65 44.47 38.86
CA ALA A 6 9.40 43.03 38.81
C ALA A 6 10.23 42.34 37.71
N ILE A 7 10.75 41.16 38.04
CA ILE A 7 11.48 40.33 37.09
C ILE A 7 10.70 39.06 36.83
N TYR A 8 10.52 38.79 35.53
CA TYR A 8 9.76 37.66 35.05
C TYR A 8 10.64 36.62 34.41
N GLY A 9 10.56 35.39 34.89
CA GLY A 9 11.39 34.30 34.40
C GLY A 9 10.57 33.37 33.51
N GLY A 10 11.25 32.78 32.55
CA GLY A 10 10.71 31.68 31.75
C GLY A 10 11.73 30.58 31.65
N VAL A 11 11.27 29.34 31.66
CA VAL A 11 12.14 28.17 31.40
C VAL A 11 11.52 27.34 30.26
N GLU A 12 12.31 27.14 29.20
CA GLU A 12 12.00 26.28 28.05
C GLU A 12 12.59 24.95 28.43
N GLY A 13 11.74 23.96 28.60
CA GLY A 13 12.20 22.67 29.07
C GLY A 13 11.71 21.51 28.24
N GLY A 14 11.90 21.62 26.93
CA GLY A 14 11.77 20.46 26.04
C GLY A 14 13.12 19.89 25.61
N GLY A 15 13.21 18.57 25.38
CA GLY A 15 14.35 17.99 24.63
C GLY A 15 15.71 17.74 25.32
N THR A 16 16.82 18.02 24.64
CA THR A 16 18.16 17.66 25.17
C THR A 16 18.55 18.47 26.43
N ARG A 17 17.75 19.48 26.76
CA ARG A 17 18.30 20.65 27.37
C ARG A 17 17.23 21.67 27.70
N SER A 18 17.51 22.55 28.67
CA SER A 18 16.61 23.62 29.04
C SER A 18 17.34 24.96 28.91
N GLU A 19 16.57 26.02 28.84
CA GLU A 19 17.11 27.40 28.84
C GLU A 19 16.22 28.29 29.71
N VAL A 20 16.84 29.16 30.52
CA VAL A 20 16.12 30.20 31.28
C VAL A 20 16.35 31.54 30.60
N LEU A 21 15.30 32.34 30.50
CA LEU A 21 15.40 33.79 30.31
C LEU A 21 14.82 34.52 31.50
N LEU A 22 15.48 35.61 31.91
CA LEU A 22 14.89 36.57 32.82
C LEU A 22 14.63 37.84 32.05
N VAL A 23 13.41 38.38 32.21
CA VAL A 23 12.94 39.52 31.44
C VAL A 23 12.41 40.60 32.41
N SER A 24 12.71 41.87 32.10
CA SER A 24 12.19 42.97 32.89
C SER A 24 10.71 43.16 32.66
N GLU A 25 10.08 43.80 33.63
CA GLU A 25 8.69 44.23 33.53
C GLU A 25 8.37 44.83 32.16
N ASP A 26 9.35 45.54 31.57
CA ASP A 26 9.17 46.22 30.26
C ASP A 26 9.50 45.38 29.02
N GLY A 27 9.86 44.11 29.20
CA GLY A 27 10.09 43.20 28.09
C GLY A 27 11.53 43.02 27.66
N LYS A 28 12.46 43.60 28.41
CA LYS A 28 13.90 43.54 28.08
C LYS A 28 14.54 42.28 28.68
N ILE A 29 15.21 41.49 27.85
CA ILE A 29 15.88 40.29 28.33
C ILE A 29 17.10 40.74 29.16
N LEU A 30 17.13 40.32 30.42
CA LEU A 30 18.19 40.69 31.36
C LEU A 30 19.32 39.63 31.47
N ALA A 31 18.96 38.36 31.23
CA ALA A 31 19.89 37.22 31.38
C ALA A 31 19.33 35.97 30.72
N GLU A 32 20.24 35.12 30.29
CA GLU A 32 19.93 33.80 29.76
C GLU A 32 20.90 32.79 30.35
N ALA A 33 20.43 31.56 30.55
CA ALA A 33 21.32 30.48 30.98
C ALA A 33 20.82 29.15 30.45
N ASP A 34 21.76 28.24 30.16
CA ASP A 34 21.40 26.87 29.80
C ASP A 34 21.23 26.09 31.06
N GLY A 35 20.41 25.06 30.97
CA GLY A 35 20.21 24.08 32.05
C GLY A 35 20.10 22.67 31.51
N LEU A 36 20.02 21.72 32.44
CA LEU A 36 19.86 20.30 32.10
C LEU A 36 18.40 19.98 31.69
N SER A 37 18.17 18.76 31.18
CA SER A 37 16.81 18.26 30.81
C SER A 37 15.82 18.36 31.98
N THR A 38 14.59 18.74 31.66
CA THR A 38 13.53 18.89 32.63
C THR A 38 12.22 18.20 32.16
N ASN A 39 12.38 17.05 31.49
CA ASN A 39 11.30 16.15 31.15
C ASN A 39 10.97 15.17 32.28
N HIS A 40 9.87 15.41 32.98
CA HIS A 40 9.52 14.64 34.18
C HIS A 40 9.15 13.21 33.87
N TRP A 41 8.73 12.95 32.64
CA TRP A 41 8.42 11.59 32.25
C TRP A 41 9.69 10.75 32.28
N LEU A 42 10.82 11.37 31.94
CA LEU A 42 12.11 10.67 31.88
C LEU A 42 12.94 10.74 33.15
N ILE A 43 12.91 11.86 33.85
CA ILE A 43 13.80 12.03 35.00
C ILE A 43 13.13 12.17 36.36
N GLY A 44 11.81 12.33 36.38
CA GLY A 44 11.07 12.44 37.64
C GLY A 44 11.01 13.89 38.06
N THR A 45 10.04 14.21 38.89
CA THR A 45 9.88 15.58 39.41
C THR A 45 11.00 16.08 40.34
N ASP A 46 11.54 15.22 41.19
CA ASP A 46 12.60 15.67 42.11
C ASP A 46 13.82 16.27 41.38
N LYS A 47 14.33 15.59 40.33
CA LYS A 47 15.47 16.11 39.60
C LYS A 47 15.08 17.36 38.79
N CYS A 48 13.84 17.38 38.30
CA CYS A 48 13.34 18.58 37.62
C CYS A 48 13.43 19.80 38.54
N VAL A 49 13.00 19.63 39.78
CA VAL A 49 12.98 20.70 40.79
C VAL A 49 14.40 21.24 41.03
N GLU A 50 15.32 20.33 41.26
CA GLU A 50 16.72 20.67 41.53
C GLU A 50 17.32 21.45 40.35
N ARG A 51 17.05 20.96 39.15
CA ARG A 51 17.61 21.52 37.93
C ARG A 51 17.04 22.88 37.62
N ILE A 52 15.73 23.06 37.82
CA ILE A 52 15.10 24.37 37.62
C ILE A 52 15.71 25.42 38.57
N ASN A 53 15.78 25.11 39.86
CA ASN A 53 16.34 26.06 40.81
C ASN A 53 17.78 26.46 40.44
N GLU A 54 18.59 25.46 40.10
CA GLU A 54 20.00 25.66 39.88
C GLU A 54 20.22 26.58 38.69
N MET A 55 19.47 26.36 37.61
CA MET A 55 19.68 27.15 36.41
C MET A 55 19.09 28.57 36.54
N VAL A 56 17.91 28.70 37.17
CA VAL A 56 17.37 30.01 37.42
C VAL A 56 18.31 30.83 38.30
N ASN A 57 18.91 30.23 39.33
CA ASN A 57 19.83 30.99 40.19
C ASN A 57 21.07 31.45 39.41
N ARG A 58 21.55 30.63 38.48
CA ARG A 58 22.66 31.09 37.64
C ARG A 58 22.27 32.33 36.83
N ALA A 59 21.07 32.33 36.29
CA ALA A 59 20.54 33.49 35.57
C ALA A 59 20.37 34.72 36.48
N LYS A 60 19.88 34.50 37.72
CA LYS A 60 19.74 35.59 38.67
C LYS A 60 21.08 36.29 38.96
N ARG A 61 22.14 35.50 39.14
CA ARG A 61 23.47 36.06 39.41
C ARG A 61 24.02 36.80 38.19
N LYS A 62 23.82 36.25 37.01
CA LYS A 62 24.18 36.95 35.77
C LYS A 62 23.51 38.31 35.69
N ALA A 63 22.23 38.37 36.06
CA ALA A 63 21.47 39.59 35.94
C ALA A 63 21.83 40.62 37.02
N GLY A 64 22.46 40.17 38.10
CA GLY A 64 22.76 41.01 39.25
C GLY A 64 21.57 41.19 40.20
N VAL A 65 20.65 40.22 40.20
CA VAL A 65 19.55 40.22 41.18
C VAL A 65 20.18 40.08 42.56
N ASP A 66 19.68 40.83 43.55
CA ASP A 66 20.28 40.80 44.89
C ASP A 66 19.98 39.42 45.48
N PRO A 67 20.83 38.95 46.42
CA PRO A 67 20.64 37.61 46.96
C PRO A 67 19.34 37.47 47.73
N LEU A 68 18.70 36.30 47.57
CA LEU A 68 17.42 35.98 48.25
C LEU A 68 16.24 36.85 47.77
N VAL A 69 16.40 37.55 46.65
CA VAL A 69 15.28 38.28 46.07
C VAL A 69 14.57 37.31 45.12
N PRO A 70 13.24 37.08 45.32
CA PRO A 70 12.54 36.19 44.39
C PRO A 70 12.18 36.87 43.08
N LEU A 71 12.03 36.06 42.03
CA LEU A 71 11.39 36.53 40.82
C LEU A 71 9.97 36.90 41.16
N ARG A 72 9.37 37.76 40.37
CA ARG A 72 7.91 38.00 40.54
C ARG A 72 7.10 36.75 40.13
N SER A 73 7.45 36.21 38.97
CA SER A 73 6.81 35.00 38.46
C SER A 73 7.77 34.18 37.63
N LEU A 74 7.44 32.89 37.48
CA LEU A 74 8.26 31.97 36.69
C LEU A 74 7.35 31.02 35.88
N GLY A 75 7.34 31.20 34.56
CA GLY A 75 6.63 30.32 33.62
C GLY A 75 7.53 29.20 33.15
N LEU A 76 7.12 28.00 33.49
CA LEU A 76 7.84 26.76 33.19
C LEU A 76 7.12 26.06 32.02
N SER A 77 7.70 26.19 30.83
CA SER A 77 7.13 25.55 29.62
C SER A 77 7.86 24.23 29.32
N LEU A 78 7.34 23.17 29.93
CA LEU A 78 8.05 21.91 30.04
C LEU A 78 7.38 20.80 29.20
N SER A 79 8.17 19.84 28.74
CA SER A 79 7.61 18.61 28.16
C SER A 79 6.76 17.97 29.24
N GLY A 80 5.55 17.54 28.89
CA GLY A 80 4.65 16.93 29.87
C GLY A 80 4.04 17.88 30.91
N GLY A 81 4.19 19.19 30.66
CA GLY A 81 3.71 20.23 31.57
C GLY A 81 2.19 20.34 31.62
N ASP A 82 1.50 19.58 30.75
CA ASP A 82 0.02 19.46 30.83
C ASP A 82 -0.45 18.40 31.83
N GLN A 83 0.46 17.59 32.36
CA GLN A 83 0.05 16.58 33.35
C GLN A 83 -0.26 17.26 34.69
N GLU A 84 -1.50 17.09 35.13
CA GLU A 84 -2.04 17.78 36.31
C GLU A 84 -1.25 17.48 37.59
N ASP A 85 -1.03 16.21 37.88
CA ASP A 85 -0.30 15.78 39.07
C ASP A 85 1.10 16.33 39.07
N ALA A 86 1.81 16.13 37.96
CA ALA A 86 3.23 16.46 37.90
C ALA A 86 3.42 17.95 38.13
N GLY A 87 2.54 18.74 37.53
CA GLY A 87 2.57 20.20 37.67
C GLY A 87 2.34 20.68 39.11
N ARG A 88 1.34 20.13 39.77
CA ARG A 88 1.05 20.44 41.17
C ARG A 88 2.26 20.14 42.03
N ILE A 89 2.84 18.97 41.82
CA ILE A 89 3.99 18.55 42.62
C ILE A 89 5.23 19.42 42.38
N LEU A 90 5.54 19.71 41.12
CA LEU A 90 6.71 20.54 40.81
C LEU A 90 6.64 21.85 41.56
N ILE A 91 5.46 22.50 41.56
CA ILE A 91 5.32 23.80 42.23
C ILE A 91 5.42 23.70 43.77
N GLU A 92 4.77 22.69 44.36
CA GLU A 92 4.85 22.46 45.84
C GLU A 92 6.29 22.31 46.28
N GLU A 93 7.04 21.53 45.51
CA GLU A 93 8.43 21.23 45.85
C GLU A 93 9.35 22.43 45.67
N LEU A 94 9.22 23.14 44.56
CA LEU A 94 9.94 24.39 44.39
C LEU A 94 9.71 25.34 45.56
N ARG A 95 8.45 25.57 45.94
CA ARG A 95 8.12 26.46 47.06
C ARG A 95 8.66 25.99 48.40
N ASP A 96 8.52 24.70 48.67
CA ASP A 96 8.95 24.12 49.92
C ASP A 96 10.48 24.15 50.01
N ARG A 97 11.16 23.66 48.98
CA ARG A 97 12.62 23.54 49.03
C ARG A 97 13.38 24.85 48.79
N PHE A 98 12.84 25.73 47.97
CA PHE A 98 13.56 26.91 47.50
C PHE A 98 12.65 28.13 47.62
N PRO A 99 12.35 28.52 48.86
CA PRO A 99 11.39 29.61 49.07
C PRO A 99 11.78 31.01 48.51
N TYR A 100 13.03 31.25 48.15
CA TYR A 100 13.42 32.57 47.60
C TYR A 100 13.48 32.56 46.06
N LEU A 101 13.09 31.47 45.43
CA LEU A 101 13.22 31.37 43.98
C LEU A 101 12.29 32.37 43.30
N SER A 102 10.96 32.19 43.50
CA SER A 102 9.95 33.00 42.80
C SER A 102 8.71 33.10 43.66
N GLU A 103 8.02 34.23 43.58
CA GLU A 103 6.78 34.41 44.32
C GLU A 103 5.63 33.56 43.75
N SER A 104 5.62 33.40 42.43
CA SER A 104 4.54 32.64 41.80
C SER A 104 5.08 31.81 40.65
N TYR A 105 4.30 30.79 40.29
CA TYR A 105 4.68 29.82 39.29
C TYR A 105 3.50 29.48 38.37
N LEU A 106 3.80 29.33 37.08
CA LEU A 106 2.93 28.73 36.08
C LEU A 106 3.62 27.52 35.45
N ILE A 107 2.95 26.37 35.44
CA ILE A 107 3.45 25.22 34.67
C ILE A 107 2.62 25.06 33.43
N THR A 108 3.27 25.01 32.30
CA THR A 108 2.59 24.75 31.05
C THR A 108 3.48 23.88 30.17
N THR A 109 3.08 23.70 28.92
CA THR A 109 3.79 22.84 27.99
C THR A 109 4.89 23.59 27.23
N ASP A 110 5.90 22.85 26.79
CA ASP A 110 6.89 23.34 25.86
C ASP A 110 6.27 23.98 24.63
N ALA A 111 5.26 23.33 24.06
CA ALA A 111 4.58 23.80 22.85
C ALA A 111 3.84 25.15 23.06
N ALA A 112 3.23 25.31 24.23
CA ALA A 112 2.52 26.56 24.59
C ALA A 112 3.46 27.75 24.65
N GLY A 113 4.62 27.53 25.26
CA GLY A 113 5.66 28.55 25.37
C GLY A 113 6.18 28.94 24.02
N SER A 114 6.36 27.96 23.15
CA SER A 114 6.81 28.23 21.77
C SER A 114 5.79 29.08 21.03
N ILE A 115 4.52 28.66 21.02
CA ILE A 115 3.49 29.44 20.34
C ILE A 115 3.47 30.88 20.88
N ALA A 116 3.49 31.02 22.21
CA ALA A 116 3.41 32.33 22.87
C ALA A 116 4.59 33.25 22.57
N THR A 117 5.72 32.69 22.14
CA THR A 117 6.89 33.48 21.76
C THR A 117 6.65 34.18 20.42
N ALA A 118 5.95 33.50 19.52
CA ALA A 118 5.68 33.94 18.19
C ALA A 118 4.38 34.74 18.02
N THR A 119 3.32 34.38 18.75
CA THR A 119 2.01 35.07 18.62
C THR A 119 1.15 35.04 19.86
N PRO A 120 0.31 36.07 20.02
CA PRO A 120 -0.70 36.05 21.04
C PRO A 120 -2.05 35.61 20.50
N ASP A 121 -2.13 35.32 19.20
CA ASP A 121 -3.42 35.19 18.48
C ASP A 121 -3.75 33.76 18.03
N GLY A 122 -3.00 32.79 18.55
CA GLY A 122 -3.17 31.39 18.18
C GLY A 122 -2.28 30.93 17.04
N GLY A 123 -1.93 29.66 17.06
CA GLY A 123 -1.12 29.10 15.99
C GLY A 123 -0.82 27.62 16.12
N VAL A 124 0.03 27.14 15.22
CA VAL A 124 0.42 25.75 15.12
C VAL A 124 1.92 25.68 15.30
N VAL A 125 2.36 24.77 16.19
CA VAL A 125 3.76 24.48 16.34
C VAL A 125 4.03 23.02 16.05
N LEU A 126 5.16 22.75 15.40
CA LEU A 126 5.57 21.40 15.05
C LEU A 126 7.00 21.23 15.54
N ILE A 127 7.16 20.49 16.64
CA ILE A 127 8.45 20.29 17.30
C ILE A 127 9.13 19.04 16.78
N SER A 128 10.39 19.15 16.35
CA SER A 128 11.19 17.96 16.08
C SER A 128 12.61 18.19 16.57
N GLY A 129 12.90 17.61 17.74
CA GLY A 129 14.25 17.58 18.34
C GLY A 129 14.52 16.12 18.70
N THR A 130 14.87 15.86 19.95
CA THR A 130 14.98 14.45 20.41
C THR A 130 13.62 13.76 20.32
N GLY A 131 12.54 14.51 20.58
CA GLY A 131 11.16 14.10 20.30
C GLY A 131 10.41 14.99 19.31
N SER A 132 9.16 14.59 19.03
CA SER A 132 8.28 15.33 18.17
C SER A 132 6.91 15.54 18.80
N ASN A 133 6.25 16.58 18.34
CA ASN A 133 4.92 16.99 18.88
C ASN A 133 4.32 18.02 17.93
N CYS A 134 3.02 17.95 17.70
CA CYS A 134 2.31 18.97 16.96
C CYS A 134 1.14 19.49 17.79
N ARG A 135 1.12 20.79 18.06
CA ARG A 135 0.08 21.39 18.86
C ARG A 135 -0.53 22.61 18.19
N LEU A 136 -1.85 22.70 18.30
CA LEU A 136 -2.62 23.85 17.83
C LEU A 136 -3.31 24.54 19.01
N ILE A 137 -3.22 25.87 19.01
CA ILE A 137 -4.06 26.69 19.88
C ILE A 137 -4.80 27.65 18.95
N ASN A 138 -6.13 27.48 18.86
CA ASN A 138 -6.95 28.35 18.03
C ASN A 138 -7.14 29.71 18.69
N PRO A 139 -7.50 30.73 17.91
CA PRO A 139 -7.78 32.05 18.45
C PRO A 139 -8.78 32.07 19.63
N ASP A 140 -9.77 31.17 19.59
CA ASP A 140 -10.74 31.05 20.69
C ASP A 140 -10.21 30.26 21.89
N GLY A 141 -9.00 29.72 21.76
CA GLY A 141 -8.34 29.00 22.85
C GLY A 141 -8.58 27.49 22.85
N SER A 142 -9.40 27.01 21.91
CA SER A 142 -9.57 25.59 21.73
C SER A 142 -8.24 24.99 21.22
N GLU A 143 -7.97 23.76 21.64
CA GLU A 143 -6.67 23.13 21.41
C GLU A 143 -6.83 21.80 20.75
N SER A 144 -5.80 21.42 20.01
CA SER A 144 -5.77 20.13 19.39
C SER A 144 -4.30 19.73 19.22
N GLY A 145 -4.06 18.44 19.07
CA GLY A 145 -2.71 17.94 18.86
C GLY A 145 -2.60 16.62 18.14
N CYS A 146 -1.38 16.32 17.67
CA CYS A 146 -0.99 15.04 17.13
C CYS A 146 0.39 14.70 17.67
N GLY A 147 0.60 13.47 18.14
CA GLY A 147 1.93 13.08 18.57
C GLY A 147 2.24 13.64 19.94
N GLY A 148 3.52 13.83 20.27
CA GLY A 148 3.93 14.23 21.60
C GLY A 148 3.87 13.10 22.62
N TRP A 149 3.82 11.86 22.14
CA TRP A 149 3.68 10.69 23.07
C TRP A 149 4.98 10.04 23.58
N GLY A 150 6.12 10.51 23.12
CA GLY A 150 7.40 10.04 23.64
C GLY A 150 7.92 8.83 22.92
N HIS A 151 9.15 8.45 23.24
CA HIS A 151 9.82 7.34 22.52
C HIS A 151 9.13 5.99 22.64
N MET A 152 8.31 5.81 23.66
CA MET A 152 7.64 4.52 23.90
C MET A 152 6.35 4.31 23.09
N MET A 153 5.86 5.36 22.39
CA MET A 153 4.56 5.33 21.75
C MET A 153 4.45 6.22 20.49
N GLY A 154 5.54 6.81 20.04
CA GLY A 154 5.50 7.68 18.87
C GLY A 154 6.81 8.39 18.59
N ASP A 155 6.81 9.71 18.75
CA ASP A 155 7.96 10.57 18.38
C ASP A 155 8.36 10.44 16.91
N GLU A 156 7.40 10.14 16.05
CA GLU A 156 7.71 10.00 14.65
C GLU A 156 8.30 11.30 14.06
N GLY A 157 9.40 11.15 13.32
CA GLY A 157 10.03 12.24 12.60
C GLY A 157 11.01 13.04 13.45
N SER A 158 11.24 12.60 14.68
CA SER A 158 12.22 13.17 15.59
C SER A 158 13.61 12.57 15.35
N ALA A 159 14.61 13.12 16.05
CA ALA A 159 15.97 12.56 16.03
C ALA A 159 15.99 11.14 16.68
N TYR A 160 15.28 10.94 17.78
CA TYR A 160 15.14 9.59 18.33
C TYR A 160 14.63 8.59 17.27
N TRP A 161 13.53 8.95 16.61
CA TRP A 161 12.89 8.10 15.62
C TRP A 161 13.81 7.79 14.42
N ILE A 162 14.51 8.82 13.92
CA ILE A 162 15.49 8.64 12.84
C ILE A 162 16.59 7.64 13.25
N ALA A 163 17.16 7.86 14.43
CA ALA A 163 18.15 6.98 15.01
C ALA A 163 17.61 5.55 15.17
N HIS A 164 16.39 5.43 15.68
CA HIS A 164 15.82 4.12 15.96
C HIS A 164 15.53 3.36 14.66
N GLN A 165 15.00 4.08 13.67
CA GLN A 165 14.68 3.49 12.39
C GLN A 165 15.96 2.92 11.73
N ALA A 166 17.06 3.66 11.82
CA ALA A 166 18.32 3.24 11.24
C ALA A 166 18.82 1.97 11.88
N VAL A 167 18.87 1.96 13.22
CA VAL A 167 19.29 0.78 13.95
C VAL A 167 18.39 -0.42 13.66
N LYS A 168 17.07 -0.21 13.69
CA LYS A 168 16.11 -1.27 13.42
C LYS A 168 16.23 -1.86 12.01
N ILE A 169 16.44 -0.99 11.01
CA ILE A 169 16.56 -1.45 9.65
C ILE A 169 17.79 -2.33 9.53
N VAL A 170 18.87 -1.96 10.23
CA VAL A 170 20.12 -2.73 10.23
C VAL A 170 19.91 -4.09 10.95
N PHE A 171 19.27 -4.07 12.12
CA PHE A 171 19.01 -5.29 12.86
C PHE A 171 18.19 -6.27 12.03
N ASP A 172 17.09 -5.80 11.44
CA ASP A 172 16.19 -6.69 10.68
C ASP A 172 16.85 -7.23 9.43
N SER A 173 17.64 -6.39 8.77
CA SER A 173 18.40 -6.79 7.59
C SER A 173 19.32 -7.97 7.90
N ILE A 174 20.11 -7.81 8.94
CA ILE A 174 21.09 -8.82 9.32
C ILE A 174 20.39 -10.09 9.80
N ASP A 175 19.24 -9.94 10.48
CA ASP A 175 18.41 -11.09 10.94
C ASP A 175 17.71 -11.83 9.78
N ASN A 176 17.65 -11.19 8.62
CA ASN A 176 16.84 -11.70 7.52
C ASN A 176 15.34 -11.67 7.86
N LEU A 177 14.96 -10.83 8.81
CA LEU A 177 13.54 -10.63 9.15
C LEU A 177 12.88 -9.77 8.11
N GLU A 178 13.60 -8.76 7.64
CA GLU A 178 13.09 -7.89 6.59
C GLU A 178 14.22 -7.25 5.80
N ALA A 179 14.15 -7.34 4.47
CA ALA A 179 15.08 -6.68 3.57
C ALA A 179 15.01 -5.16 3.71
N ALA A 180 16.18 -4.54 3.79
CA ALA A 180 16.30 -3.10 3.85
C ALA A 180 15.87 -2.52 2.50
N PRO A 181 15.24 -1.33 2.49
CA PRO A 181 14.88 -0.72 1.20
C PRO A 181 16.09 -0.27 0.35
N HIS A 182 17.21 -0.03 1.01
CA HIS A 182 18.48 0.32 0.36
C HIS A 182 19.63 -0.32 1.10
N ASP A 183 20.79 -0.32 0.47
CA ASP A 183 21.96 -0.99 1.04
C ASP A 183 22.29 -0.43 2.41
N ILE A 184 22.51 -1.33 3.38
CA ILE A 184 22.73 -0.89 4.78
C ILE A 184 24.20 -0.54 5.13
N GLY A 185 25.10 -0.72 4.19
CA GLY A 185 26.53 -0.59 4.45
C GLY A 185 26.97 0.63 5.23
N TYR A 186 26.66 1.83 4.71
CA TYR A 186 27.05 3.05 5.42
C TYR A 186 26.41 3.12 6.82
N VAL A 187 25.12 2.87 6.92
CA VAL A 187 24.45 3.01 8.21
C VAL A 187 24.99 2.04 9.26
N LYS A 188 25.24 0.80 8.86
CA LYS A 188 25.75 -0.24 9.78
C LYS A 188 27.13 0.15 10.33
N GLN A 189 27.99 0.63 9.44
CA GLN A 189 29.34 1.04 9.85
C GLN A 189 29.27 2.26 10.74
N ALA A 190 28.38 3.20 10.42
CA ALA A 190 28.20 4.39 11.26
C ALA A 190 27.67 4.06 12.66
N MET A 191 26.77 3.07 12.71
CA MET A 191 26.27 2.56 13.99
C MET A 191 27.42 2.00 14.87
N PHE A 192 28.21 1.08 14.32
CA PHE A 192 29.36 0.61 15.07
C PHE A 192 30.29 1.74 15.52
N HIS A 193 30.49 2.73 14.65
CA HIS A 193 31.36 3.86 14.96
C HIS A 193 30.78 4.74 16.07
N TYR A 194 29.51 5.11 15.97
CA TYR A 194 28.89 6.02 16.92
C TYR A 194 28.79 5.41 18.31
N PHE A 195 28.30 4.18 18.37
CA PHE A 195 28.13 3.46 19.65
C PHE A 195 29.42 2.83 20.19
N GLN A 196 30.47 2.81 19.36
CA GLN A 196 31.74 2.20 19.68
C GLN A 196 31.55 0.79 20.20
N VAL A 197 30.94 -0.06 19.38
CA VAL A 197 30.75 -1.48 19.65
C VAL A 197 30.94 -2.23 18.36
N PRO A 198 31.27 -3.53 18.43
CA PRO A 198 31.60 -4.32 17.24
C PRO A 198 30.44 -5.10 16.63
N ASP A 199 29.30 -5.12 17.31
CA ASP A 199 28.19 -5.92 16.89
C ASP A 199 26.87 -5.46 17.54
N ARG A 200 25.78 -6.08 17.08
CA ARG A 200 24.44 -5.79 17.54
C ARG A 200 24.23 -6.01 19.02
N LEU A 201 24.82 -7.08 19.59
CA LEU A 201 24.68 -7.38 21.04
C LEU A 201 25.26 -6.26 21.91
N GLY A 202 26.35 -5.65 21.44
CA GLY A 202 26.94 -4.48 22.10
C GLY A 202 26.04 -3.24 22.13
N ILE A 203 25.13 -3.15 21.17
CA ILE A 203 24.20 -2.01 21.11
C ILE A 203 23.20 -2.08 22.28
N LEU A 204 22.89 -3.30 22.72
CA LEU A 204 21.73 -3.53 23.59
C LEU A 204 21.86 -2.79 24.91
N THR A 205 23.05 -2.70 25.44
CA THR A 205 23.16 -2.05 26.74
C THR A 205 22.77 -0.56 26.63
N HIS A 206 22.89 0.01 25.42
CA HIS A 206 22.53 1.40 25.19
C HIS A 206 21.02 1.57 24.98
N LEU A 207 20.31 0.44 24.83
CA LEU A 207 18.87 0.45 24.78
C LEU A 207 18.23 0.18 26.13
N TYR A 208 18.97 -0.44 27.04
CA TYR A 208 18.39 -0.92 28.28
C TYR A 208 19.02 -0.19 29.50
N ARG A 209 19.90 -0.83 30.26
CA ARG A 209 20.32 -0.25 31.55
C ARG A 209 21.11 1.06 31.38
N ASP A 210 21.79 1.22 30.24
CA ASP A 210 22.55 2.45 29.95
C ASP A 210 21.84 3.39 29.02
N PHE A 211 20.53 3.17 28.79
CA PHE A 211 19.75 4.02 27.89
C PHE A 211 19.69 5.46 28.35
N ASP A 212 19.91 6.37 27.42
CA ASP A 212 19.68 7.79 27.63
C ASP A 212 19.19 8.31 26.29
N LYS A 213 18.00 8.93 26.28
CA LYS A 213 17.38 9.30 25.04
C LYS A 213 18.23 10.26 24.20
N CYS A 214 18.95 11.18 24.85
CA CYS A 214 19.81 12.15 24.16
C CYS A 214 21.00 11.47 23.51
N ARG A 215 21.61 10.55 24.25
CA ARG A 215 22.75 9.78 23.75
C ARG A 215 22.36 8.91 22.54
N PHE A 216 21.23 8.22 22.64
CA PHE A 216 20.74 7.38 21.50
C PHE A 216 20.33 8.23 20.28
N ALA A 217 19.51 9.26 20.54
CA ALA A 217 19.06 10.16 19.51
C ALA A 217 20.17 10.88 18.77
N GLY A 218 21.30 11.09 19.43
CA GLY A 218 22.47 11.69 18.77
C GLY A 218 23.02 10.92 17.57
N PHE A 219 22.68 9.63 17.45
CA PHE A 219 23.00 8.85 16.24
C PHE A 219 22.38 9.46 14.97
N CYS A 220 21.29 10.18 15.13
CA CYS A 220 20.66 10.86 14.01
C CYS A 220 21.67 11.74 13.21
N ARG A 221 22.64 12.36 13.89
CA ARG A 221 23.70 13.08 13.17
C ARG A 221 24.40 12.26 12.08
N LYS A 222 24.67 10.99 12.36
CA LYS A 222 25.38 10.14 11.40
C LYS A 222 24.48 9.85 10.19
N ILE A 223 23.18 9.78 10.45
CA ILE A 223 22.21 9.58 9.35
C ILE A 223 22.12 10.88 8.51
N ALA A 224 22.08 12.05 9.17
CA ALA A 224 22.08 13.35 8.44
C ALA A 224 23.31 13.48 7.54
N GLU A 225 24.47 13.15 8.11
CA GLU A 225 25.74 13.19 7.39
C GLU A 225 25.74 12.25 6.19
N GLY A 226 25.29 11.02 6.39
CA GLY A 226 25.20 10.05 5.28
C GLY A 226 24.31 10.54 4.16
N ALA A 227 23.19 11.15 4.51
CA ALA A 227 22.23 11.68 3.55
C ALA A 227 22.84 12.84 2.77
N GLN A 228 23.48 13.77 3.49
CA GLN A 228 24.24 14.87 2.88
C GLN A 228 25.26 14.32 1.87
N GLN A 229 25.87 13.18 2.18
CA GLN A 229 26.87 12.65 1.27
C GLN A 229 26.32 11.63 0.24
N GLY A 230 25.00 11.49 0.21
CA GLY A 230 24.29 10.78 -0.85
C GLY A 230 24.01 9.31 -0.63
N ASP A 231 24.09 8.83 0.61
CA ASP A 231 23.77 7.42 0.88
C ASP A 231 22.26 7.20 0.71
N PRO A 232 21.85 6.28 -0.21
CA PRO A 232 20.42 6.06 -0.42
C PRO A 232 19.60 5.75 0.84
N LEU A 233 20.09 4.86 1.70
CA LEU A 233 19.34 4.51 2.90
C LEU A 233 19.12 5.71 3.82
N SER A 234 20.19 6.46 4.07
CA SER A 234 20.11 7.66 4.92
C SER A 234 19.16 8.71 4.36
N ARG A 235 19.24 8.98 3.05
CA ARG A 235 18.26 9.86 2.40
C ARG A 235 16.82 9.37 2.57
N TYR A 236 16.61 8.07 2.38
CA TYR A 236 15.28 7.44 2.55
C TYR A 236 14.74 7.68 3.96
N ILE A 237 15.58 7.44 4.96
CA ILE A 237 15.11 7.61 6.36
C ILE A 237 14.67 9.07 6.62
N PHE A 238 15.44 10.03 6.12
CA PHE A 238 15.09 11.45 6.30
C PHE A 238 13.84 11.87 5.54
N ARG A 239 13.65 11.29 4.34
CA ARG A 239 12.43 11.48 3.59
C ARG A 239 11.20 10.96 4.32
N LYS A 240 11.31 9.75 4.87
CA LYS A 240 10.26 9.20 5.70
C LYS A 240 10.04 10.04 6.97
N ALA A 241 11.09 10.57 7.59
CA ALA A 241 10.92 11.50 8.71
C ALA A 241 10.15 12.76 8.29
N GLY A 242 10.52 13.33 7.14
CA GLY A 242 9.82 14.46 6.60
C GLY A 242 8.34 14.18 6.40
N GLU A 243 8.04 13.00 5.85
CA GLU A 243 6.68 12.55 5.64
C GLU A 243 5.87 12.47 6.96
N MET A 244 6.47 11.88 7.97
CA MET A 244 5.82 11.74 9.28
C MET A 244 5.50 13.13 9.87
N LEU A 245 6.41 14.08 9.71
CA LEU A 245 6.17 15.43 10.23
C LEU A 245 5.02 16.08 9.50
N GLY A 246 5.00 15.95 8.17
CA GLY A 246 3.86 16.41 7.37
C GLY A 246 2.52 15.80 7.75
N ARG A 247 2.53 14.52 8.08
CA ARG A 247 1.32 13.83 8.50
C ARG A 247 0.75 14.34 9.83
N HIS A 248 1.63 14.85 10.70
CA HIS A 248 1.20 15.51 11.94
C HIS A 248 0.35 16.75 11.61
N ILE A 249 0.79 17.52 10.62
CA ILE A 249 0.05 18.71 10.18
C ILE A 249 -1.31 18.32 9.55
N VAL A 250 -1.24 17.35 8.64
CA VAL A 250 -2.43 16.80 8.00
C VAL A 250 -3.42 16.30 9.06
N ALA A 251 -2.91 15.66 10.11
CA ALA A 251 -3.77 15.18 11.17
C ALA A 251 -4.59 16.30 11.79
N VAL A 252 -3.95 17.43 12.10
CA VAL A 252 -4.64 18.53 12.82
C VAL A 252 -5.40 19.54 11.93
N LEU A 253 -5.18 19.48 10.61
CA LEU A 253 -5.80 20.42 9.66
C LEU A 253 -7.31 20.63 9.87
N PRO A 254 -8.06 19.53 10.04
CA PRO A 254 -9.50 19.70 10.26
C PRO A 254 -9.92 20.55 11.48
N GLU A 255 -9.06 20.69 12.50
CA GLU A 255 -9.41 21.52 13.67
C GLU A 255 -8.91 22.95 13.63
N ILE A 256 -8.12 23.30 12.62
CA ILE A 256 -7.55 24.64 12.54
C ILE A 256 -8.61 25.67 12.09
N ASP A 257 -8.75 26.74 12.89
CA ASP A 257 -9.59 27.89 12.54
C ASP A 257 -9.24 28.35 11.11
N PRO A 258 -10.24 28.43 10.22
CA PRO A 258 -9.94 28.89 8.86
C PRO A 258 -9.27 30.29 8.76
N VAL A 259 -9.45 31.13 9.77
CA VAL A 259 -8.79 32.44 9.76
C VAL A 259 -7.26 32.30 9.77
N LEU A 260 -6.77 31.18 10.28
CA LEU A 260 -5.33 30.98 10.42
C LEU A 260 -4.69 30.67 9.06
N PHE A 261 -5.50 30.26 8.07
CA PHE A 261 -5.01 30.02 6.73
C PHE A 261 -4.97 31.28 5.87
N GLN A 262 -5.64 32.35 6.31
CA GLN A 262 -5.84 33.54 5.48
C GLN A 262 -4.63 34.45 5.58
N GLY A 263 -4.40 35.27 4.55
CA GLY A 263 -3.27 36.21 4.54
C GLY A 263 -2.18 35.78 3.56
N LYS A 264 -1.23 36.67 3.31
CA LYS A 264 -0.27 36.48 2.21
C LYS A 264 0.66 35.28 2.45
N ILE A 265 0.84 34.97 3.73
CA ILE A 265 1.76 33.96 4.22
C ILE A 265 1.12 32.54 4.23
N GLY A 266 -0.21 32.49 4.13
CA GLY A 266 -0.96 31.25 4.22
C GLY A 266 -0.90 30.74 5.65
N LEU A 267 -0.93 29.43 5.81
CA LEU A 267 -0.82 28.85 7.15
C LEU A 267 0.61 28.94 7.64
N PRO A 268 0.84 29.71 8.73
CA PRO A 268 2.17 29.70 9.32
C PRO A 268 2.34 28.51 10.23
N ILE A 269 3.47 27.81 10.09
CA ILE A 269 3.76 26.64 10.92
C ILE A 269 5.08 26.92 11.63
N LEU A 270 5.01 27.05 12.96
CA LEU A 270 6.21 27.31 13.73
C LEU A 270 7.01 26.00 13.94
N CYS A 271 8.26 26.03 13.53
CA CYS A 271 9.11 24.87 13.48
C CYS A 271 10.18 25.02 14.55
N VAL A 272 10.10 24.15 15.53
CA VAL A 272 10.98 24.21 16.71
C VAL A 272 11.73 22.89 16.84
N GLY A 273 13.04 22.97 17.11
CA GLY A 273 13.85 21.81 17.42
C GLY A 273 14.94 21.54 16.40
N SER A 274 15.94 20.77 16.82
CA SER A 274 17.21 20.62 16.08
C SER A 274 17.06 19.92 14.73
N VAL A 275 16.08 19.05 14.56
CA VAL A 275 15.91 18.31 13.28
C VAL A 275 15.63 19.25 12.08
N TRP A 276 15.00 20.41 12.35
CA TRP A 276 14.73 21.40 11.31
C TRP A 276 15.99 21.99 10.68
N LYS A 277 17.12 21.92 11.36
CA LYS A 277 18.40 22.24 10.70
C LYS A 277 18.61 21.42 9.41
N SER A 278 18.08 20.20 9.39
CA SER A 278 18.12 19.31 8.21
C SER A 278 16.90 19.42 7.31
N TRP A 279 16.27 20.59 7.31
CA TRP A 279 15.11 20.84 6.44
C TRP A 279 15.27 20.32 5.02
N GLU A 280 16.44 20.55 4.40
CA GLU A 280 16.63 20.17 3.01
C GLU A 280 16.57 18.66 2.80
N LEU A 281 16.90 17.90 3.84
CA LEU A 281 16.79 16.44 3.80
C LEU A 281 15.35 15.96 4.08
N LEU A 282 14.56 16.80 4.75
CA LEU A 282 13.16 16.49 5.08
C LEU A 282 12.17 16.92 4.00
N LYS A 283 12.59 17.87 3.17
CA LYS A 283 11.70 18.64 2.31
C LYS A 283 10.81 17.82 1.37
N GLU A 284 11.43 16.90 0.62
CA GLU A 284 10.71 16.04 -0.36
C GLU A 284 9.63 15.22 0.33
N GLY A 285 9.97 14.67 1.49
CA GLY A 285 9.01 13.87 2.25
C GLY A 285 7.89 14.72 2.82
N PHE A 286 8.26 15.92 3.30
CA PHE A 286 7.31 16.86 3.90
C PHE A 286 6.27 17.28 2.90
N LEU A 287 6.73 17.68 1.71
CA LEU A 287 5.82 18.08 0.64
C LEU A 287 4.97 16.92 0.11
N LEU A 288 5.56 15.72 0.00
CA LEU A 288 4.75 14.54 -0.36
C LEU A 288 3.57 14.39 0.59
N ALA A 289 3.82 14.44 1.89
CA ALA A 289 2.76 14.30 2.89
C ALA A 289 1.71 15.40 2.82
N LEU A 290 2.15 16.65 2.72
CA LEU A 290 1.23 17.78 2.61
C LEU A 290 0.39 17.76 1.34
N THR A 291 1.04 17.57 0.19
CA THR A 291 0.30 17.58 -1.10
C THR A 291 -0.64 16.38 -1.18
N GLN A 292 -0.12 15.22 -0.82
CA GLN A 292 -0.90 14.00 -0.77
C GLN A 292 -1.97 14.02 0.33
N GLY A 293 -1.71 14.74 1.41
CA GLY A 293 -2.60 14.75 2.56
C GLY A 293 -3.80 15.67 2.44
N ARG A 294 -3.63 16.80 1.74
CA ARG A 294 -4.74 17.76 1.61
C ARG A 294 -5.38 17.67 0.24
N ALA A 298 -8.22 16.31 -0.02
CA ALA A 298 -9.42 17.03 0.41
C ALA A 298 -9.49 18.41 -0.24
N GLN A 299 -10.53 18.63 -1.06
CA GLN A 299 -10.85 19.96 -1.60
C GLN A 299 -11.20 20.89 -0.44
N ASN A 300 -10.23 21.70 0.02
CA ASN A 300 -10.43 22.57 1.18
C ASN A 300 -9.22 23.43 1.56
N PHE A 301 -9.52 24.48 2.35
CA PHE A 301 -8.56 25.18 3.24
C PHE A 301 -7.53 26.08 2.55
N PHE A 302 -6.38 25.51 2.19
CA PHE A 302 -5.21 26.32 2.07
C PHE A 302 -4.45 26.22 0.79
N SER A 303 -4.11 27.42 0.33
CA SER A 303 -3.45 27.63 -0.92
C SER A 303 -1.95 27.64 -0.75
N SER A 304 -1.50 27.87 0.49
CA SER A 304 -0.08 27.94 0.81
C SER A 304 0.18 27.82 2.32
N PHE A 305 1.44 27.55 2.65
CA PHE A 305 1.89 27.54 4.03
C PHE A 305 3.28 28.17 4.08
N THR A 306 3.65 28.69 5.25
CA THR A 306 5.00 29.20 5.47
C THR A 306 5.57 28.62 6.75
N LEU A 307 6.79 28.06 6.68
CA LEU A 307 7.48 27.53 7.84
C LEU A 307 8.26 28.66 8.49
N MET A 308 8.05 28.82 9.80
CA MET A 308 8.67 29.88 10.60
C MET A 308 9.59 29.29 11.64
N LYS A 309 10.63 30.03 11.99
CA LYS A 309 11.49 29.65 13.09
C LYS A 309 11.61 30.76 14.10
N LEU A 310 11.91 30.41 15.34
CA LEU A 310 12.06 31.40 16.41
C LEU A 310 13.41 32.07 16.35
N ARG A 311 13.43 33.38 16.64
CA ARG A 311 14.67 34.14 16.76
C ARG A 311 15.08 34.33 18.22
N HIS A 312 14.20 33.96 19.16
CA HIS A 312 14.56 33.94 20.60
C HIS A 312 14.12 32.63 21.19
N SER A 313 14.60 32.36 22.39
CA SER A 313 14.20 31.18 23.15
C SER A 313 12.68 31.15 23.39
N SER A 314 12.10 29.95 23.33
CA SER A 314 10.73 29.70 23.76
C SER A 314 10.49 30.09 25.23
N ALA A 315 11.57 30.19 26.00
CA ALA A 315 11.54 30.73 27.38
C ALA A 315 10.96 32.14 27.44
N LEU A 316 11.08 32.90 26.34
CA LEU A 316 10.49 34.21 26.26
C LEU A 316 8.97 34.13 26.33
N GLY A 317 8.39 33.23 25.54
CA GLY A 317 6.98 32.94 25.60
C GLY A 317 6.56 32.45 26.98
N GLY A 318 7.36 31.57 27.57
CA GLY A 318 7.12 31.09 28.93
C GLY A 318 7.10 32.23 29.96
N ALA A 319 7.98 33.22 29.77
CA ALA A 319 8.00 34.42 30.64
C ALA A 319 6.72 35.24 30.49
N SER A 320 6.27 35.42 29.24
CA SER A 320 5.06 36.12 28.93
C SER A 320 3.81 35.46 29.57
N LEU A 321 3.71 34.14 29.43
CA LEU A 321 2.65 33.37 30.04
C LEU A 321 2.70 33.48 31.60
N GLY A 322 3.89 33.34 32.16
CA GLY A 322 4.12 33.51 33.60
C GLY A 322 3.71 34.88 34.16
N ALA A 323 3.91 35.94 33.36
CA ALA A 323 3.52 37.28 33.71
C ALA A 323 2.00 37.44 33.67
N ARG A 324 1.36 36.94 32.60
CA ARG A 324 -0.09 36.98 32.48
C ARG A 324 -0.77 36.27 33.64
N HIS A 325 -0.13 35.19 34.10
CA HIS A 325 -0.59 34.39 35.22
C HIS A 325 -0.80 35.20 36.53
N ILE A 326 -0.13 36.36 36.65
CA ILE A 326 -0.31 37.24 37.83
C ILE A 326 -0.86 38.64 37.47
N GLY A 327 -1.30 38.80 36.21
CA GLY A 327 -2.02 40.00 35.78
C GLY A 327 -1.25 40.99 34.92
N HIS A 328 0.00 40.69 34.60
CA HIS A 328 0.86 41.60 33.86
C HIS A 328 1.00 41.25 32.36
N LEU A 329 0.85 42.27 31.52
CA LEU A 329 1.14 42.19 30.10
C LEU A 329 2.64 42.46 29.87
N LEU A 330 3.37 41.39 29.62
CA LEU A 330 4.78 41.53 29.26
C LEU A 330 4.87 42.03 27.80
N PRO A 331 5.48 43.20 27.57
CA PRO A 331 5.64 43.67 26.19
C PRO A 331 6.43 42.68 25.34
N MET A 332 5.91 42.38 24.14
CA MET A 332 6.51 41.44 23.21
C MET A 332 6.67 42.10 21.83
N ASP A 333 7.80 41.85 21.18
CA ASP A 333 7.98 42.23 19.78
C ASP A 333 7.85 40.96 18.94
N TYR A 334 6.62 40.60 18.63
CA TYR A 334 6.36 39.39 17.89
C TYR A 334 7.02 39.34 16.51
N SER A 335 7.14 40.47 15.84
CA SER A 335 7.87 40.54 14.55
C SER A 335 9.33 40.14 14.67
N ALA A 336 9.97 40.55 15.76
CA ALA A 336 11.37 40.22 15.99
C ALA A 336 11.54 38.78 16.47
N ASN A 337 10.47 38.15 16.92
CA ASN A 337 10.59 36.88 17.62
C ASN A 337 10.59 35.66 16.72
N ALA A 338 10.12 35.81 15.49
CA ALA A 338 10.15 34.72 14.52
C ALA A 338 10.31 35.23 13.11
N ILE A 339 10.75 34.35 12.20
CA ILE A 339 10.91 34.68 10.78
C ILE A 339 10.65 33.46 9.89
N ALA A 340 10.19 33.72 8.67
CA ALA A 340 9.96 32.67 7.67
C ALA A 340 11.28 32.15 7.13
N PHE A 341 11.39 30.83 6.98
CA PHE A 341 12.51 30.22 6.27
C PHE A 341 12.11 29.42 5.00
N TYR A 342 10.81 29.19 4.78
CA TYR A 342 10.33 28.47 3.59
C TYR A 342 8.85 28.74 3.35
N SER A 343 8.45 28.85 2.10
CA SER A 343 7.04 29.04 1.79
C SER A 343 6.70 28.21 0.54
N TYR A 344 5.48 27.66 0.52
CA TYR A 344 5.05 26.77 -0.53
C TYR A 344 3.63 27.10 -0.91
N THR A 345 3.42 27.27 -2.22
CA THR A 345 2.12 27.50 -2.78
C THR A 345 1.83 26.30 -3.67
N PHE A 346 0.67 25.70 -3.46
CA PHE A 346 0.33 24.42 -4.07
C PHE A 346 0.20 24.48 -5.59
N SER A 347 -0.12 25.65 -6.11
CA SER A 347 -0.22 25.86 -7.54
C SER A 347 -0.16 27.33 -7.94
N PRO B 1 18.55 -40.64 49.11
CA PRO B 1 19.90 -40.31 48.63
C PRO B 1 20.18 -38.80 48.59
N GLN B 2 19.23 -38.02 49.11
CA GLN B 2 19.30 -36.56 49.20
C GLN B 2 20.63 -35.92 49.66
N PHE B 3 21.24 -36.45 50.72
CA PHE B 3 22.48 -35.87 51.30
C PHE B 3 23.74 -36.45 50.69
N MET B 4 23.29 -38.05 49.91
CA MET B 4 24.63 -38.62 49.71
C MET B 4 25.19 -38.32 48.34
N ALA B 5 24.32 -37.86 47.43
CA ALA B 5 24.69 -37.63 46.04
C ALA B 5 24.57 -36.17 45.63
N ALA B 6 25.19 -35.85 44.48
CA ALA B 6 25.21 -34.47 43.96
C ALA B 6 23.82 -34.01 43.54
N ILE B 7 23.53 -32.73 43.79
CA ILE B 7 22.28 -32.11 43.39
C ILE B 7 22.58 -31.04 42.37
N TYR B 8 21.84 -31.12 41.26
CA TYR B 8 22.00 -30.21 40.13
C TYR B 8 20.77 -29.31 40.05
N GLY B 9 20.99 -28.01 39.94
CA GLY B 9 19.89 -27.08 39.85
C GLY B 9 19.89 -26.47 38.46
N GLY B 10 18.70 -26.10 38.03
CA GLY B 10 18.52 -25.23 36.88
C GLY B 10 17.55 -24.13 37.17
N VAL B 11 17.77 -22.99 36.53
CA VAL B 11 16.86 -21.86 36.66
C VAL B 11 16.50 -21.40 35.24
N GLU B 12 15.19 -21.42 34.97
CA GLU B 12 14.59 -20.92 33.73
C GLU B 12 14.25 -19.47 34.00
N GLY B 13 14.88 -18.58 33.25
CA GLY B 13 14.61 -17.16 33.28
C GLY B 13 13.58 -16.83 32.22
N GLY B 14 12.35 -16.61 32.64
CA GLY B 14 11.25 -16.43 31.70
C GLY B 14 11.10 -15.04 31.16
N GLY B 15 9.84 -14.66 31.06
CA GLY B 15 9.45 -13.28 30.89
C GLY B 15 8.94 -12.84 32.22
N THR B 16 7.66 -13.14 32.49
CA THR B 16 7.02 -12.63 33.72
C THR B 16 7.72 -13.15 34.98
N ARG B 17 8.29 -14.37 34.91
CA ARG B 17 8.85 -15.02 36.09
C ARG B 17 9.94 -16.04 35.76
N SER B 18 10.45 -16.63 36.83
CA SER B 18 11.49 -17.64 36.76
C SER B 18 11.01 -18.90 37.46
N GLU B 19 11.67 -20.01 37.16
CA GLU B 19 11.48 -21.27 37.90
C GLU B 19 12.81 -21.97 38.11
N VAL B 20 12.94 -22.64 39.28
CA VAL B 20 14.09 -23.47 39.63
C VAL B 20 13.59 -24.91 39.81
N LEU B 21 14.38 -25.83 39.27
CA LEU B 21 14.24 -27.25 39.54
C LEU B 21 15.55 -27.70 40.14
N LEU B 22 15.48 -28.53 41.18
CA LEU B 22 16.60 -29.27 41.64
C LEU B 22 16.40 -30.72 41.22
N VAL B 23 17.47 -31.35 40.74
CA VAL B 23 17.39 -32.66 40.15
C VAL B 23 18.51 -33.52 40.69
N SER B 24 18.21 -34.78 41.02
CA SER B 24 19.23 -35.68 41.53
C SER B 24 20.20 -36.07 40.41
N GLU B 25 21.37 -36.55 40.81
CA GLU B 25 22.34 -37.16 39.90
C GLU B 25 21.72 -38.06 38.84
N ASP B 26 20.69 -38.83 39.23
CA ASP B 26 20.09 -39.83 38.36
C ASP B 26 18.90 -39.31 37.52
N GLY B 27 18.64 -38.01 37.61
CA GLY B 27 17.72 -37.35 36.69
C GLY B 27 16.33 -37.11 37.25
N LYS B 28 16.18 -37.32 38.55
CA LYS B 28 14.88 -37.22 39.21
C LYS B 28 14.66 -35.84 39.77
N ILE B 29 13.49 -35.26 39.49
CA ILE B 29 13.15 -33.92 39.99
C ILE B 29 12.85 -34.02 41.49
N LEU B 30 13.64 -33.31 42.30
CA LEU B 30 13.52 -33.33 43.76
C LEU B 30 12.67 -32.16 44.32
N ALA B 31 12.70 -31.03 43.62
CA ALA B 31 11.93 -29.85 44.06
C ALA B 31 11.79 -28.86 42.92
N GLU B 32 10.77 -28.02 43.05
CA GLU B 32 10.65 -26.87 42.19
C GLU B 32 10.07 -25.69 42.93
N ALA B 33 10.35 -24.50 42.40
CA ALA B 33 9.93 -23.27 43.01
C ALA B 33 9.87 -22.15 41.96
N ASP B 34 8.89 -21.26 42.11
CA ASP B 34 8.81 -20.08 41.24
C ASP B 34 9.69 -19.03 41.85
N GLY B 35 10.10 -18.08 41.02
CA GLY B 35 10.79 -16.89 41.46
C GLY B 35 10.43 -15.71 40.59
N LEU B 36 11.05 -14.57 40.91
CA LEU B 36 10.82 -13.33 40.24
C LEU B 36 11.56 -13.28 38.89
N SER B 37 11.28 -12.27 38.07
CA SER B 37 11.97 -12.19 36.80
C SER B 37 13.51 -11.97 37.03
N THR B 38 14.30 -12.53 36.12
CA THR B 38 15.77 -12.51 36.20
C THR B 38 16.37 -12.06 34.83
N ASN B 39 15.76 -11.05 34.22
CA ASN B 39 16.26 -10.45 32.98
C ASN B 39 17.19 -9.27 33.30
N HIS B 40 18.51 -9.44 33.15
CA HIS B 40 19.46 -8.40 33.57
C HIS B 40 19.35 -7.09 32.78
N TRP B 41 18.86 -7.15 31.54
CA TRP B 41 18.69 -5.93 30.76
C TRP B 41 17.66 -5.00 31.43
N LEU B 42 16.67 -5.60 32.08
CA LEU B 42 15.56 -4.83 32.68
C LEU B 42 15.78 -4.55 34.17
N ILE B 43 16.36 -5.48 34.90
CA ILE B 43 16.48 -5.27 36.35
C ILE B 43 17.90 -5.10 36.92
N GLY B 44 18.91 -5.37 36.11
CA GLY B 44 20.29 -5.24 36.57
C GLY B 44 20.78 -6.50 37.25
N THR B 45 22.10 -6.67 37.25
CA THR B 45 22.69 -7.89 37.74
C THR B 45 22.52 -8.06 39.26
N ASP B 46 22.49 -6.98 40.03
CA ASP B 46 22.42 -7.13 41.51
C ASP B 46 21.10 -7.78 41.94
N LYS B 47 19.99 -7.31 41.40
CA LYS B 47 18.68 -7.88 41.74
C LYS B 47 18.57 -9.30 41.19
N CYS B 48 19.15 -9.54 40.02
CA CYS B 48 19.19 -10.89 39.49
C CYS B 48 19.81 -11.84 40.50
N VAL B 49 20.98 -11.50 41.05
CA VAL B 49 21.65 -12.43 41.96
C VAL B 49 20.85 -12.61 43.25
N GLU B 50 20.26 -11.53 43.75
CA GLU B 50 19.44 -11.60 44.99
C GLU B 50 18.28 -12.57 44.80
N ARG B 51 17.66 -12.46 43.64
CA ARG B 51 16.49 -13.25 43.25
C ARG B 51 16.77 -14.73 42.98
N ILE B 52 17.93 -15.01 42.37
CA ILE B 52 18.41 -16.39 42.14
C ILE B 52 18.66 -17.10 43.46
N ASN B 53 19.38 -16.44 44.37
CA ASN B 53 19.68 -17.04 45.65
C ASN B 53 18.41 -17.34 46.43
N GLU B 54 17.51 -16.38 46.47
CA GLU B 54 16.30 -16.48 47.27
C GLU B 54 15.47 -17.65 46.77
N MET B 55 15.25 -17.74 45.46
CA MET B 55 14.42 -18.81 44.91
C MET B 55 15.09 -20.19 45.02
N VAL B 56 16.38 -20.28 44.74
CA VAL B 56 17.06 -21.55 44.84
C VAL B 56 17.02 -22.07 46.28
N ASN B 57 17.15 -21.17 47.25
CA ASN B 57 17.10 -21.57 48.66
C ASN B 57 15.75 -22.11 49.06
N ARG B 58 14.67 -21.53 48.55
CA ARG B 58 13.34 -22.08 48.84
C ARG B 58 13.24 -23.52 48.30
N ALA B 59 13.77 -23.73 47.10
CA ALA B 59 13.86 -25.09 46.52
C ALA B 59 14.66 -26.05 47.38
N LYS B 60 15.83 -25.58 47.87
CA LYS B 60 16.65 -26.42 48.73
C LYS B 60 15.86 -26.87 49.95
N ARG B 61 15.12 -25.95 50.55
CA ARG B 61 14.34 -26.32 51.74
C ARG B 61 13.24 -27.33 51.41
N LYS B 62 12.60 -27.15 50.26
CA LYS B 62 11.56 -28.10 49.87
C LYS B 62 12.16 -29.48 49.70
N ALA B 63 13.35 -29.55 49.13
CA ALA B 63 14.03 -30.83 48.89
C ALA B 63 14.60 -31.46 50.16
N GLY B 64 14.77 -30.67 51.21
CA GLY B 64 15.38 -31.16 52.46
C GLY B 64 16.91 -31.14 52.45
N VAL B 65 17.48 -30.29 51.60
CA VAL B 65 18.94 -30.08 51.59
C VAL B 65 19.32 -29.47 52.94
N ASP B 66 20.41 -29.95 53.55
CA ASP B 66 20.86 -29.40 54.84
C ASP B 66 21.26 -27.93 54.68
N PRO B 67 21.16 -27.13 55.77
CA PRO B 67 21.57 -25.70 55.69
C PRO B 67 23.03 -25.56 55.31
N LEU B 68 23.34 -24.56 54.48
CA LEU B 68 24.72 -24.25 54.06
C LEU B 68 25.43 -25.33 53.24
N VAL B 69 24.66 -26.25 52.65
CA VAL B 69 25.19 -27.26 51.75
C VAL B 69 24.99 -26.75 50.30
N PRO B 70 26.08 -26.58 49.56
CA PRO B 70 25.89 -26.08 48.19
C PRO B 70 25.36 -27.14 47.25
N LEU B 71 24.69 -26.70 46.17
CA LEU B 71 24.43 -27.57 45.02
C LEU B 71 25.79 -27.93 44.40
N ARG B 72 25.84 -29.00 43.63
CA ARG B 72 27.07 -29.33 42.87
C ARG B 72 27.25 -28.34 41.72
N SER B 73 26.15 -28.05 41.05
CA SER B 73 26.15 -27.16 39.91
C SER B 73 24.80 -26.50 39.77
N LEU B 74 24.78 -25.33 39.12
CA LEU B 74 23.57 -24.54 38.86
C LEU B 74 23.62 -23.92 37.45
N GLY B 75 22.74 -24.38 36.58
CA GLY B 75 22.67 -23.84 35.22
C GLY B 75 21.58 -22.79 35.14
N LEU B 76 21.96 -21.57 34.80
CA LEU B 76 21.04 -20.43 34.73
C LEU B 76 20.76 -20.13 33.25
N SER B 77 19.57 -20.52 32.78
CA SER B 77 19.12 -20.29 31.39
C SER B 77 18.33 -19.00 31.39
N LEU B 78 19.06 -17.88 31.28
CA LEU B 78 18.43 -16.58 31.47
C LEU B 78 18.30 -15.79 30.15
N SER B 79 17.28 -14.92 30.10
CA SER B 79 17.26 -13.84 29.07
C SER B 79 18.56 -13.03 29.12
N GLY B 80 19.21 -12.89 27.98
CA GLY B 80 20.47 -12.13 27.91
C GLY B 80 21.69 -12.85 28.47
N GLY B 81 21.54 -14.16 28.69
CA GLY B 81 22.61 -14.98 29.29
C GLY B 81 23.79 -15.23 28.37
N ASP B 82 23.70 -14.75 27.13
CA ASP B 82 24.83 -14.76 26.17
C ASP B 82 25.75 -13.54 26.27
N GLN B 83 25.39 -12.53 27.07
CA GLN B 83 26.25 -11.35 27.19
C GLN B 83 27.43 -11.69 28.13
N GLU B 84 28.67 -11.56 27.61
CA GLU B 84 29.88 -11.98 28.32
C GLU B 84 29.99 -11.34 29.70
N ASP B 85 29.89 -10.02 29.71
CA ASP B 85 30.09 -9.26 30.94
C ASP B 85 29.09 -9.62 31.98
N ALA B 86 27.81 -9.64 31.58
CA ALA B 86 26.76 -9.89 32.55
C ALA B 86 26.93 -11.27 33.17
N GLY B 87 27.20 -12.26 32.32
CA GLY B 87 27.48 -13.62 32.79
C GLY B 87 28.56 -13.70 33.86
N ARG B 88 29.69 -13.04 33.58
CA ARG B 88 30.85 -13.03 34.45
C ARG B 88 30.50 -12.38 35.79
N ILE B 89 29.84 -11.25 35.69
CA ILE B 89 29.45 -10.48 36.87
C ILE B 89 28.46 -11.27 37.75
N LEU B 90 27.47 -11.89 37.13
CA LEU B 90 26.48 -12.68 37.86
C LEU B 90 27.14 -13.72 38.70
N ILE B 91 28.06 -14.47 38.08
CA ILE B 91 28.75 -15.56 38.79
C ILE B 91 29.65 -15.03 39.90
N GLU B 92 30.47 -14.01 39.60
CA GLU B 92 31.29 -13.34 40.64
C GLU B 92 30.49 -12.96 41.85
N GLU B 93 29.37 -12.28 41.62
CA GLU B 93 28.51 -11.79 42.72
C GLU B 93 27.87 -12.92 43.53
N LEU B 94 27.36 -13.92 42.85
CA LEU B 94 26.79 -15.08 43.52
C LEU B 94 27.82 -15.76 44.42
N ARG B 95 29.01 -15.99 43.88
CA ARG B 95 30.09 -16.62 44.64
C ARG B 95 30.47 -15.76 45.84
N ASP B 96 30.55 -14.45 45.63
CA ASP B 96 30.95 -13.54 46.70
C ASP B 96 29.89 -13.40 47.79
N ARG B 97 28.65 -13.11 47.39
CA ARG B 97 27.61 -12.80 48.35
C ARG B 97 27.03 -14.05 49.01
N PHE B 98 26.94 -15.14 48.25
CA PHE B 98 26.26 -16.36 48.69
C PHE B 98 27.15 -17.58 48.45
N PRO B 99 28.20 -17.72 49.26
CA PRO B 99 29.21 -18.75 48.99
C PRO B 99 28.74 -20.21 49.25
N TYR B 100 27.60 -20.41 49.91
CA TYR B 100 27.05 -21.77 50.12
C TYR B 100 25.98 -22.19 49.11
N LEU B 101 25.74 -21.36 48.10
CA LEU B 101 24.63 -21.59 47.18
C LEU B 101 24.95 -22.77 46.27
N SER B 102 26.05 -22.67 45.51
CA SER B 102 26.47 -23.72 44.57
C SER B 102 27.98 -23.75 44.41
N GLU B 103 28.52 -24.93 44.15
CA GLU B 103 29.96 -25.08 43.89
C GLU B 103 30.33 -24.57 42.51
N SER B 104 29.48 -24.82 41.53
CA SER B 104 29.72 -24.40 40.13
C SER B 104 28.49 -23.75 39.49
N TYR B 105 28.76 -22.92 38.48
CA TYR B 105 27.73 -22.15 37.80
C TYR B 105 27.98 -22.21 36.29
N LEU B 106 26.91 -22.40 35.55
CA LEU B 106 26.86 -22.08 34.09
C LEU B 106 25.78 -21.02 33.77
N ILE B 107 26.20 -19.96 33.05
CA ILE B 107 25.26 -18.98 32.57
C ILE B 107 25.09 -19.20 31.07
N THR B 108 23.84 -19.39 30.65
CA THR B 108 23.52 -19.57 29.25
C THR B 108 22.18 -18.86 29.00
N THR B 109 21.61 -19.00 27.79
CA THR B 109 20.35 -18.37 27.45
C THR B 109 19.12 -19.19 27.80
N ASP B 110 17.99 -18.50 27.90
CA ASP B 110 16.69 -19.15 28.04
C ASP B 110 16.44 -20.13 26.89
N ALA B 111 16.75 -19.70 25.67
CA ALA B 111 16.54 -20.52 24.48
C ALA B 111 17.32 -21.83 24.50
N ALA B 112 18.58 -21.75 24.95
CA ALA B 112 19.44 -22.91 25.05
C ALA B 112 18.90 -23.91 26.07
N GLY B 113 18.44 -23.43 27.23
CA GLY B 113 17.78 -24.29 28.21
C GLY B 113 16.52 -25.00 27.69
N SER B 114 15.74 -24.27 26.91
CA SER B 114 14.53 -24.84 26.33
C SER B 114 14.91 -25.95 25.37
N ILE B 115 15.75 -25.62 24.41
CA ILE B 115 16.20 -26.64 23.44
C ILE B 115 16.71 -27.90 24.14
N ALA B 116 17.54 -27.72 25.18
CA ALA B 116 18.21 -28.81 25.91
C ALA B 116 17.26 -29.67 26.76
N THR B 117 16.06 -29.17 27.03
CA THR B 117 15.01 -29.94 27.70
C THR B 117 14.41 -31.00 26.73
N ALA B 118 14.35 -30.66 25.44
CA ALA B 118 13.64 -31.47 24.43
C ALA B 118 14.56 -32.37 23.64
N THR B 119 15.80 -31.95 23.47
CA THR B 119 16.71 -32.75 22.66
C THR B 119 18.18 -32.45 22.91
N PRO B 120 19.03 -33.47 22.79
CA PRO B 120 20.47 -33.26 22.84
C PRO B 120 21.07 -33.11 21.45
N ASP B 121 20.24 -33.24 20.40
CA ASP B 121 20.75 -33.39 19.04
C ASP B 121 20.59 -32.18 18.12
N GLY B 122 20.32 -31.01 18.68
CA GLY B 122 20.11 -29.81 17.88
C GLY B 122 18.65 -29.56 17.60
N GLY B 123 18.26 -28.29 17.57
CA GLY B 123 16.89 -27.94 17.25
C GLY B 123 16.61 -26.46 17.12
N VAL B 124 15.34 -26.13 16.88
CA VAL B 124 14.88 -24.76 16.77
C VAL B 124 13.83 -24.51 17.86
N VAL B 125 13.93 -23.34 18.50
CA VAL B 125 12.95 -22.90 19.50
C VAL B 125 12.41 -21.51 19.09
N LEU B 126 11.11 -21.34 19.28
CA LEU B 126 10.42 -20.11 19.00
C LEU B 126 9.68 -19.71 20.28
N ILE B 127 10.28 -18.76 20.99
CA ILE B 127 9.72 -18.22 22.21
C ILE B 127 8.75 -17.07 21.95
N SER B 128 7.56 -17.14 22.54
CA SER B 128 6.68 -16.00 22.58
C SER B 128 5.92 -15.96 23.89
N GLY B 129 6.43 -15.15 24.83
CA GLY B 129 5.78 -14.83 26.10
C GLY B 129 5.68 -13.31 26.21
N THR B 130 6.22 -12.69 27.26
CA THR B 130 6.29 -11.22 27.29
C THR B 130 7.17 -10.67 26.15
N GLY B 131 8.23 -11.40 25.78
CA GLY B 131 9.02 -11.07 24.60
C GLY B 131 9.05 -12.25 23.62
N SER B 132 9.74 -12.08 22.50
CA SER B 132 9.91 -13.13 21.49
C SER B 132 11.40 -13.35 21.13
N ASN B 133 11.68 -14.53 20.58
CA ASN B 133 13.06 -14.97 20.25
C ASN B 133 12.96 -16.25 19.40
N CYS B 134 13.72 -16.34 18.32
CA CYS B 134 13.87 -17.58 17.56
C CYS B 134 15.35 -17.93 17.56
N ARG B 135 15.66 -19.12 18.07
CA ARG B 135 17.05 -19.64 18.08
C ARG B 135 17.16 -21.05 17.50
N LEU B 136 18.26 -21.27 16.80
CA LEU B 136 18.64 -22.51 16.19
C LEU B 136 19.99 -22.91 16.75
N ILE B 137 20.08 -24.17 17.16
CA ILE B 137 21.34 -24.86 17.41
C ILE B 137 21.37 -26.08 16.50
N ASN B 138 22.25 -26.08 15.49
CA ASN B 138 22.41 -27.24 14.59
C ASN B 138 23.13 -28.43 15.27
N PRO B 139 23.00 -29.64 14.69
CA PRO B 139 23.71 -30.81 15.19
C PRO B 139 25.19 -30.57 15.40
N ASP B 140 25.82 -29.76 14.54
CA ASP B 140 27.25 -29.53 14.62
C ASP B 140 27.63 -28.43 15.63
N GLY B 141 26.65 -27.90 16.35
CA GLY B 141 26.89 -26.87 17.36
C GLY B 141 26.82 -25.43 16.87
N SER B 142 26.72 -25.26 15.55
CA SER B 142 26.58 -23.94 14.94
C SER B 142 25.19 -23.36 15.28
N GLU B 143 25.15 -22.05 15.46
CA GLU B 143 23.98 -21.37 15.97
C GLU B 143 23.55 -20.24 15.07
N SER B 144 22.26 -19.94 15.10
CA SER B 144 21.72 -18.82 14.36
C SER B 144 20.46 -18.35 15.09
N GLY B 145 20.06 -17.13 14.81
CA GLY B 145 18.86 -16.59 15.44
C GLY B 145 18.19 -15.51 14.66
N CYS B 146 16.97 -15.23 15.08
CA CYS B 146 16.20 -14.10 14.60
C CYS B 146 15.50 -13.49 15.79
N GLY B 147 15.57 -12.17 15.92
CA GLY B 147 14.91 -11.49 17.00
C GLY B 147 15.57 -11.68 18.36
N GLY B 148 14.77 -11.61 19.41
CA GLY B 148 15.31 -11.62 20.78
C GLY B 148 15.95 -10.33 21.28
N TRP B 149 15.59 -9.21 20.68
CA TRP B 149 16.19 -7.93 20.95
C TRP B 149 15.46 -7.05 22.00
N GLY B 150 14.33 -7.55 22.53
CA GLY B 150 13.59 -6.92 23.58
C GLY B 150 12.69 -5.81 23.13
N HIS B 151 12.06 -5.16 24.07
CA HIS B 151 10.94 -4.26 23.75
C HIS B 151 11.36 -2.97 23.08
N MET B 152 12.62 -2.60 23.20
CA MET B 152 13.12 -1.37 22.60
C MET B 152 13.57 -1.55 21.15
N MET B 153 13.61 -2.78 20.64
CA MET B 153 14.11 -3.04 19.28
C MET B 153 13.48 -4.20 18.55
N GLY B 154 12.39 -4.74 19.05
CA GLY B 154 11.70 -5.83 18.32
C GLY B 154 10.61 -6.47 19.15
N ASP B 155 10.88 -7.69 19.59
CA ASP B 155 9.88 -8.48 20.27
C ASP B 155 8.62 -8.71 19.47
N GLU B 156 8.72 -8.77 18.13
CA GLU B 156 7.50 -8.92 17.33
C GLU B 156 6.81 -10.26 17.62
N GLY B 157 5.47 -10.25 17.72
CA GLY B 157 4.71 -11.46 17.93
C GLY B 157 4.55 -11.86 19.37
N SER B 158 5.16 -11.12 20.30
CA SER B 158 5.05 -11.35 21.74
C SER B 158 3.81 -10.68 22.34
N ALA B 159 3.57 -10.95 23.63
CA ALA B 159 2.50 -10.29 24.38
C ALA B 159 2.76 -8.77 24.47
N TYR B 160 4.01 -8.37 24.73
CA TYR B 160 4.35 -6.95 24.75
C TYR B 160 3.97 -6.30 23.41
N TRP B 161 4.37 -6.93 22.31
CA TRP B 161 4.10 -6.41 20.95
C TRP B 161 2.61 -6.32 20.62
N ILE B 162 1.85 -7.34 20.99
CA ILE B 162 0.40 -7.32 20.83
C ILE B 162 -0.22 -6.17 21.63
N ALA B 163 0.20 -6.04 22.90
CA ALA B 163 -0.35 -4.98 23.73
C ALA B 163 0.00 -3.62 23.11
N HIS B 164 1.26 -3.48 22.72
CA HIS B 164 1.75 -2.22 22.22
C HIS B 164 1.09 -1.83 20.88
N GLN B 165 0.91 -2.82 19.99
CA GLN B 165 0.21 -2.59 18.74
C GLN B 165 -1.21 -2.11 19.01
N ALA B 166 -1.91 -2.73 19.96
CA ALA B 166 -3.29 -2.32 20.27
C ALA B 166 -3.33 -0.88 20.78
N VAL B 167 -2.44 -0.54 21.72
CA VAL B 167 -2.42 0.81 22.25
C VAL B 167 -2.03 1.84 21.16
N LYS B 168 -0.99 1.53 20.39
CA LYS B 168 -0.54 2.40 19.30
C LYS B 168 -1.62 2.65 18.24
N ILE B 169 -2.34 1.61 17.81
CA ILE B 169 -3.41 1.79 16.86
C ILE B 169 -4.51 2.74 17.42
N VAL B 170 -4.88 2.56 18.67
CA VAL B 170 -5.83 3.48 19.37
C VAL B 170 -5.32 4.93 19.41
N PHE B 171 -4.06 5.13 19.76
CA PHE B 171 -3.47 6.47 19.85
C PHE B 171 -3.49 7.15 18.47
N ASP B 172 -3.01 6.42 17.46
CA ASP B 172 -2.95 6.97 16.08
C ASP B 172 -4.32 7.28 15.51
N SER B 173 -5.28 6.43 15.79
CA SER B 173 -6.68 6.60 15.32
C SER B 173 -7.27 7.90 15.88
N ILE B 174 -7.19 8.05 17.19
CA ILE B 174 -7.72 9.23 17.86
C ILE B 174 -7.00 10.52 17.39
N ASP B 175 -5.71 10.42 17.13
CA ASP B 175 -4.89 11.55 16.68
C ASP B 175 -5.16 11.91 15.22
N ASN B 176 -5.81 11.02 14.49
CA ASN B 176 -5.98 11.19 13.04
C ASN B 176 -4.63 11.06 12.30
N LEU B 177 -3.66 10.39 12.91
CA LEU B 177 -2.36 10.18 12.28
C LEU B 177 -2.46 9.02 11.31
N GLU B 178 -3.22 7.98 11.72
CA GLU B 178 -3.43 6.82 10.89
C GLU B 178 -4.75 6.13 11.22
N ALA B 179 -5.51 5.84 10.17
CA ALA B 179 -6.78 5.14 10.33
C ALA B 179 -6.52 3.71 10.79
N ALA B 180 -7.32 3.23 11.76
CA ALA B 180 -7.19 1.84 12.22
C ALA B 180 -7.65 0.91 11.08
N PRO B 181 -7.11 -0.30 11.01
CA PRO B 181 -7.59 -1.28 10.03
C PRO B 181 -9.02 -1.76 10.29
N HIS B 182 -9.42 -1.74 11.56
CA HIS B 182 -10.80 -2.05 12.00
C HIS B 182 -11.22 -1.18 13.17
N ASP B 183 -12.51 -1.16 13.48
CA ASP B 183 -13.05 -0.26 14.47
C ASP B 183 -12.34 -0.45 15.81
N ILE B 184 -11.96 0.65 16.47
CA ILE B 184 -11.14 0.57 17.71
C ILE B 184 -11.98 0.49 18.99
N GLY B 185 -13.30 0.40 18.85
CA GLY B 185 -14.21 0.54 20.00
C GLY B 185 -13.95 -0.41 21.15
N TYR B 186 -13.91 -1.70 20.85
CA TYR B 186 -13.64 -2.70 21.88
C TYR B 186 -12.25 -2.49 22.51
N VAL B 187 -11.22 -2.33 21.68
CA VAL B 187 -9.84 -2.22 22.18
C VAL B 187 -9.62 -0.93 22.99
N LYS B 188 -10.19 0.18 22.55
CA LYS B 188 -10.09 1.43 23.30
C LYS B 188 -10.71 1.30 24.68
N GLN B 189 -11.93 0.75 24.74
CA GLN B 189 -12.57 0.58 26.03
C GLN B 189 -11.84 -0.41 26.94
N ALA B 190 -11.33 -1.48 26.36
CA ALA B 190 -10.52 -2.45 27.09
C ALA B 190 -9.23 -1.84 27.64
N MET B 191 -8.61 -0.93 26.88
CA MET B 191 -7.43 -0.20 27.37
C MET B 191 -7.75 0.66 28.60
N PHE B 192 -8.84 1.45 28.52
CA PHE B 192 -9.23 2.26 29.69
C PHE B 192 -9.54 1.38 30.93
N HIS B 193 -10.17 0.25 30.70
CA HIS B 193 -10.50 -0.73 31.74
C HIS B 193 -9.24 -1.37 32.36
N TYR B 194 -8.33 -1.86 31.52
CA TYR B 194 -7.15 -2.59 32.01
C TYR B 194 -6.20 -1.66 32.75
N PHE B 195 -5.90 -0.51 32.15
CA PHE B 195 -4.99 0.45 32.79
C PHE B 195 -5.66 1.31 33.88
N GLN B 196 -6.98 1.23 33.97
CA GLN B 196 -7.77 2.06 34.88
C GLN B 196 -7.46 3.55 34.78
N VAL B 197 -7.58 4.07 33.57
CA VAL B 197 -7.45 5.49 33.30
C VAL B 197 -8.55 5.94 32.35
N PRO B 198 -8.87 7.24 32.35
CA PRO B 198 -9.95 7.74 31.50
C PRO B 198 -9.51 8.21 30.10
N ASP B 199 -8.21 8.41 29.90
CA ASP B 199 -7.72 9.02 28.67
C ASP B 199 -6.28 8.62 28.33
N ARG B 200 -5.84 8.95 27.11
CA ARG B 200 -4.49 8.63 26.66
C ARG B 200 -3.39 9.21 27.55
N LEU B 201 -3.56 10.45 28.02
CA LEU B 201 -2.58 11.07 28.89
C LEU B 201 -2.36 10.20 30.14
N GLY B 202 -3.42 9.55 30.61
CA GLY B 202 -3.32 8.67 31.77
C GLY B 202 -2.50 7.41 31.54
N ILE B 203 -2.42 6.97 30.29
CA ILE B 203 -1.64 5.80 29.94
C ILE B 203 -0.13 6.08 30.09
N LEU B 204 0.25 7.33 29.90
CA LEU B 204 1.69 7.66 29.77
C LEU B 204 2.53 7.33 30.99
N THR B 205 1.98 7.48 32.16
CA THR B 205 2.78 7.13 33.33
C THR B 205 3.15 5.63 33.35
N HIS B 206 2.29 4.80 32.78
CA HIS B 206 2.57 3.37 32.60
C HIS B 206 3.59 3.01 31.51
N LEU B 207 3.91 3.99 30.64
CA LEU B 207 5.00 3.82 29.68
C LEU B 207 6.36 4.35 30.17
N TYR B 208 6.34 5.25 31.14
CA TYR B 208 7.53 6.00 31.55
C TYR B 208 7.94 5.65 32.98
N ARG B 209 7.69 6.54 33.95
CA ARG B 209 8.27 6.34 35.27
C ARG B 209 7.76 5.05 35.94
N ASP B 210 6.53 4.67 35.67
CA ASP B 210 5.93 3.47 36.27
C ASP B 210 5.89 2.25 35.34
N PHE B 211 6.69 2.29 34.26
CA PHE B 211 6.73 1.19 33.30
C PHE B 211 7.15 -0.12 33.93
N ASP B 212 6.40 -1.17 33.61
CA ASP B 212 6.78 -2.52 33.93
C ASP B 212 6.37 -3.40 32.77
N LYS B 213 7.32 -4.09 32.17
CA LYS B 213 7.07 -4.83 30.94
C LYS B 213 5.99 -5.86 31.12
N CYS B 214 5.97 -6.50 32.29
CA CYS B 214 5.00 -7.57 32.56
C CYS B 214 3.59 -6.95 32.74
N ARG B 215 3.50 -5.82 33.44
CA ARG B 215 2.21 -5.11 33.66
C ARG B 215 1.66 -4.61 32.33
N PHE B 216 2.53 -4.05 31.51
CA PHE B 216 2.10 -3.55 30.20
C PHE B 216 1.68 -4.69 29.27
N ALA B 217 2.52 -5.73 29.18
CA ALA B 217 2.27 -6.86 28.29
C ALA B 217 1.00 -7.67 28.65
N GLY B 218 0.62 -7.65 29.89
CA GLY B 218 -0.64 -8.25 30.35
C GLY B 218 -1.89 -7.72 29.71
N PHE B 219 -1.80 -6.55 29.05
CA PHE B 219 -2.93 -6.02 28.28
C PHE B 219 -3.27 -6.96 27.12
N CYS B 220 -2.28 -7.73 26.69
CA CYS B 220 -2.47 -8.75 25.67
C CYS B 220 -3.69 -9.65 25.95
N ARG B 221 -3.92 -9.96 27.22
CA ARG B 221 -5.04 -10.80 27.60
C ARG B 221 -6.38 -10.22 27.13
N LYS B 222 -6.52 -8.90 27.17
CA LYS B 222 -7.78 -8.27 26.71
C LYS B 222 -7.92 -8.38 25.19
N ILE B 223 -6.78 -8.40 24.50
CA ILE B 223 -6.80 -8.48 23.05
C ILE B 223 -7.15 -9.92 22.65
N ALA B 224 -6.58 -10.91 23.37
CA ALA B 224 -6.97 -12.32 23.18
C ALA B 224 -8.49 -12.56 23.39
N GLU B 225 -9.01 -12.03 24.49
CA GLU B 225 -10.44 -12.09 24.81
C GLU B 225 -11.32 -11.48 23.73
N GLY B 226 -10.98 -10.26 23.32
CA GLY B 226 -11.72 -9.62 22.25
C GLY B 226 -11.73 -10.47 21.00
N ALA B 227 -10.57 -10.99 20.62
CA ALA B 227 -10.47 -11.85 19.45
C ALA B 227 -11.31 -13.13 19.58
N GLN B 228 -11.26 -13.77 20.75
CA GLN B 228 -12.08 -14.94 21.08
C GLN B 228 -13.55 -14.56 20.85
N GLN B 229 -13.93 -13.34 21.26
CA GLN B 229 -15.32 -12.83 21.14
C GLN B 229 -15.71 -12.31 19.74
N GLY B 230 -14.76 -12.25 18.81
CA GLY B 230 -15.09 -11.93 17.41
C GLY B 230 -14.70 -10.53 16.95
N ASP B 231 -14.05 -9.73 17.80
CA ASP B 231 -13.71 -8.36 17.45
C ASP B 231 -12.70 -8.37 16.32
N PRO B 232 -13.05 -7.76 15.16
CA PRO B 232 -12.16 -7.73 14.01
C PRO B 232 -10.76 -7.15 14.28
N LEU B 233 -10.66 -6.00 14.96
CA LEU B 233 -9.33 -5.46 15.28
C LEU B 233 -8.49 -6.42 16.10
N SER B 234 -9.06 -6.94 17.19
CA SER B 234 -8.34 -7.91 18.02
C SER B 234 -7.88 -9.12 17.21
N ARG B 235 -8.77 -9.64 16.37
CA ARG B 235 -8.41 -10.78 15.51
C ARG B 235 -7.26 -10.42 14.55
N TYR B 236 -7.35 -9.22 13.98
CA TYR B 236 -6.33 -8.69 13.06
C TYR B 236 -4.94 -8.65 13.72
N ILE B 237 -4.89 -8.16 14.96
CA ILE B 237 -3.60 -8.04 15.67
C ILE B 237 -2.95 -9.41 15.95
N PHE B 238 -3.77 -10.39 16.31
CA PHE B 238 -3.27 -11.74 16.51
C PHE B 238 -2.84 -12.39 15.21
N ARG B 239 -3.54 -12.08 14.13
CA ARG B 239 -3.12 -12.55 12.81
C ARG B 239 -1.73 -12.01 12.47
N LYS B 240 -1.51 -10.73 12.70
CA LYS B 240 -0.23 -10.10 12.42
C LYS B 240 0.87 -10.67 13.34
N ALA B 241 0.51 -10.94 14.60
CA ALA B 241 1.44 -11.61 15.51
C ALA B 241 1.86 -12.97 14.97
N GLY B 242 0.89 -13.77 14.53
CA GLY B 242 1.18 -15.05 13.88
C GLY B 242 2.15 -14.92 12.70
N GLU B 243 1.88 -13.94 11.83
CA GLU B 243 2.72 -13.67 10.69
C GLU B 243 4.14 -13.37 11.14
N MET B 244 4.28 -12.52 12.16
CA MET B 244 5.62 -12.16 12.67
C MET B 244 6.35 -13.37 13.21
N LEU B 245 5.63 -14.23 13.92
CA LEU B 245 6.25 -15.45 14.43
C LEU B 245 6.70 -16.37 13.28
N GLY B 246 5.85 -16.50 12.25
CA GLY B 246 6.20 -17.28 11.05
C GLY B 246 7.43 -16.73 10.36
N ARG B 247 7.51 -15.41 10.28
CA ARG B 247 8.63 -14.70 9.66
C ARG B 247 9.98 -14.92 10.38
N HIS B 248 9.96 -15.15 11.70
CA HIS B 248 11.17 -15.55 12.42
C HIS B 248 11.69 -16.90 11.95
N ILE B 249 10.79 -17.87 11.72
CA ILE B 249 11.19 -19.19 11.22
C ILE B 249 11.73 -19.07 9.80
N VAL B 250 11.01 -18.32 8.97
CA VAL B 250 11.44 -18.08 7.59
C VAL B 250 12.86 -17.45 7.56
N ALA B 251 13.09 -16.48 8.43
CA ALA B 251 14.39 -15.85 8.55
C ALA B 251 15.52 -16.84 8.74
N VAL B 252 15.35 -17.85 9.61
CA VAL B 252 16.43 -18.79 9.98
C VAL B 252 16.51 -20.04 9.08
N LEU B 253 15.49 -20.28 8.25
CA LEU B 253 15.46 -21.48 7.39
C LEU B 253 16.76 -21.76 6.65
N PRO B 254 17.35 -20.74 6.00
CA PRO B 254 18.56 -21.02 5.20
C PRO B 254 19.75 -21.60 5.99
N GLU B 255 19.74 -21.42 7.32
CA GLU B 255 20.81 -21.90 8.19
C GLU B 255 20.55 -23.26 8.81
N ILE B 256 19.32 -23.75 8.74
CA ILE B 256 18.98 -25.03 9.35
C ILE B 256 19.63 -26.21 8.59
N ASP B 257 20.30 -27.08 9.34
CA ASP B 257 20.89 -28.33 8.79
C ASP B 257 19.77 -29.17 8.18
N PRO B 258 19.85 -29.47 6.86
CA PRO B 258 18.84 -30.27 6.18
C PRO B 258 18.43 -31.53 6.93
N VAL B 259 19.32 -32.09 7.72
CA VAL B 259 18.98 -33.28 8.50
C VAL B 259 17.78 -33.03 9.41
N LEU B 260 17.70 -31.83 10.00
CA LEU B 260 16.58 -31.48 10.88
C LEU B 260 15.19 -31.40 10.19
N PHE B 261 15.14 -31.31 8.86
CA PHE B 261 13.88 -31.35 8.09
C PHE B 261 13.39 -32.77 7.82
N GLN B 262 14.27 -33.75 8.00
CA GLN B 262 13.98 -35.12 7.60
C GLN B 262 13.23 -35.83 8.72
N GLY B 263 12.50 -36.87 8.37
CA GLY B 263 11.80 -37.67 9.37
C GLY B 263 10.31 -37.51 9.31
N LYS B 264 9.60 -38.40 10.02
CA LYS B 264 8.15 -38.47 9.97
C LYS B 264 7.43 -37.16 10.31
N ILE B 265 8.01 -36.35 11.18
CA ILE B 265 7.33 -35.15 11.62
C ILE B 265 7.85 -33.87 10.93
N GLY B 266 8.82 -34.03 10.03
CA GLY B 266 9.43 -32.88 9.37
C GLY B 266 10.19 -32.00 10.36
N LEU B 267 10.28 -30.71 10.09
CA LEU B 267 10.98 -29.81 11.01
C LEU B 267 10.21 -29.64 12.30
N PRO B 268 10.79 -30.07 13.43
CA PRO B 268 10.11 -29.81 14.70
C PRO B 268 10.44 -28.41 15.19
N ILE B 269 9.41 -27.66 15.58
CA ILE B 269 9.62 -26.31 16.09
C ILE B 269 9.12 -26.30 17.52
N LEU B 270 10.03 -26.05 18.46
CA LEU B 270 9.64 -25.99 19.87
C LEU B 270 9.10 -24.61 20.22
N CYS B 271 7.84 -24.61 20.66
CA CYS B 271 7.10 -23.39 20.97
C CYS B 271 7.04 -23.19 22.49
N VAL B 272 7.60 -22.09 22.93
CA VAL B 272 7.72 -21.81 24.37
C VAL B 272 7.10 -20.42 24.64
N GLY B 273 6.33 -20.31 25.72
CA GLY B 273 5.79 -19.05 26.18
C GLY B 273 4.29 -18.93 26.11
N SER B 274 3.75 -17.98 26.90
CA SER B 274 2.28 -17.81 27.08
C SER B 274 1.45 -17.58 25.82
N VAL B 275 2.01 -16.89 24.84
CA VAL B 275 1.24 -16.51 23.68
C VAL B 275 0.78 -17.72 22.87
N TRP B 276 1.54 -18.83 22.92
CA TRP B 276 1.12 -20.07 22.23
C TRP B 276 -0.18 -20.68 22.72
N LYS B 277 -0.61 -20.35 23.95
CA LYS B 277 -1.98 -20.70 24.41
C LYS B 277 -3.04 -20.19 23.40
N SER B 278 -2.75 -19.07 22.75
CA SER B 278 -3.63 -18.50 21.73
C SER B 278 -3.32 -18.96 20.27
N TRP B 279 -2.77 -20.17 20.12
CA TRP B 279 -2.42 -20.72 18.80
C TRP B 279 -3.55 -20.59 17.76
N GLU B 280 -4.79 -20.87 18.16
CA GLU B 280 -5.88 -20.82 17.19
C GLU B 280 -6.10 -19.41 16.58
N LEU B 281 -5.76 -18.38 17.34
CA LEU B 281 -5.80 -17.01 16.85
C LEU B 281 -4.57 -16.62 16.01
N LEU B 282 -3.44 -17.31 16.23
CA LEU B 282 -2.18 -17.06 15.50
C LEU B 282 -2.07 -17.82 14.18
N LYS B 283 -2.79 -18.94 14.10
CA LYS B 283 -2.57 -19.96 13.09
C LYS B 283 -2.62 -19.47 11.64
N GLU B 284 -3.66 -18.76 11.23
CA GLU B 284 -3.78 -18.43 9.79
C GLU B 284 -2.63 -17.50 9.39
N GLY B 285 -2.32 -16.53 10.24
CA GLY B 285 -1.16 -15.67 10.01
C GLY B 285 0.17 -16.41 9.95
N PHE B 286 0.37 -17.30 10.91
CA PHE B 286 1.59 -18.11 10.96
C PHE B 286 1.75 -18.94 9.68
N LEU B 287 0.65 -19.57 9.24
CA LEU B 287 0.69 -20.39 8.03
C LEU B 287 0.93 -19.58 6.77
N LEU B 288 0.30 -18.42 6.66
CA LEU B 288 0.52 -17.53 5.51
C LEU B 288 1.99 -17.18 5.39
N ALA B 289 2.62 -16.82 6.51
CA ALA B 289 4.01 -16.36 6.49
C ALA B 289 4.97 -17.49 6.12
N LEU B 290 4.73 -18.66 6.69
CA LEU B 290 5.53 -19.83 6.35
C LEU B 290 5.37 -20.22 4.87
N THR B 291 4.12 -20.24 4.39
CA THR B 291 3.86 -20.63 3.00
C THR B 291 4.48 -19.66 2.00
N GLN B 292 4.30 -18.35 2.21
CA GLN B 292 4.94 -17.33 1.36
C GLN B 292 6.46 -17.43 1.35
N GLY B 293 7.04 -17.58 2.55
CA GLY B 293 8.48 -17.56 2.72
C GLY B 293 9.14 -18.72 2.03
N ARG B 294 8.52 -19.89 2.12
CA ARG B 294 9.09 -21.08 1.51
C ARG B 294 9.10 -20.99 -0.03
N GLU B 295 8.24 -20.14 -0.61
CA GLU B 295 8.20 -19.98 -2.07
C GLU B 295 9.40 -19.16 -2.54
N ILE B 296 9.67 -18.06 -1.82
CA ILE B 296 10.71 -17.10 -2.25
C ILE B 296 12.10 -17.65 -1.94
N PHE B 302 12.14 -28.76 2.72
CA PHE B 302 11.23 -28.36 3.79
C PHE B 302 9.80 -28.80 3.46
N SER B 303 9.48 -30.03 3.83
CA SER B 303 8.30 -30.73 3.34
C SER B 303 7.08 -30.53 4.25
N SER B 304 7.33 -30.55 5.57
CA SER B 304 6.28 -30.42 6.57
C SER B 304 6.91 -29.89 7.88
N PHE B 305 6.08 -29.50 8.83
CA PHE B 305 6.62 -29.17 10.17
C PHE B 305 5.70 -29.67 11.25
N THR B 306 6.22 -29.71 12.46
CA THR B 306 5.44 -30.10 13.63
C THR B 306 5.79 -29.19 14.79
N LEU B 307 4.77 -28.52 15.35
CA LEU B 307 4.95 -27.67 16.53
C LEU B 307 4.90 -28.51 17.79
N MET B 308 5.88 -28.30 18.66
CA MET B 308 6.05 -29.06 19.89
C MET B 308 5.93 -28.11 21.07
N LYS B 309 5.48 -28.64 22.19
CA LYS B 309 5.47 -27.92 23.45
C LYS B 309 6.17 -28.73 24.54
N LEU B 310 6.76 -28.04 25.51
CA LEU B 310 7.41 -28.72 26.64
C LEU B 310 6.42 -29.28 27.66
N ARG B 311 6.75 -30.45 28.21
CA ARG B 311 5.98 -31.02 29.33
C ARG B 311 6.66 -30.85 30.68
N HIS B 312 7.88 -30.31 30.70
CA HIS B 312 8.57 -29.93 31.95
C HIS B 312 9.17 -28.57 31.78
N SER B 313 9.55 -27.95 32.89
CA SER B 313 10.18 -26.63 32.85
C SER B 313 11.47 -26.69 32.01
N SER B 314 11.75 -25.60 31.29
CA SER B 314 13.07 -25.36 30.70
C SER B 314 14.22 -25.39 31.70
N ALA B 315 13.92 -25.22 33.00
CA ALA B 315 14.92 -25.39 34.03
C ALA B 315 15.55 -26.80 34.04
N LEU B 316 14.82 -27.80 33.54
CA LEU B 316 15.34 -29.16 33.42
C LEU B 316 16.53 -29.23 32.46
N GLY B 317 16.37 -28.65 31.27
CA GLY B 317 17.48 -28.47 30.34
C GLY B 317 18.61 -27.65 30.92
N GLY B 318 18.26 -26.60 31.68
CA GLY B 318 19.28 -25.79 32.37
C GLY B 318 20.11 -26.64 33.33
N ALA B 319 19.43 -27.50 34.08
CA ALA B 319 20.11 -28.41 35.00
C ALA B 319 21.02 -29.37 34.26
N SER B 320 20.54 -29.88 33.11
CA SER B 320 21.31 -30.78 32.25
C SER B 320 22.61 -30.13 31.76
N LEU B 321 22.48 -28.91 31.24
CA LEU B 321 23.63 -28.15 30.78
C LEU B 321 24.56 -27.83 31.95
N GLY B 322 23.99 -27.43 33.07
CA GLY B 322 24.78 -27.20 34.32
C GLY B 322 25.61 -28.40 34.78
N ALA B 323 25.02 -29.59 34.65
CA ALA B 323 25.73 -30.83 34.98
C ALA B 323 26.82 -31.14 33.96
N ARG B 324 26.53 -30.98 32.67
CA ARG B 324 27.54 -31.16 31.63
C ARG B 324 28.78 -30.32 31.90
N HIS B 325 28.53 -29.11 32.38
CA HIS B 325 29.57 -28.11 32.64
C HIS B 325 30.63 -28.59 33.60
N ILE B 326 30.28 -29.59 34.42
CA ILE B 326 31.23 -30.15 35.36
C ILE B 326 31.57 -31.65 35.08
N GLY B 327 31.11 -32.18 33.94
CA GLY B 327 31.50 -33.52 33.51
C GLY B 327 30.48 -34.64 33.74
N HIS B 328 29.27 -34.32 34.18
CA HIS B 328 28.26 -35.32 34.54
C HIS B 328 27.17 -35.37 33.48
N LEU B 329 26.83 -36.57 33.07
CA LEU B 329 25.71 -36.78 32.16
C LEU B 329 24.45 -36.93 32.99
N LEU B 330 23.60 -35.90 32.97
CA LEU B 330 22.32 -35.96 33.69
C LEU B 330 21.36 -36.82 32.87
N PRO B 331 20.86 -37.94 33.43
CA PRO B 331 19.90 -38.69 32.63
C PRO B 331 18.62 -37.89 32.29
N MET B 332 18.19 -37.97 31.01
CA MET B 332 17.06 -37.25 30.46
C MET B 332 16.12 -38.18 29.66
N ASP B 333 14.81 -38.08 29.91
CA ASP B 333 13.81 -38.78 29.14
C ASP B 333 13.23 -37.78 28.18
N TYR B 334 13.88 -37.64 27.03
CA TYR B 334 13.50 -36.57 26.10
C TYR B 334 12.09 -36.78 25.50
N SER B 335 11.69 -38.04 25.31
CA SER B 335 10.34 -38.32 24.81
C SER B 335 9.27 -37.87 25.80
N ALA B 336 9.55 -37.94 27.09
CA ALA B 336 8.63 -37.44 28.12
C ALA B 336 8.60 -35.91 28.23
N ASN B 337 9.65 -35.24 27.77
CA ASN B 337 9.84 -33.82 28.01
C ASN B 337 9.15 -32.90 27.01
N ALA B 338 8.69 -33.43 25.89
CA ALA B 338 7.99 -32.60 24.91
C ALA B 338 6.96 -33.42 24.12
N ILE B 339 5.99 -32.71 23.51
CA ILE B 339 4.92 -33.39 22.77
C ILE B 339 4.43 -32.50 21.63
N ALA B 340 4.00 -33.14 20.54
CA ALA B 340 3.49 -32.41 19.37
C ALA B 340 2.09 -31.86 19.65
N PHE B 341 1.80 -30.64 19.21
CA PHE B 341 0.44 -30.13 19.27
C PHE B 341 -0.18 -29.71 17.92
N TYR B 342 0.65 -29.66 16.87
CA TYR B 342 0.16 -29.32 15.54
C TYR B 342 1.12 -29.82 14.48
N SER B 343 0.59 -30.28 13.35
CA SER B 343 1.37 -30.83 12.25
C SER B 343 0.82 -30.27 10.95
N TYR B 344 1.70 -30.02 9.98
CA TYR B 344 1.29 -29.44 8.71
C TYR B 344 2.20 -29.87 7.58
N THR B 345 1.60 -30.30 6.47
CA THR B 345 2.32 -30.71 5.27
C THR B 345 1.93 -29.77 4.12
N PHE B 346 2.93 -29.17 3.47
CA PHE B 346 2.69 -28.18 2.42
C PHE B 346 2.16 -28.88 1.16
N SER B 347 1.49 -28.12 0.30
CA SER B 347 1.03 -28.65 -1.01
C SER B 347 2.21 -28.93 -1.96
N PRO C 1 0.09 34.51 -56.39
CA PRO C 1 0.25 34.04 -55.02
C PRO C 1 -0.48 32.72 -54.72
N GLN C 2 -1.13 32.16 -55.75
CA GLN C 2 -1.97 30.99 -55.63
C GLN C 2 -1.59 29.95 -56.71
N PHE C 3 -1.52 30.41 -57.96
CA PHE C 3 -1.30 29.50 -59.10
C PHE C 3 0.17 29.33 -59.43
N MET C 4 1.16 30.64 -59.24
CA MET C 4 2.56 30.66 -59.70
C MET C 4 3.46 29.85 -58.82
N ALA C 5 3.11 29.74 -57.53
CA ALA C 5 3.99 29.15 -56.54
C ALA C 5 3.46 27.82 -55.99
N ALA C 6 4.37 27.06 -55.39
CA ALA C 6 4.07 25.78 -54.73
C ALA C 6 3.15 25.97 -53.55
N ILE C 7 2.27 24.99 -53.33
CA ILE C 7 1.37 25.01 -52.18
C ILE C 7 1.63 23.75 -51.37
N TYR C 8 1.77 23.97 -50.06
CA TYR C 8 2.15 22.96 -49.11
C TYR C 8 1.01 22.67 -48.19
N GLY C 9 0.64 21.40 -48.10
CA GLY C 9 -0.47 21.03 -47.28
C GLY C 9 0.02 20.37 -45.99
N GLY C 10 -0.78 20.51 -44.97
CA GLY C 10 -0.61 19.78 -43.73
C GLY C 10 -1.95 19.26 -43.26
N VAL C 11 -1.97 18.04 -42.70
CA VAL C 11 -3.17 17.53 -42.03
C VAL C 11 -2.78 17.10 -40.62
N GLU C 12 -3.46 17.67 -39.62
CA GLU C 12 -3.39 17.24 -38.20
C GLU C 12 -4.45 16.21 -38.01
N GLY C 13 -4.02 14.99 -37.64
CA GLY C 13 -4.90 13.84 -37.61
C GLY C 13 -4.80 13.07 -36.32
N GLY C 14 -4.88 13.81 -35.23
CA GLY C 14 -5.14 13.23 -33.91
C GLY C 14 -6.51 13.61 -33.37
N GLY C 15 -7.11 12.73 -32.59
CA GLY C 15 -8.24 13.12 -31.74
C GLY C 15 -9.63 12.90 -32.34
N THR C 16 -10.57 13.77 -31.95
CA THR C 16 -11.97 13.63 -32.39
C THR C 16 -12.13 13.91 -33.91
N ARG C 17 -11.31 14.82 -34.44
CA ARG C 17 -11.38 15.20 -35.83
C ARG C 17 -9.99 15.57 -36.38
N SER C 18 -9.97 15.98 -37.66
CA SER C 18 -8.74 16.39 -38.33
C SER C 18 -8.92 17.80 -38.86
N GLU C 19 -7.81 18.44 -39.17
CA GLU C 19 -7.83 19.75 -39.81
C GLU C 19 -6.74 19.77 -40.87
N VAL C 20 -7.05 20.42 -41.99
CA VAL C 20 -6.08 20.63 -43.06
C VAL C 20 -5.83 22.13 -43.17
N LEU C 21 -4.56 22.49 -43.36
CA LEU C 21 -4.16 23.85 -43.75
C LEU C 21 -3.42 23.74 -45.06
N LEU C 22 -3.69 24.68 -45.97
CA LEU C 22 -2.85 24.88 -47.11
C LEU C 22 -2.08 26.18 -46.94
N VAL C 23 -0.78 26.12 -47.20
CA VAL C 23 0.11 27.24 -46.96
C VAL C 23 0.89 27.56 -48.24
N SER C 24 1.10 28.85 -48.51
CA SER C 24 1.92 29.24 -49.65
C SER C 24 3.40 28.93 -49.40
N GLU C 25 4.16 28.86 -50.47
CA GLU C 25 5.63 28.69 -50.41
C GLU C 25 6.27 29.69 -49.45
N ASP C 26 5.67 30.90 -49.32
CA ASP C 26 6.17 31.94 -48.41
C ASP C 26 5.62 31.89 -46.96
N GLY C 27 4.84 30.86 -46.65
CA GLY C 27 4.38 30.63 -45.26
C GLY C 27 3.03 31.26 -44.91
N LYS C 28 2.31 31.77 -45.91
CA LYS C 28 0.99 32.37 -45.69
C LYS C 28 -0.10 31.29 -45.73
N ILE C 29 -0.92 31.22 -44.70
CA ILE C 29 -2.04 30.27 -44.70
C ILE C 29 -3.09 30.72 -45.73
N LEU C 30 -3.43 29.81 -46.65
CA LEU C 30 -4.31 30.07 -47.79
C LEU C 30 -5.73 29.57 -47.58
N ALA C 31 -5.86 28.54 -46.74
CA ALA C 31 -7.14 27.92 -46.50
C ALA C 31 -6.99 26.93 -45.35
N GLU C 32 -8.13 26.66 -44.75
CA GLU C 32 -8.27 25.64 -43.75
C GLU C 32 -9.60 24.95 -43.83
N ALA C 33 -9.65 23.72 -43.33
CA ALA C 33 -10.85 22.94 -43.35
C ALA C 33 -10.78 21.86 -42.30
N ASP C 34 -11.93 21.56 -41.70
CA ASP C 34 -12.06 20.41 -40.81
C ASP C 34 -12.29 19.16 -41.62
N GLY C 35 -11.94 18.02 -41.01
CA GLY C 35 -12.15 16.71 -41.61
C GLY C 35 -12.55 15.74 -40.52
N LEU C 36 -12.90 14.52 -40.93
CA LEU C 36 -13.24 13.45 -39.97
C LEU C 36 -11.98 12.81 -39.35
N SER C 37 -12.15 11.90 -38.40
CA SER C 37 -10.97 11.36 -37.73
C SER C 37 -10.14 10.50 -38.70
N THR C 38 -8.84 10.54 -38.50
CA THR C 38 -7.88 9.83 -39.34
C THR C 38 -6.89 9.01 -38.47
N ASN C 39 -7.43 8.34 -37.43
CA ASN C 39 -6.66 7.37 -36.66
C ASN C 39 -6.72 5.96 -37.25
N HIS C 40 -5.63 5.47 -37.84
CA HIS C 40 -5.68 4.22 -38.59
C HIS C 40 -5.91 3.02 -37.70
N TRP C 41 -5.50 3.13 -36.44
CA TRP C 41 -5.68 2.03 -35.49
C TRP C 41 -7.15 1.78 -35.28
N LEU C 42 -7.95 2.83 -35.30
CA LEU C 42 -9.38 2.74 -35.02
C LEU C 42 -10.25 2.56 -36.28
N ILE C 43 -9.88 3.24 -37.35
CA ILE C 43 -10.68 3.14 -38.57
C ILE C 43 -9.84 2.49 -39.68
N GLY C 44 -10.40 2.16 -40.81
CA GLY C 44 -9.44 1.52 -41.79
C GLY C 44 -8.23 2.44 -42.15
N THR C 45 -7.13 1.91 -42.72
CA THR C 45 -6.33 2.77 -43.60
C THR C 45 -7.18 3.21 -44.83
N ASP C 46 -8.08 2.34 -45.33
CA ASP C 46 -8.97 2.72 -46.44
C ASP C 46 -9.79 3.98 -46.10
N LYS C 47 -10.42 4.00 -44.93
CA LYS C 47 -11.22 5.16 -44.53
C LYS C 47 -10.32 6.37 -44.32
N CYS C 48 -9.10 6.17 -43.82
CA CYS C 48 -8.18 7.30 -43.68
C CYS C 48 -7.92 8.00 -45.02
N VAL C 49 -7.66 7.20 -46.06
CA VAL C 49 -7.34 7.68 -47.42
C VAL C 49 -8.48 8.52 -48.03
N GLU C 50 -9.70 8.02 -47.89
CA GLU C 50 -10.90 8.71 -48.41
C GLU C 50 -11.10 10.03 -47.69
N ARG C 51 -10.94 10.00 -46.38
CA ARG C 51 -11.15 11.17 -45.55
C ARG C 51 -10.10 12.24 -45.79
N ILE C 52 -8.86 11.84 -45.97
CA ILE C 52 -7.82 12.78 -46.29
C ILE C 52 -8.05 13.48 -47.63
N ASN C 53 -8.36 12.71 -48.67
CA ASN C 53 -8.62 13.28 -49.99
C ASN C 53 -9.80 14.27 -49.94
N GLU C 54 -10.85 13.87 -49.24
CA GLU C 54 -12.08 14.66 -49.25
C GLU C 54 -11.86 16.01 -48.58
N MET C 55 -11.22 16.02 -47.43
CA MET C 55 -10.97 17.27 -46.73
C MET C 55 -9.96 18.16 -47.45
N VAL C 56 -8.88 17.57 -47.96
CA VAL C 56 -7.90 18.35 -48.69
C VAL C 56 -8.51 19.03 -49.93
N ASN C 57 -9.40 18.34 -50.64
CA ASN C 57 -10.06 18.97 -51.77
C ASN C 57 -11.00 20.11 -51.40
N ARG C 58 -11.65 19.99 -50.25
CA ARG C 58 -12.47 21.12 -49.77
C ARG C 58 -11.55 22.33 -49.54
N ALA C 59 -10.36 22.11 -48.96
CA ALA C 59 -9.43 23.21 -48.72
C ALA C 59 -8.95 23.79 -50.06
N LYS C 60 -8.66 22.92 -51.03
CA LYS C 60 -8.22 23.38 -52.37
C LYS C 60 -9.24 24.32 -53.02
N ARG C 61 -10.52 23.94 -52.97
CA ARG C 61 -11.56 24.77 -53.57
C ARG C 61 -11.69 26.09 -52.83
N LYS C 62 -11.63 26.07 -51.51
CA LYS C 62 -11.64 27.30 -50.71
C LYS C 62 -10.51 28.23 -51.11
N ALA C 63 -9.33 27.66 -51.35
CA ALA C 63 -8.14 28.44 -51.67
C ALA C 63 -8.18 29.01 -53.08
N GLY C 64 -8.94 28.38 -53.97
CA GLY C 64 -8.98 28.75 -55.39
C GLY C 64 -7.98 28.02 -56.25
N VAL C 65 -7.53 26.85 -55.78
CA VAL C 65 -6.58 26.04 -56.56
C VAL C 65 -7.35 25.55 -57.78
N ASP C 66 -6.69 25.55 -58.95
CA ASP C 66 -7.34 25.19 -60.20
C ASP C 66 -7.67 23.70 -60.16
N PRO C 67 -8.75 23.26 -60.86
CA PRO C 67 -9.10 21.85 -60.80
C PRO C 67 -7.97 20.97 -61.29
N LEU C 68 -7.79 19.83 -60.60
CA LEU C 68 -6.78 18.79 -60.96
C LEU C 68 -5.33 19.22 -60.80
N VAL C 69 -5.08 20.29 -60.05
CA VAL C 69 -3.72 20.74 -59.79
C VAL C 69 -3.30 20.15 -58.44
N PRO C 70 -2.16 19.40 -58.42
CA PRO C 70 -1.74 18.79 -57.17
C PRO C 70 -1.08 19.80 -56.24
N LEU C 71 -1.13 19.54 -54.94
CA LEU C 71 -0.26 20.24 -54.01
C LEU C 71 1.15 19.84 -54.37
N ARG C 72 2.11 20.66 -53.97
CA ARG C 72 3.51 20.26 -54.11
C ARG C 72 3.85 19.12 -53.15
N SER C 73 3.46 19.29 -51.89
CA SER C 73 3.61 18.22 -50.89
C SER C 73 2.54 18.28 -49.83
N LEU C 74 2.40 17.18 -49.09
CA LEU C 74 1.36 17.06 -48.10
C LEU C 74 1.92 16.28 -46.88
N GLY C 75 2.07 17.00 -45.78
CA GLY C 75 2.50 16.45 -44.50
C GLY C 75 1.33 15.98 -43.66
N LEU C 76 1.30 14.67 -43.42
CA LEU C 76 0.21 14.05 -42.67
C LEU C 76 0.72 13.70 -41.27
N SER C 77 0.32 14.49 -40.28
CA SER C 77 0.75 14.27 -38.90
C SER C 77 -0.40 13.59 -38.17
N LEU C 78 -0.35 12.25 -38.23
CA LEU C 78 -1.44 11.42 -37.78
C LEU C 78 -1.14 10.63 -36.51
N SER C 79 -2.17 10.37 -35.72
CA SER C 79 -2.09 9.35 -34.66
C SER C 79 -1.60 8.07 -35.28
N GLY C 80 -0.55 7.50 -34.69
CA GLY C 80 0.05 6.25 -35.19
C GLY C 80 0.82 6.37 -36.50
N GLY C 81 1.12 7.60 -36.91
CA GLY C 81 1.88 7.85 -38.13
C GLY C 81 3.31 7.37 -38.09
N ASP C 82 3.76 6.89 -36.92
CA ASP C 82 5.08 6.24 -36.80
C ASP C 82 5.09 4.76 -37.24
N GLN C 83 3.93 4.19 -37.50
CA GLN C 83 3.86 2.78 -37.87
C GLN C 83 4.25 2.62 -39.35
N GLU C 84 5.28 1.83 -39.58
CA GLU C 84 5.94 1.77 -40.89
C GLU C 84 5.02 1.28 -42.00
N ASP C 85 4.30 0.19 -41.74
CA ASP C 85 3.46 -0.43 -42.75
C ASP C 85 2.26 0.46 -43.06
N ALA C 86 1.61 0.98 -42.02
CA ALA C 86 0.45 1.82 -42.21
C ALA C 86 0.79 3.05 -43.04
N GLY C 87 1.92 3.67 -42.74
CA GLY C 87 2.36 4.86 -43.49
C GLY C 87 2.60 4.57 -44.96
N ARG C 88 3.26 3.46 -45.25
CA ARG C 88 3.52 3.02 -46.63
C ARG C 88 2.25 2.81 -47.39
N ILE C 89 1.32 2.08 -46.78
CA ILE C 89 0.05 1.78 -47.40
C ILE C 89 -0.79 3.04 -47.67
N LEU C 90 -0.85 3.97 -46.72
CA LEU C 90 -1.63 5.23 -46.88
C LEU C 90 -1.20 6.00 -48.13
N ILE C 91 0.10 6.14 -48.31
CA ILE C 91 0.66 6.89 -49.44
C ILE C 91 0.45 6.17 -50.78
N GLU C 92 0.68 4.85 -50.82
CA GLU C 92 0.41 4.03 -52.03
C GLU C 92 -1.04 4.23 -52.50
N GLU C 93 -1.96 4.15 -51.56
CA GLU C 93 -3.40 4.25 -51.88
C GLU C 93 -3.83 5.65 -52.27
N LEU C 94 -3.30 6.65 -51.59
CA LEU C 94 -3.56 8.03 -51.96
C LEU C 94 -3.12 8.28 -53.39
N ARG C 95 -1.88 7.88 -53.71
CA ARG C 95 -1.33 8.04 -55.05
C ARG C 95 -2.11 7.29 -56.14
N ASP C 96 -2.48 6.05 -55.83
CA ASP C 96 -3.20 5.16 -56.74
C ASP C 96 -4.62 5.68 -56.95
N ARG C 97 -5.33 5.94 -55.88
CA ARG C 97 -6.74 6.35 -55.99
C ARG C 97 -6.93 7.82 -56.41
N PHE C 98 -6.07 8.71 -55.94
CA PHE C 98 -6.26 10.15 -56.13
C PHE C 98 -4.96 10.77 -56.66
N PRO C 99 -4.67 10.54 -57.95
CA PRO C 99 -3.39 10.94 -58.56
C PRO C 99 -3.17 12.47 -58.70
N TYR C 100 -4.21 13.27 -58.51
CA TYR C 100 -4.05 14.72 -58.62
C TYR C 100 -4.02 15.42 -57.27
N LEU C 101 -4.01 14.65 -56.18
CA LEU C 101 -4.11 15.25 -54.87
C LEU C 101 -2.82 16.02 -54.54
N SER C 102 -1.67 15.32 -54.60
CA SER C 102 -0.38 15.90 -54.18
C SER C 102 0.75 15.15 -54.89
N GLU C 103 1.79 15.89 -55.30
CA GLU C 103 2.98 15.26 -55.87
C GLU C 103 3.81 14.46 -54.89
N SER C 104 3.85 14.89 -53.64
CA SER C 104 4.65 14.23 -52.63
C SER C 104 3.91 14.15 -51.31
N TYR C 105 4.29 13.16 -50.52
CA TYR C 105 3.67 12.88 -49.20
C TYR C 105 4.72 12.58 -48.14
N LEU C 106 4.49 13.06 -46.92
CA LEU C 106 5.19 12.70 -45.71
C LEU C 106 4.16 12.25 -44.70
N ILE C 107 4.36 11.06 -44.15
CA ILE C 107 3.57 10.61 -43.01
C ILE C 107 4.42 10.67 -41.73
N THR C 108 3.92 11.42 -40.75
CA THR C 108 4.49 11.49 -39.41
C THR C 108 3.41 11.39 -38.37
N THR C 109 3.82 11.65 -37.13
CA THR C 109 2.95 11.57 -35.99
C THR C 109 2.28 12.91 -35.72
N ASP C 110 1.11 12.83 -35.09
CA ASP C 110 0.47 14.02 -34.54
C ASP C 110 1.44 14.84 -33.70
N ALA C 111 2.13 14.19 -32.77
CA ALA C 111 3.05 14.88 -31.85
C ALA C 111 4.16 15.63 -32.61
N ALA C 112 4.66 15.03 -33.68
CA ALA C 112 5.75 15.66 -34.46
C ALA C 112 5.27 16.94 -35.08
N GLY C 113 4.05 16.94 -35.63
CA GLY C 113 3.47 18.13 -36.26
C GLY C 113 3.22 19.23 -35.23
N SER C 114 2.82 18.83 -34.03
CA SER C 114 2.61 19.79 -32.94
C SER C 114 3.90 20.49 -32.57
N ILE C 115 4.94 19.70 -32.30
CA ILE C 115 6.25 20.26 -31.89
C ILE C 115 6.77 21.18 -32.99
N ALA C 116 6.68 20.72 -34.25
CA ALA C 116 7.16 21.52 -35.40
C ALA C 116 6.40 22.82 -35.61
N THR C 117 5.18 22.88 -35.09
CA THR C 117 4.41 24.12 -35.15
C THR C 117 5.02 25.24 -34.26
N ALA C 118 5.49 24.84 -33.08
CA ALA C 118 6.02 25.73 -32.07
C ALA C 118 7.55 25.97 -32.10
N THR C 119 8.35 25.00 -32.54
CA THR C 119 9.83 25.18 -32.57
C THR C 119 10.49 24.36 -33.63
N PRO C 120 11.64 24.82 -34.14
CA PRO C 120 12.47 23.95 -34.94
C PRO C 120 13.59 23.34 -34.14
N ASP C 121 13.69 23.66 -32.86
CA ASP C 121 14.87 23.37 -32.05
C ASP C 121 14.65 22.26 -31.01
N GLY C 122 13.54 21.54 -31.13
CA GLY C 122 13.21 20.47 -30.22
C GLY C 122 12.37 20.88 -29.02
N GLY C 123 11.65 19.91 -28.47
CA GLY C 123 10.88 20.14 -27.26
C GLY C 123 10.02 18.94 -26.90
N VAL C 124 9.09 19.19 -25.98
CA VAL C 124 8.23 18.17 -25.45
C VAL C 124 6.79 18.64 -25.60
N VAL C 125 5.91 17.70 -25.95
CA VAL C 125 4.51 17.96 -26.15
C VAL C 125 3.75 16.95 -25.33
N LEU C 126 2.66 17.41 -24.72
CA LEU C 126 1.83 16.56 -23.90
C LEU C 126 0.41 16.75 -24.41
N ILE C 127 -0.08 15.72 -25.11
CA ILE C 127 -1.40 15.69 -25.70
C ILE C 127 -2.39 15.11 -24.76
N SER C 128 -3.50 15.83 -24.56
CA SER C 128 -4.67 15.25 -23.90
C SER C 128 -5.94 15.71 -24.57
N GLY C 129 -6.51 14.81 -25.38
CA GLY C 129 -7.81 15.01 -26.06
C GLY C 129 -8.64 13.77 -25.77
N THR C 130 -9.17 13.14 -26.82
CA THR C 130 -9.79 11.84 -26.62
C THR C 130 -8.78 10.81 -26.10
N GLY C 131 -7.52 10.94 -26.54
CA GLY C 131 -6.41 10.15 -26.00
C GLY C 131 -5.30 11.04 -25.43
N SER C 132 -4.21 10.41 -24.95
CA SER C 132 -3.06 11.15 -24.45
C SER C 132 -1.76 10.55 -24.93
N ASN C 133 -0.71 11.36 -24.85
CA ASN C 133 0.61 11.00 -25.39
C ASN C 133 1.62 12.07 -24.95
N CYS C 134 2.83 11.64 -24.61
CA CYS C 134 3.91 12.57 -24.29
C CYS C 134 5.09 12.20 -25.16
N ARG C 135 5.51 13.15 -26.00
CA ARG C 135 6.67 12.97 -26.84
C ARG C 135 7.70 14.07 -26.68
N LEU C 136 8.96 13.64 -26.72
CA LEU C 136 10.12 14.51 -26.68
C LEU C 136 10.90 14.33 -27.97
N ILE C 137 11.29 15.45 -28.57
CA ILE C 137 12.34 15.45 -29.59
C ILE C 137 13.45 16.39 -29.13
N ASN C 138 14.62 15.83 -28.88
CA ASN C 138 15.78 16.62 -28.44
C ASN C 138 16.38 17.42 -29.59
N PRO C 139 17.19 18.42 -29.27
CA PRO C 139 17.93 19.23 -30.25
C PRO C 139 18.76 18.39 -31.25
N ASP C 140 19.35 17.29 -30.79
CA ASP C 140 19.95 16.32 -31.72
C ASP C 140 18.78 15.51 -32.26
N GLY C 141 19.02 14.51 -33.07
CA GLY C 141 17.83 13.74 -33.52
C GLY C 141 16.94 13.06 -32.45
N SER C 142 17.45 12.94 -31.22
CA SER C 142 16.98 11.88 -30.32
C SER C 142 15.55 12.08 -29.78
N GLU C 143 14.84 10.97 -29.61
CA GLU C 143 13.42 10.97 -29.27
C GLU C 143 13.13 10.06 -28.10
N SER C 144 12.12 10.40 -27.32
CA SER C 144 11.66 9.55 -26.23
C SER C 144 10.16 9.81 -26.09
N GLY C 145 9.48 8.92 -25.39
CA GLY C 145 8.05 9.08 -25.17
C GLY C 145 7.54 8.34 -23.94
N CYS C 146 6.33 8.72 -23.52
CA CYS C 146 5.58 7.99 -22.49
C CYS C 146 4.13 7.97 -22.94
N GLY C 147 3.45 6.84 -22.79
CA GLY C 147 2.04 6.77 -23.19
C GLY C 147 1.84 6.75 -24.70
N GLY C 148 0.67 7.24 -25.16
CA GLY C 148 0.26 7.14 -26.56
C GLY C 148 -0.16 5.77 -27.02
N TRP C 149 -0.57 4.92 -26.10
CA TRP C 149 -0.87 3.53 -26.44
C TRP C 149 -2.36 3.27 -26.74
N GLY C 150 -3.20 4.29 -26.65
CA GLY C 150 -4.60 4.18 -26.99
C GLY C 150 -5.43 3.58 -25.87
N HIS C 151 -6.71 3.40 -26.15
CA HIS C 151 -7.66 3.15 -25.05
C HIS C 151 -7.52 1.74 -24.48
N MET C 152 -6.93 0.84 -25.24
CA MET C 152 -6.79 -0.55 -24.83
C MET C 152 -5.61 -0.79 -23.91
N MET C 153 -4.73 0.20 -23.77
CA MET C 153 -3.49 -0.01 -23.04
C MET C 153 -2.98 1.20 -22.29
N GLY C 154 -3.78 2.25 -22.18
CA GLY C 154 -3.32 3.47 -21.52
C GLY C 154 -4.23 4.66 -21.66
N ASP C 155 -3.73 5.69 -22.34
CA ASP C 155 -4.47 6.96 -22.49
C ASP C 155 -4.80 7.65 -21.16
N GLU C 156 -3.96 7.43 -20.18
CA GLU C 156 -4.20 8.04 -18.87
C GLU C 156 -4.19 9.55 -18.94
N GLY C 157 -5.20 10.16 -18.32
CA GLY C 157 -5.33 11.62 -18.23
C GLY C 157 -6.05 12.24 -19.40
N SER C 158 -6.50 11.42 -20.34
CA SER C 158 -7.30 11.87 -21.49
C SER C 158 -8.79 11.94 -21.12
N ALA C 159 -9.58 12.45 -22.07
CA ALA C 159 -11.05 12.50 -21.90
C ALA C 159 -11.64 11.08 -21.88
N TYR C 160 -11.07 10.18 -22.68
CA TYR C 160 -11.53 8.80 -22.64
C TYR C 160 -11.28 8.21 -21.24
N TRP C 161 -10.09 8.46 -20.71
CA TRP C 161 -9.72 7.93 -19.41
C TRP C 161 -10.61 8.51 -18.27
N ILE C 162 -10.84 9.82 -18.29
CA ILE C 162 -11.75 10.48 -17.33
C ILE C 162 -13.14 9.87 -17.38
N ALA C 163 -13.65 9.71 -18.58
CA ALA C 163 -14.97 9.10 -18.80
C ALA C 163 -15.02 7.65 -18.31
N HIS C 164 -13.98 6.88 -18.64
CA HIS C 164 -13.92 5.48 -18.28
C HIS C 164 -13.83 5.32 -16.76
N GLN C 165 -12.96 6.11 -16.12
CA GLN C 165 -12.79 6.11 -14.67
C GLN C 165 -14.12 6.40 -13.95
N ALA C 166 -14.84 7.40 -14.43
CA ALA C 166 -16.15 7.72 -13.88
C ALA C 166 -17.08 6.55 -13.95
N VAL C 167 -17.30 5.99 -15.13
CA VAL C 167 -18.26 4.89 -15.20
C VAL C 167 -17.79 3.65 -14.44
N LYS C 168 -16.48 3.36 -14.44
CA LYS C 168 -15.94 2.24 -13.69
C LYS C 168 -16.13 2.36 -12.16
N ILE C 169 -15.89 3.57 -11.65
CA ILE C 169 -16.13 3.83 -10.24
C ILE C 169 -17.60 3.59 -9.92
N VAL C 170 -18.49 3.99 -10.82
CA VAL C 170 -19.92 3.78 -10.60
C VAL C 170 -20.25 2.29 -10.62
N PHE C 171 -19.81 1.57 -11.65
CA PHE C 171 -20.05 0.11 -11.74
C PHE C 171 -19.58 -0.65 -10.50
N ASP C 172 -18.34 -0.35 -10.04
CA ASP C 172 -17.71 -1.07 -8.94
C ASP C 172 -18.42 -0.74 -7.63
N SER C 173 -18.82 0.52 -7.48
CA SER C 173 -19.57 0.96 -6.30
C SER C 173 -20.89 0.20 -6.19
N ILE C 174 -21.64 0.16 -7.28
CA ILE C 174 -22.95 -0.52 -7.26
C ILE C 174 -22.80 -2.03 -7.06
N ASP C 175 -21.77 -2.63 -7.66
CA ASP C 175 -21.44 -4.07 -7.48
C ASP C 175 -20.97 -4.44 -6.04
N ASN C 176 -20.50 -3.46 -5.29
CA ASN C 176 -19.91 -3.66 -3.98
C ASN C 176 -18.51 -4.31 -4.14
N LEU C 177 -17.87 -4.07 -5.30
CA LEU C 177 -16.53 -4.61 -5.57
C LEU C 177 -15.49 -3.68 -4.96
N GLU C 178 -15.71 -2.38 -5.12
CA GLU C 178 -14.85 -1.37 -4.53
C GLU C 178 -15.62 -0.11 -4.18
N ALA C 179 -15.48 0.34 -2.93
CA ALA C 179 -16.10 1.58 -2.46
C ALA C 179 -15.51 2.80 -3.18
N ALA C 180 -16.38 3.70 -3.60
CA ALA C 180 -15.96 4.92 -4.28
C ALA C 180 -15.22 5.84 -3.30
N PRO C 181 -14.25 6.63 -3.79
CA PRO C 181 -13.59 7.61 -2.88
C PRO C 181 -14.50 8.75 -2.41
N HIS C 182 -15.54 9.04 -3.18
CA HIS C 182 -16.53 10.04 -2.83
C HIS C 182 -17.87 9.60 -3.35
N ASP C 183 -18.93 10.26 -2.89
CA ASP C 183 -20.28 9.85 -3.22
C ASP C 183 -20.53 9.84 -4.73
N ILE C 184 -21.15 8.76 -5.23
CA ILE C 184 -21.31 8.59 -6.70
C ILE C 184 -22.57 9.25 -7.31
N GLY C 185 -23.39 9.88 -6.49
CA GLY C 185 -24.71 10.33 -6.91
C GLY C 185 -24.73 11.21 -8.16
N TYR C 186 -23.97 12.29 -8.15
CA TYR C 186 -23.93 13.17 -9.34
C TYR C 186 -23.43 12.39 -10.56
N VAL C 187 -22.31 11.67 -10.41
CA VAL C 187 -21.72 11.00 -11.55
C VAL C 187 -22.65 9.93 -12.10
N LYS C 188 -23.28 9.15 -11.21
CA LYS C 188 -24.21 8.11 -11.65
C LYS C 188 -25.38 8.66 -12.44
N GLN C 189 -26.01 9.70 -11.91
CA GLN C 189 -27.10 10.38 -12.59
C GLN C 189 -26.64 10.98 -13.92
N ALA C 190 -25.46 11.59 -13.92
CA ALA C 190 -24.94 12.18 -15.18
C ALA C 190 -24.71 11.12 -16.25
N MET C 191 -24.37 9.91 -15.82
CA MET C 191 -24.10 8.78 -16.71
C MET C 191 -25.38 8.35 -17.42
N PHE C 192 -26.43 8.10 -16.62
CA PHE C 192 -27.72 7.76 -17.17
C PHE C 192 -28.24 8.86 -18.11
N HIS C 193 -28.04 10.11 -17.72
CA HIS C 193 -28.42 11.27 -18.56
C HIS C 193 -27.64 11.32 -19.91
N TYR C 194 -26.32 11.25 -19.86
CA TYR C 194 -25.49 11.32 -21.06
C TYR C 194 -25.76 10.16 -22.05
N PHE C 195 -25.74 8.95 -21.55
CA PHE C 195 -25.90 7.75 -22.37
C PHE C 195 -27.35 7.45 -22.72
N GLN C 196 -28.28 8.13 -22.05
CA GLN C 196 -29.73 7.94 -22.24
C GLN C 196 -30.14 6.49 -22.03
N VAL C 197 -29.74 5.94 -20.89
CA VAL C 197 -30.11 4.58 -20.47
C VAL C 197 -30.46 4.61 -19.00
N PRO C 198 -31.26 3.62 -18.52
CA PRO C 198 -31.70 3.57 -17.12
C PRO C 198 -30.82 2.79 -16.13
N ASP C 199 -29.86 2.01 -16.65
CA ASP C 199 -29.13 1.06 -15.85
C ASP C 199 -27.79 0.70 -16.47
N ARG C 200 -26.99 -0.07 -15.73
CA ARG C 200 -25.64 -0.46 -16.19
C ARG C 200 -25.68 -1.34 -17.43
N LEU C 201 -26.64 -2.27 -17.49
CA LEU C 201 -26.77 -3.15 -18.66
C LEU C 201 -26.90 -2.30 -19.94
N GLY C 202 -27.63 -1.19 -19.83
CA GLY C 202 -27.81 -0.27 -20.95
C GLY C 202 -26.57 0.43 -21.44
N ILE C 203 -25.60 0.62 -20.54
CA ILE C 203 -24.31 1.19 -20.91
C ILE C 203 -23.54 0.25 -21.88
N LEU C 204 -23.71 -1.06 -21.70
CA LEU C 204 -22.80 -2.02 -22.35
C LEU C 204 -22.73 -1.93 -23.84
N THR C 205 -23.84 -1.70 -24.50
CA THR C 205 -23.80 -1.64 -25.99
C THR C 205 -22.95 -0.47 -26.48
N HIS C 206 -22.75 0.54 -25.64
CA HIS C 206 -21.87 1.67 -25.97
C HIS C 206 -20.41 1.40 -25.71
N LEU C 207 -20.12 0.25 -25.08
CA LEU C 207 -18.76 -0.23 -24.91
C LEU C 207 -18.38 -1.29 -25.92
N TYR C 208 -19.38 -1.90 -26.56
CA TYR C 208 -19.18 -3.07 -27.40
C TYR C 208 -19.56 -2.78 -28.87
N ARG C 209 -20.67 -3.31 -29.36
CA ARG C 209 -20.96 -3.22 -30.80
C ARG C 209 -21.20 -1.77 -31.27
N ASP C 210 -21.67 -0.90 -30.37
CA ASP C 210 -21.93 0.50 -30.70
C ASP C 210 -20.84 1.42 -30.17
N PHE C 211 -19.71 0.86 -29.76
CA PHE C 211 -18.59 1.68 -29.23
C PHE C 211 -18.07 2.66 -30.29
N ASP C 212 -17.88 3.89 -29.86
CA ASP C 212 -17.18 4.91 -30.63
C ASP C 212 -16.43 5.72 -29.62
N LYS C 213 -15.12 5.81 -29.76
CA LYS C 213 -14.27 6.46 -28.76
C LYS C 213 -14.66 7.93 -28.47
N CYS C 214 -14.93 8.67 -29.52
CA CYS C 214 -15.38 10.07 -29.40
C CYS C 214 -16.70 10.19 -28.61
N ARG C 215 -17.66 9.31 -28.90
CA ARG C 215 -18.97 9.37 -28.25
C ARG C 215 -18.83 9.01 -26.78
N PHE C 216 -18.00 8.01 -26.47
CA PHE C 216 -17.79 7.60 -25.08
C PHE C 216 -16.98 8.65 -24.30
N ALA C 217 -15.85 9.08 -24.87
CA ALA C 217 -15.03 10.15 -24.28
C ALA C 217 -15.80 11.45 -24.02
N GLY C 218 -16.82 11.72 -24.80
CA GLY C 218 -17.67 12.92 -24.57
C GLY C 218 -18.31 13.03 -23.20
N PHE C 219 -18.42 11.91 -22.50
CA PHE C 219 -18.95 11.90 -21.14
C PHE C 219 -18.06 12.69 -20.19
N CYS C 220 -16.78 12.81 -20.53
CA CYS C 220 -15.87 13.69 -19.80
C CYS C 220 -16.43 15.11 -19.53
N ARG C 221 -17.17 15.67 -20.50
CA ARG C 221 -17.84 16.97 -20.29
C ARG C 221 -18.70 16.99 -19.03
N LYS C 222 -19.40 15.89 -18.77
CA LYS C 222 -20.27 15.81 -17.60
C LYS C 222 -19.47 15.80 -16.31
N ILE C 223 -18.25 15.25 -16.37
CA ILE C 223 -17.37 15.19 -15.22
C ILE C 223 -16.71 16.56 -15.00
N ALA C 224 -16.32 17.23 -16.08
CA ALA C 224 -15.81 18.61 -15.97
C ALA C 224 -16.87 19.55 -15.38
N GLU C 225 -18.11 19.38 -15.82
CA GLU C 225 -19.22 20.20 -15.30
C GLU C 225 -19.47 19.95 -13.81
N GLY C 226 -19.49 18.69 -13.39
CA GLY C 226 -19.63 18.36 -11.96
C GLY C 226 -18.52 18.94 -11.10
N ALA C 227 -17.29 18.84 -11.57
CA ALA C 227 -16.13 19.37 -10.87
C ALA C 227 -16.21 20.88 -10.72
N GLN C 228 -16.65 21.57 -11.78
CA GLN C 228 -16.88 23.02 -11.73
C GLN C 228 -17.96 23.39 -10.74
N GLN C 229 -18.99 22.55 -10.64
CA GLN C 229 -20.08 22.76 -9.70
C GLN C 229 -19.78 22.28 -8.27
N GLY C 230 -18.58 21.75 -8.04
CA GLY C 230 -18.12 21.37 -6.70
C GLY C 230 -18.33 19.92 -6.29
N ASP C 231 -18.73 19.05 -7.21
CA ASP C 231 -18.91 17.62 -6.87
C ASP C 231 -17.56 17.00 -6.52
N PRO C 232 -17.42 16.48 -5.27
CA PRO C 232 -16.13 15.90 -4.85
C PRO C 232 -15.56 14.79 -5.74
N LEU C 233 -16.36 13.78 -6.07
CA LEU C 233 -15.88 12.72 -6.92
C LEU C 233 -15.42 13.26 -8.28
N SER C 234 -16.21 14.14 -8.86
CA SER C 234 -15.81 14.75 -10.16
C SER C 234 -14.45 15.50 -10.03
N ARG C 235 -14.29 16.28 -8.96
CA ARG C 235 -13.02 16.99 -8.72
C ARG C 235 -11.87 16.02 -8.51
N TYR C 236 -12.12 14.94 -7.77
CA TYR C 236 -11.13 13.89 -7.57
C TYR C 236 -10.68 13.26 -8.89
N ILE C 237 -11.61 12.94 -9.78
CA ILE C 237 -11.23 12.33 -11.06
C ILE C 237 -10.33 13.24 -11.90
N PHE C 238 -10.65 14.54 -11.91
CA PHE C 238 -9.86 15.51 -12.66
C PHE C 238 -8.47 15.74 -12.04
N ARG C 239 -8.41 15.71 -10.71
CA ARG C 239 -7.13 15.73 -10.01
C ARG C 239 -6.27 14.52 -10.36
N LYS C 240 -6.85 13.32 -10.30
CA LYS C 240 -6.16 12.13 -10.74
C LYS C 240 -5.71 12.21 -12.19
N ALA C 241 -6.54 12.79 -13.06
CA ALA C 241 -6.14 13.02 -14.47
C ALA C 241 -4.91 13.93 -14.54
N GLY C 242 -4.95 15.02 -13.78
CA GLY C 242 -3.84 15.94 -13.69
C GLY C 242 -2.58 15.24 -13.26
N GLU C 243 -2.68 14.40 -12.23
CA GLU C 243 -1.54 13.61 -11.75
C GLU C 243 -0.94 12.73 -12.83
N MET C 244 -1.80 12.05 -13.58
CA MET C 244 -1.34 11.14 -14.64
C MET C 244 -0.56 11.88 -15.73
N LEU C 245 -1.08 13.03 -16.13
CA LEU C 245 -0.43 13.84 -17.15
C LEU C 245 0.93 14.31 -16.62
N GLY C 246 0.96 14.74 -15.36
CA GLY C 246 2.21 15.09 -14.73
C GLY C 246 3.21 13.94 -14.70
N ARG C 247 2.72 12.73 -14.44
CA ARG C 247 3.58 11.56 -14.43
C ARG C 247 4.19 11.20 -15.79
N HIS C 248 3.50 11.58 -16.88
CA HIS C 248 4.07 11.46 -18.23
C HIS C 248 5.34 12.31 -18.35
N ILE C 249 5.26 13.57 -17.88
CA ILE C 249 6.40 14.44 -17.89
C ILE C 249 7.53 13.86 -17.06
N VAL C 250 7.20 13.48 -15.83
CA VAL C 250 8.19 12.93 -14.92
C VAL C 250 8.88 11.70 -15.53
N ALA C 251 8.11 10.86 -16.24
CA ALA C 251 8.65 9.70 -16.92
C ALA C 251 9.77 10.02 -17.94
N VAL C 252 9.57 11.06 -18.76
CA VAL C 252 10.56 11.41 -19.80
C VAL C 252 11.66 12.37 -19.32
N LEU C 253 11.50 12.92 -18.12
CA LEU C 253 12.42 13.92 -17.57
C LEU C 253 13.91 13.52 -17.73
N PRO C 254 14.27 12.27 -17.37
CA PRO C 254 15.67 11.90 -17.47
C PRO C 254 16.27 11.93 -18.88
N GLU C 255 15.44 11.86 -19.93
CA GLU C 255 15.94 11.87 -21.30
C GLU C 255 16.03 13.26 -21.93
N ILE C 256 15.54 14.28 -21.24
CA ILE C 256 15.51 15.63 -21.78
C ILE C 256 16.90 16.29 -21.71
N ASP C 257 17.38 16.75 -22.88
CA ASP C 257 18.60 17.56 -23.00
C ASP C 257 18.54 18.72 -22.02
N PRO C 258 19.53 18.83 -21.10
CA PRO C 258 19.56 19.91 -20.11
C PRO C 258 19.33 21.31 -20.70
N VAL C 259 19.79 21.52 -21.94
CA VAL C 259 19.63 22.80 -22.58
C VAL C 259 18.17 23.26 -22.63
N LEU C 260 17.23 22.31 -22.72
CA LEU C 260 15.82 22.66 -22.83
C LEU C 260 15.23 23.16 -21.51
N PHE C 261 15.90 22.89 -20.39
CA PHE C 261 15.48 23.44 -19.08
C PHE C 261 15.95 24.86 -18.83
N GLN C 262 16.78 25.38 -19.73
CA GLN C 262 17.47 26.64 -19.53
C GLN C 262 16.69 27.78 -20.13
N GLY C 263 16.94 28.98 -19.62
CA GLY C 263 16.33 30.19 -20.17
C GLY C 263 15.32 30.81 -19.22
N LYS C 264 14.57 31.76 -19.74
CA LYS C 264 13.65 32.57 -18.94
C LYS C 264 12.57 31.68 -18.32
N ILE C 265 11.99 30.82 -19.14
CA ILE C 265 10.72 30.20 -18.84
C ILE C 265 10.86 28.73 -18.35
N GLY C 266 12.08 28.27 -18.17
CA GLY C 266 12.31 26.89 -17.74
C GLY C 266 12.00 25.93 -18.88
N LEU C 267 11.57 24.72 -18.55
CA LEU C 267 11.13 23.76 -19.56
C LEU C 267 9.80 24.18 -20.09
N PRO C 268 9.73 24.49 -21.41
CA PRO C 268 8.42 24.71 -21.98
C PRO C 268 7.77 23.37 -22.26
N ILE C 269 6.49 23.25 -21.90
CA ILE C 269 5.72 22.07 -22.23
C ILE C 269 4.55 22.48 -23.11
N LEU C 270 4.55 21.97 -24.33
CA LEU C 270 3.48 22.27 -25.23
C LEU C 270 2.27 21.37 -24.94
N CYS C 271 1.14 22.00 -24.67
CA CYS C 271 -0.04 21.28 -24.25
C CYS C 271 -1.05 21.38 -25.35
N VAL C 272 -1.41 20.22 -25.87
CA VAL C 272 -2.28 20.15 -27.04
C VAL C 272 -3.47 19.26 -26.66
N GLY C 273 -4.68 19.66 -27.09
CA GLY C 273 -5.85 18.82 -26.91
C GLY C 273 -6.89 19.43 -26.00
N SER C 274 -8.14 19.01 -26.17
CA SER C 274 -9.30 19.64 -25.56
C SER C 274 -9.31 19.56 -24.02
N VAL C 275 -8.68 18.54 -23.44
CA VAL C 275 -8.70 18.42 -21.98
C VAL C 275 -8.00 19.61 -21.27
N TRP C 276 -7.06 20.26 -21.96
CA TRP C 276 -6.36 21.42 -21.37
C TRP C 276 -7.24 22.65 -21.11
N LYS C 277 -8.38 22.73 -21.81
CA LYS C 277 -9.41 23.74 -21.49
C LYS C 277 -9.80 23.64 -20.02
N SER C 278 -9.71 22.45 -19.43
CA SER C 278 -10.01 22.25 -18.01
C SER C 278 -8.79 22.30 -17.10
N TRP C 279 -7.77 23.04 -17.53
CA TRP C 279 -6.52 23.21 -16.78
C TRP C 279 -6.74 23.48 -15.29
N GLU C 280 -7.66 24.39 -14.96
CA GLU C 280 -7.92 24.73 -13.55
C GLU C 280 -8.32 23.52 -12.70
N LEU C 281 -8.97 22.54 -13.32
CA LEU C 281 -9.34 21.31 -12.64
C LEU C 281 -8.21 20.29 -12.57
N LEU C 282 -7.27 20.38 -13.50
CA LEU C 282 -6.10 19.49 -13.54
C LEU C 282 -4.96 19.94 -12.63
N LYS C 283 -4.90 21.25 -12.41
CA LYS C 283 -3.72 21.98 -11.90
C LYS C 283 -3.07 21.37 -10.66
N GLU C 284 -3.86 21.15 -9.62
CA GLU C 284 -3.34 20.63 -8.34
C GLU C 284 -2.72 19.23 -8.47
N GLY C 285 -3.40 18.37 -9.24
CA GLY C 285 -2.89 17.03 -9.55
C GLY C 285 -1.61 17.07 -10.33
N PHE C 286 -1.54 17.95 -11.33
CA PHE C 286 -0.38 18.09 -12.19
C PHE C 286 0.84 18.55 -11.39
N LEU C 287 0.65 19.52 -10.51
CA LEU C 287 1.74 20.01 -9.68
C LEU C 287 2.12 19.03 -8.57
N LEU C 288 1.14 18.33 -8.01
CA LEU C 288 1.43 17.25 -7.06
C LEU C 288 2.41 16.30 -7.73
N ALA C 289 2.08 15.82 -8.94
CA ALA C 289 2.94 14.88 -9.69
C ALA C 289 4.34 15.44 -10.01
N LEU C 290 4.42 16.66 -10.52
CA LEU C 290 5.70 17.27 -10.83
C LEU C 290 6.56 17.51 -9.59
N THR C 291 5.94 18.04 -8.54
CA THR C 291 6.65 18.31 -7.26
C THR C 291 7.31 17.03 -6.74
N GLN C 292 6.52 15.95 -6.65
CA GLN C 292 7.00 14.67 -6.13
C GLN C 292 8.05 13.99 -7.03
N GLY C 293 7.84 14.05 -8.34
CA GLY C 293 8.70 13.34 -9.30
C GLY C 293 10.05 13.96 -9.65
N ARG C 294 10.21 15.27 -9.46
CA ARG C 294 11.43 15.97 -9.90
C ARG C 294 12.75 15.49 -9.27
N GLU C 295 12.68 15.05 -8.00
CA GLU C 295 13.82 14.46 -7.26
C GLU C 295 15.10 15.29 -7.32
N PHE C 301 18.25 18.94 -11.55
CA PHE C 301 16.89 18.77 -12.05
C PHE C 301 16.44 19.97 -12.98
N PHE C 302 15.42 20.72 -12.58
CA PHE C 302 14.99 21.92 -13.30
C PHE C 302 14.24 22.86 -12.36
N SER C 303 14.40 24.16 -12.57
CA SER C 303 13.96 25.15 -11.60
C SER C 303 12.51 25.58 -11.78
N SER C 304 12.03 25.52 -13.03
CA SER C 304 10.69 26.00 -13.36
C SER C 304 10.20 25.40 -14.67
N PHE C 305 8.91 25.57 -14.96
CA PHE C 305 8.36 25.15 -16.25
C PHE C 305 7.30 26.15 -16.68
N THR C 306 7.01 26.24 -17.98
CA THR C 306 5.84 26.96 -18.42
C THR C 306 5.04 26.15 -19.43
N LEU C 307 3.71 26.19 -19.28
CA LEU C 307 2.84 25.46 -20.16
C LEU C 307 2.46 26.42 -21.28
N MET C 308 2.62 25.91 -22.51
CA MET C 308 2.40 26.65 -23.75
C MET C 308 1.22 26.04 -24.51
N LYS C 309 0.42 26.88 -25.18
CA LYS C 309 -0.59 26.39 -26.09
C LYS C 309 -0.33 26.91 -27.51
N LEU C 310 -0.86 26.20 -28.50
CA LEU C 310 -0.74 26.60 -29.91
C LEU C 310 -1.75 27.68 -30.26
N ARG C 311 -1.33 28.64 -31.09
CA ARG C 311 -2.21 29.66 -31.61
C ARG C 311 -2.66 29.33 -33.03
N HIS C 312 -2.07 28.28 -33.62
CA HIS C 312 -2.46 27.79 -34.95
C HIS C 312 -2.49 26.28 -34.91
N SER C 313 -3.13 25.70 -35.92
CA SER C 313 -3.30 24.27 -36.02
C SER C 313 -1.94 23.61 -36.12
N SER C 314 -1.81 22.42 -35.55
CA SER C 314 -0.66 21.54 -35.74
C SER C 314 -0.45 21.16 -37.19
N ALA C 315 -1.49 21.29 -38.00
CA ALA C 315 -1.38 21.13 -39.45
C ALA C 315 -0.35 22.08 -40.08
N LEU C 316 -0.06 23.20 -39.41
CA LEU C 316 0.95 24.12 -39.87
C LEU C 316 2.35 23.52 -39.76
N GLY C 317 2.66 22.95 -38.59
CA GLY C 317 3.85 22.13 -38.42
C GLY C 317 3.92 20.98 -39.41
N GLY C 318 2.78 20.33 -39.64
CA GLY C 318 2.70 19.27 -40.65
C GLY C 318 3.10 19.77 -42.03
N ALA C 319 2.64 20.97 -42.38
CA ALA C 319 2.99 21.55 -43.67
C ALA C 319 4.48 21.82 -43.74
N SER C 320 5.06 22.31 -42.64
CA SER C 320 6.46 22.62 -42.58
C SER C 320 7.30 21.35 -42.78
N LEU C 321 6.91 20.28 -42.09
CA LEU C 321 7.57 19.01 -42.23
C LEU C 321 7.45 18.47 -43.66
N GLY C 322 6.25 18.49 -44.21
CA GLY C 322 6.00 18.08 -45.61
C GLY C 322 6.83 18.87 -46.64
N ALA C 323 7.06 20.15 -46.36
CA ALA C 323 7.88 20.99 -47.24
C ALA C 323 9.37 20.60 -47.18
N ARG C 324 9.90 20.42 -45.97
CA ARG C 324 11.28 20.00 -45.78
C ARG C 324 11.55 18.64 -46.44
N HIS C 325 10.55 17.77 -46.43
CA HIS C 325 10.62 16.45 -47.06
C HIS C 325 10.98 16.51 -48.56
N ILE C 326 10.74 17.65 -49.20
CA ILE C 326 11.15 17.85 -50.62
C ILE C 326 12.18 18.96 -50.82
N GLY C 327 12.74 19.46 -49.71
CA GLY C 327 13.85 20.40 -49.76
C GLY C 327 13.57 21.89 -49.53
N HIS C 328 12.31 22.24 -49.26
CA HIS C 328 11.91 23.63 -49.07
C HIS C 328 11.78 24.03 -47.58
N LEU C 329 12.36 25.18 -47.23
CA LEU C 329 12.20 25.77 -45.90
C LEU C 329 10.91 26.62 -45.89
N LEU C 330 9.89 26.13 -45.22
CA LEU C 330 8.64 26.90 -45.12
C LEU C 330 8.82 28.00 -44.07
N PRO C 331 8.73 29.27 -44.47
CA PRO C 331 8.86 30.30 -43.42
C PRO C 331 7.82 30.13 -42.32
N MET C 332 8.26 30.23 -41.07
CA MET C 332 7.45 30.00 -39.90
C MET C 332 7.67 31.17 -38.91
N ASP C 333 6.59 31.65 -38.31
CA ASP C 333 6.69 32.67 -37.25
C ASP C 333 6.48 31.96 -35.91
N TYR C 334 7.56 31.42 -35.37
CA TYR C 334 7.42 30.56 -34.19
C TYR C 334 6.85 31.29 -32.97
N SER C 335 7.16 32.59 -32.83
CA SER C 335 6.67 33.33 -31.67
C SER C 335 5.18 33.62 -31.77
N ALA C 336 4.66 33.67 -33.00
CA ALA C 336 3.23 33.84 -33.22
C ALA C 336 2.45 32.52 -33.01
N ASN C 337 3.15 31.39 -33.06
CA ASN C 337 2.51 30.09 -33.17
C ASN C 337 2.18 29.47 -31.82
N ALA C 338 2.70 30.05 -30.74
CA ALA C 338 2.42 29.55 -29.40
C ALA C 338 2.49 30.63 -28.34
N ILE C 339 1.82 30.43 -27.21
CA ILE C 339 1.92 31.34 -26.06
C ILE C 339 1.87 30.55 -24.77
N ALA C 340 2.44 31.16 -23.74
CA ALA C 340 2.40 30.63 -22.40
C ALA C 340 1.03 30.91 -21.79
N PHE C 341 0.48 29.91 -21.09
CA PHE C 341 -0.72 30.14 -20.27
C PHE C 341 -0.53 29.84 -18.77
N TYR C 342 0.59 29.24 -18.38
CA TYR C 342 0.90 28.97 -16.96
C TYR C 342 2.40 28.86 -16.75
N SER C 343 2.89 29.35 -15.61
CA SER C 343 4.28 29.15 -15.23
C SER C 343 4.39 28.90 -13.72
N TYR C 344 5.44 28.19 -13.34
CA TYR C 344 5.69 27.77 -11.96
C TYR C 344 7.17 27.55 -11.72
N THR C 345 7.69 28.14 -10.65
CA THR C 345 9.07 27.87 -10.24
C THR C 345 9.07 27.23 -8.85
N PHE C 346 9.85 26.17 -8.73
CA PHE C 346 9.87 25.33 -7.55
C PHE C 346 10.56 26.05 -6.42
N SER C 347 10.01 25.89 -5.22
CA SER C 347 10.49 26.60 -4.04
C SER C 347 11.57 25.76 -3.33
N PRO D 1 -35.36 -44.52 -28.38
CA PRO D 1 -36.40 -43.97 -29.23
C PRO D 1 -36.05 -42.57 -29.75
N GLN D 2 -34.92 -42.51 -30.47
CA GLN D 2 -34.45 -41.30 -31.17
C GLN D 2 -35.53 -40.50 -31.97
N PHE D 3 -36.36 -41.20 -32.75
CA PHE D 3 -37.31 -40.53 -33.63
C PHE D 3 -38.63 -40.25 -32.94
N MET D 4 -38.85 -41.33 -31.63
CA MET D 4 -40.27 -41.31 -31.21
C MET D 4 -40.55 -40.23 -30.17
N ALA D 5 -39.50 -39.78 -29.49
CA ALA D 5 -39.62 -38.90 -28.36
C ALA D 5 -38.95 -37.56 -28.58
N ALA D 6 -39.25 -36.65 -27.68
CA ALA D 6 -38.79 -35.25 -27.74
C ALA D 6 -37.27 -35.15 -27.46
N ILE D 7 -36.58 -34.29 -28.20
CA ILE D 7 -35.15 -34.05 -27.99
C ILE D 7 -34.94 -32.61 -27.55
N TYR D 8 -34.14 -32.48 -26.50
CA TYR D 8 -33.89 -31.21 -25.84
C TYR D 8 -32.43 -30.81 -26.04
N GLY D 9 -32.21 -29.62 -26.58
CA GLY D 9 -30.87 -29.14 -26.83
C GLY D 9 -30.50 -28.08 -25.82
N GLY D 10 -29.23 -28.05 -25.52
CA GLY D 10 -28.64 -27.01 -24.74
C GLY D 10 -27.38 -26.52 -25.40
N VAL D 11 -27.14 -25.21 -25.37
CA VAL D 11 -25.87 -24.62 -25.85
C VAL D 11 -25.26 -23.77 -24.71
N GLU D 12 -24.02 -24.08 -24.33
CA GLU D 12 -23.21 -23.27 -23.39
C GLU D 12 -22.42 -22.33 -24.30
N GLY D 13 -22.65 -21.04 -24.15
CA GLY D 13 -22.14 -20.04 -25.09
C GLY D 13 -21.46 -18.95 -24.32
N GLY D 14 -20.68 -19.38 -23.33
CA GLY D 14 -19.81 -18.51 -22.57
C GLY D 14 -18.38 -18.56 -23.09
N GLY D 15 -17.64 -17.48 -22.89
CA GLY D 15 -16.20 -17.46 -23.22
C GLY D 15 -15.85 -17.59 -24.71
N THR D 16 -14.88 -18.45 -24.99
CA THR D 16 -14.11 -18.50 -26.25
C THR D 16 -14.53 -19.60 -27.25
N ARG D 17 -15.58 -20.30 -26.88
CA ARG D 17 -15.92 -21.56 -27.49
C ARG D 17 -17.28 -21.93 -26.92
N SER D 18 -18.09 -22.60 -27.74
CA SER D 18 -19.38 -23.06 -27.30
C SER D 18 -19.45 -24.57 -27.35
N GLU D 19 -20.44 -25.12 -26.67
CA GLU D 19 -20.73 -26.56 -26.76
C GLU D 19 -22.23 -26.81 -26.79
N VAL D 20 -22.66 -27.76 -27.63
CA VAL D 20 -24.06 -28.22 -27.68
C VAL D 20 -24.11 -29.60 -27.06
N LEU D 21 -25.17 -29.86 -26.29
CA LEU D 21 -25.56 -31.21 -25.97
C LEU D 21 -26.98 -31.42 -26.46
N LEU D 22 -27.26 -32.59 -26.99
CA LEU D 22 -28.62 -33.02 -27.22
C LEU D 22 -28.94 -34.12 -26.20
N VAL D 23 -30.10 -34.02 -25.58
CA VAL D 23 -30.45 -34.87 -24.46
C VAL D 23 -31.83 -35.46 -24.71
N SER D 24 -32.01 -36.75 -24.43
CA SER D 24 -33.32 -37.33 -24.58
C SER D 24 -34.27 -36.81 -23.49
N GLU D 25 -35.55 -37.06 -23.71
CA GLU D 25 -36.62 -36.70 -22.78
C GLU D 25 -36.39 -37.27 -21.37
N ASP D 26 -35.69 -38.41 -21.32
CA ASP D 26 -35.33 -39.08 -20.06
C ASP D 26 -33.98 -38.68 -19.45
N GLY D 27 -33.29 -37.70 -20.04
CA GLY D 27 -32.09 -37.14 -19.38
C GLY D 27 -30.76 -37.72 -19.85
N LYS D 28 -30.83 -38.57 -20.87
CA LYS D 28 -29.65 -39.23 -21.43
C LYS D 28 -29.03 -38.38 -22.52
N ILE D 29 -27.73 -38.15 -22.45
CA ILE D 29 -27.05 -37.36 -23.46
C ILE D 29 -26.89 -38.21 -24.72
N LEU D 30 -27.39 -37.68 -25.83
CA LEU D 30 -27.41 -38.35 -27.12
C LEU D 30 -26.26 -37.93 -28.06
N ALA D 31 -25.81 -36.67 -27.94
CA ALA D 31 -24.75 -36.14 -28.77
C ALA D 31 -24.14 -34.90 -28.12
N GLU D 32 -22.86 -34.69 -28.40
CA GLU D 32 -22.16 -33.47 -28.07
C GLU D 32 -21.39 -32.95 -29.29
N ALA D 33 -21.28 -31.63 -29.36
CA ALA D 33 -20.50 -30.98 -30.37
C ALA D 33 -19.96 -29.61 -29.91
N ASP D 34 -18.75 -29.30 -30.33
CA ASP D 34 -18.12 -27.99 -30.09
C ASP D 34 -18.61 -27.01 -31.15
N GLY D 35 -18.57 -25.73 -30.80
CA GLY D 35 -18.83 -24.68 -31.74
C GLY D 35 -18.01 -23.44 -31.46
N LEU D 36 -18.17 -22.45 -32.33
CA LEU D 36 -17.46 -21.19 -32.19
C LEU D 36 -18.06 -20.27 -31.10
N SER D 37 -17.37 -19.16 -30.81
CA SER D 37 -17.82 -18.14 -29.85
C SER D 37 -19.24 -17.69 -30.20
N THR D 38 -20.06 -17.51 -29.17
CA THR D 38 -21.45 -17.02 -29.31
C THR D 38 -21.77 -15.84 -28.33
N ASN D 39 -20.79 -14.96 -28.13
CA ASN D 39 -20.94 -13.75 -27.33
C ASN D 39 -21.37 -12.58 -28.22
N HIS D 40 -22.65 -12.19 -28.15
CA HIS D 40 -23.19 -11.15 -29.03
C HIS D 40 -22.55 -9.78 -28.88
N TRP D 41 -22.08 -9.46 -27.69
CA TRP D 41 -21.35 -8.21 -27.48
C TRP D 41 -20.13 -8.09 -28.39
N LEU D 42 -19.48 -9.22 -28.66
CA LEU D 42 -18.25 -9.22 -29.45
C LEU D 42 -18.49 -9.52 -30.91
N ILE D 43 -19.47 -10.36 -31.18
CA ILE D 43 -19.63 -10.94 -32.53
C ILE D 43 -20.90 -10.48 -33.26
N GLY D 44 -21.86 -9.95 -32.51
CA GLY D 44 -23.10 -9.50 -33.08
C GLY D 44 -24.04 -10.68 -33.26
N THR D 45 -25.33 -10.36 -33.35
CA THR D 45 -26.39 -11.36 -33.34
C THR D 45 -26.43 -12.22 -34.60
N ASP D 46 -26.17 -11.66 -35.77
CA ASP D 46 -26.19 -12.44 -37.00
C ASP D 46 -25.22 -13.63 -36.96
N LYS D 47 -23.96 -13.37 -36.57
CA LYS D 47 -22.96 -14.44 -36.51
C LYS D 47 -23.32 -15.46 -35.41
N CYS D 48 -23.83 -14.99 -34.29
CA CYS D 48 -24.30 -15.90 -33.24
C CYS D 48 -25.33 -16.89 -33.81
N VAL D 49 -26.30 -16.36 -34.55
CA VAL D 49 -27.39 -17.15 -35.17
C VAL D 49 -26.82 -18.23 -36.13
N GLU D 50 -25.87 -17.82 -36.97
CA GLU D 50 -25.20 -18.75 -37.92
C GLU D 50 -24.52 -19.89 -37.21
N ARG D 51 -23.80 -19.53 -36.14
CA ARG D 51 -22.93 -20.44 -35.41
C ARG D 51 -23.75 -21.41 -34.58
N ILE D 52 -24.89 -20.93 -34.04
CA ILE D 52 -25.77 -21.79 -33.27
C ILE D 52 -26.39 -22.89 -34.16
N ASN D 53 -26.90 -22.48 -35.32
CA ASN D 53 -27.54 -23.42 -36.26
C ASN D 53 -26.52 -24.46 -36.75
N GLU D 54 -25.33 -23.97 -37.11
CA GLU D 54 -24.29 -24.86 -37.66
C GLU D 54 -23.86 -25.93 -36.64
N MET D 55 -23.61 -25.54 -35.40
CA MET D 55 -23.20 -26.50 -34.39
C MET D 55 -24.31 -27.45 -33.97
N VAL D 56 -25.53 -26.96 -33.77
CA VAL D 56 -26.63 -27.83 -33.39
C VAL D 56 -26.88 -28.85 -34.49
N ASN D 57 -26.78 -28.46 -35.74
CA ASN D 57 -26.95 -29.44 -36.83
C ASN D 57 -25.89 -30.55 -36.82
N ARG D 58 -24.63 -30.19 -36.55
CA ARG D 58 -23.60 -31.24 -36.42
C ARG D 58 -24.01 -32.23 -35.29
N ALA D 59 -24.59 -31.71 -34.20
CA ALA D 59 -25.03 -32.56 -33.10
C ALA D 59 -26.21 -33.44 -33.53
N LYS D 60 -27.14 -32.85 -34.28
CA LYS D 60 -28.26 -33.62 -34.81
C LYS D 60 -27.80 -34.79 -35.66
N ARG D 61 -26.82 -34.57 -36.52
CA ARG D 61 -26.34 -35.65 -37.38
C ARG D 61 -25.68 -36.74 -36.57
N LYS D 62 -24.93 -36.34 -35.56
CA LYS D 62 -24.26 -37.31 -34.72
C LYS D 62 -25.27 -38.19 -34.04
N ALA D 63 -26.36 -37.58 -33.56
CA ALA D 63 -27.41 -38.28 -32.84
C ALA D 63 -28.27 -39.16 -33.75
N GLY D 64 -28.26 -38.89 -35.06
CA GLY D 64 -29.12 -39.59 -36.03
C GLY D 64 -30.52 -38.99 -36.20
N VAL D 65 -30.69 -37.72 -35.84
CA VAL D 65 -31.96 -37.02 -36.02
C VAL D 65 -32.21 -36.92 -37.53
N ASP D 66 -33.43 -37.26 -37.96
CA ASP D 66 -33.77 -37.24 -39.40
C ASP D 66 -33.63 -35.80 -39.91
N PRO D 67 -33.34 -35.62 -41.21
CA PRO D 67 -33.22 -34.28 -41.77
C PRO D 67 -34.52 -33.46 -41.64
N LEU D 68 -34.37 -32.18 -41.32
CA LEU D 68 -35.50 -31.23 -41.24
C LEU D 68 -36.45 -31.51 -40.07
N VAL D 69 -36.02 -32.31 -39.10
CA VAL D 69 -36.79 -32.54 -37.89
C VAL D 69 -36.25 -31.59 -36.80
N PRO D 70 -37.12 -30.74 -36.26
CA PRO D 70 -36.67 -29.85 -35.18
C PRO D 70 -36.50 -30.54 -33.83
N LEU D 71 -35.62 -29.99 -33.02
CA LEU D 71 -35.61 -30.25 -31.58
C LEU D 71 -36.93 -29.76 -30.99
N ARG D 72 -37.32 -30.32 -29.85
CA ARG D 72 -38.48 -29.83 -29.12
C ARG D 72 -38.20 -28.44 -28.53
N SER D 73 -37.03 -28.32 -27.91
CA SER D 73 -36.61 -27.08 -27.30
C SER D 73 -35.10 -26.97 -27.30
N LEU D 74 -34.62 -25.72 -27.24
CA LEU D 74 -33.21 -25.38 -27.25
C LEU D 74 -32.95 -24.26 -26.23
N GLY D 75 -32.23 -24.61 -25.16
CA GLY D 75 -31.80 -23.69 -24.13
C GLY D 75 -30.42 -23.14 -24.42
N LEU D 76 -30.37 -21.84 -24.70
CA LEU D 76 -29.15 -21.16 -25.11
C LEU D 76 -28.64 -20.36 -23.89
N SER D 77 -27.56 -20.85 -23.28
CA SER D 77 -26.99 -20.25 -22.06
C SER D 77 -25.77 -19.44 -22.47
N LEU D 78 -26.02 -18.20 -22.90
CA LEU D 78 -24.98 -17.41 -23.56
C LEU D 78 -24.50 -16.24 -22.74
N SER D 79 -23.24 -15.85 -22.96
CA SER D 79 -22.76 -14.54 -22.49
C SER D 79 -23.71 -13.43 -22.96
N GLY D 80 -24.15 -12.61 -22.01
CA GLY D 80 -25.03 -11.50 -22.28
C GLY D 80 -26.45 -11.92 -22.67
N GLY D 81 -26.83 -13.15 -22.33
CA GLY D 81 -28.14 -13.68 -22.66
C GLY D 81 -29.24 -13.00 -21.86
N ASP D 82 -28.86 -12.16 -20.90
CA ASP D 82 -29.85 -11.35 -20.13
C ASP D 82 -30.25 -10.06 -20.84
N GLN D 83 -29.57 -9.68 -21.90
CA GLN D 83 -29.98 -8.47 -22.63
C GLN D 83 -31.25 -8.77 -23.43
N GLU D 84 -32.32 -8.05 -23.08
CA GLU D 84 -33.65 -8.33 -23.61
C GLU D 84 -33.75 -8.16 -25.13
N ASP D 85 -33.17 -7.09 -25.67
CA ASP D 85 -33.18 -6.87 -27.11
C ASP D 85 -32.45 -7.98 -27.85
N ALA D 86 -31.22 -8.28 -27.43
CA ALA D 86 -30.43 -9.30 -28.08
C ALA D 86 -31.15 -10.65 -28.09
N GLY D 87 -31.72 -11.04 -26.95
CA GLY D 87 -32.40 -12.33 -26.87
C GLY D 87 -33.56 -12.47 -27.83
N ARG D 88 -34.34 -11.39 -27.97
CA ARG D 88 -35.51 -11.37 -28.82
C ARG D 88 -35.11 -11.50 -30.29
N ILE D 89 -34.15 -10.68 -30.67
CA ILE D 89 -33.60 -10.71 -32.00
C ILE D 89 -32.97 -12.08 -32.35
N LEU D 90 -32.23 -12.67 -31.42
CA LEU D 90 -31.63 -14.01 -31.65
C LEU D 90 -32.69 -15.05 -32.00
N ILE D 91 -33.77 -15.07 -31.23
CA ILE D 91 -34.89 -16.01 -31.49
C ILE D 91 -35.62 -15.74 -32.79
N GLU D 92 -35.97 -14.47 -33.04
CA GLU D 92 -36.62 -14.07 -34.33
C GLU D 92 -35.81 -14.57 -35.52
N GLU D 93 -34.51 -14.32 -35.47
CA GLU D 93 -33.62 -14.70 -36.56
C GLU D 93 -33.42 -16.20 -36.76
N LEU D 94 -33.27 -16.95 -35.69
CA LEU D 94 -33.24 -18.42 -35.78
C LEU D 94 -34.53 -18.96 -36.36
N ARG D 95 -35.67 -18.45 -35.90
CA ARG D 95 -36.97 -18.90 -36.46
C ARG D 95 -37.11 -18.55 -37.92
N ASP D 96 -36.71 -17.34 -38.30
CA ASP D 96 -36.84 -16.88 -39.70
C ASP D 96 -35.91 -17.65 -40.63
N ARG D 97 -34.63 -17.63 -40.32
CA ARG D 97 -33.60 -18.17 -41.21
C ARG D 97 -33.54 -19.69 -41.21
N PHE D 98 -33.77 -20.30 -40.04
CA PHE D 98 -33.61 -21.73 -39.86
C PHE D 98 -34.83 -22.36 -39.21
N PRO D 99 -35.93 -22.44 -39.96
CA PRO D 99 -37.21 -22.85 -39.36
C PRO D 99 -37.32 -24.31 -38.91
N TYR D 100 -36.41 -25.19 -39.34
CA TYR D 100 -36.42 -26.59 -38.88
C TYR D 100 -35.48 -26.92 -37.70
N LEU D 101 -34.88 -25.90 -37.11
CA LEU D 101 -33.86 -26.14 -36.09
C LEU D 101 -34.48 -26.63 -34.78
N SER D 102 -35.45 -25.87 -34.25
CA SER D 102 -36.09 -26.16 -32.96
C SER D 102 -37.48 -25.54 -32.96
N GLU D 103 -38.41 -26.20 -32.29
CA GLU D 103 -39.78 -25.66 -32.14
C GLU D 103 -39.85 -24.52 -31.15
N SER D 104 -39.04 -24.61 -30.10
CA SER D 104 -39.05 -23.61 -29.02
C SER D 104 -37.63 -23.21 -28.63
N TYR D 105 -37.50 -21.98 -28.09
CA TYR D 105 -36.22 -21.44 -27.67
C TYR D 105 -36.33 -20.73 -26.32
N LEU D 106 -35.27 -20.85 -25.55
CA LEU D 106 -35.04 -20.04 -24.33
C LEU D 106 -33.64 -19.45 -24.39
N ILE D 107 -33.54 -18.12 -24.25
CA ILE D 107 -32.26 -17.47 -24.12
C ILE D 107 -32.03 -17.10 -22.66
N THR D 108 -30.89 -17.51 -22.11
CA THR D 108 -30.56 -17.15 -20.74
C THR D 108 -29.05 -16.93 -20.67
N THR D 109 -28.51 -16.71 -19.47
CA THR D 109 -27.07 -16.48 -19.33
C THR D 109 -26.26 -17.78 -19.19
N ASP D 110 -24.98 -17.67 -19.51
CA ASP D 110 -24.02 -18.73 -19.28
C ASP D 110 -24.03 -19.14 -17.80
N ALA D 111 -24.07 -18.12 -16.92
CA ALA D 111 -24.11 -18.34 -15.49
C ALA D 111 -25.33 -19.17 -15.06
N ALA D 112 -26.51 -18.82 -15.56
CA ALA D 112 -27.71 -19.57 -15.23
C ALA D 112 -27.62 -21.03 -15.63
N GLY D 113 -27.06 -21.30 -16.80
CA GLY D 113 -26.86 -22.68 -17.29
C GLY D 113 -25.90 -23.50 -16.45
N SER D 114 -24.80 -22.88 -16.03
CA SER D 114 -23.86 -23.51 -15.12
C SER D 114 -24.51 -23.91 -13.77
N ILE D 115 -25.19 -22.95 -13.13
CA ILE D 115 -25.86 -23.22 -11.85
C ILE D 115 -26.88 -24.38 -11.99
N ALA D 116 -27.70 -24.29 -13.04
CA ALA D 116 -28.74 -25.28 -13.37
C ALA D 116 -28.19 -26.69 -13.68
N THR D 117 -26.90 -26.79 -14.04
CA THR D 117 -26.23 -28.08 -14.20
C THR D 117 -25.97 -28.72 -12.82
N ALA D 118 -25.66 -27.89 -11.83
CA ALA D 118 -25.19 -28.37 -10.51
C ALA D 118 -26.32 -28.51 -9.50
N THR D 119 -27.33 -27.65 -9.61
CA THR D 119 -28.40 -27.69 -8.62
C THR D 119 -29.69 -27.07 -9.12
N PRO D 120 -30.82 -27.56 -8.60
CA PRO D 120 -32.11 -26.92 -8.83
C PRO D 120 -32.52 -25.95 -7.73
N ASP D 121 -31.72 -25.83 -6.67
CA ASP D 121 -32.15 -25.21 -5.41
C ASP D 121 -31.44 -23.88 -5.07
N GLY D 122 -30.74 -23.31 -6.03
CA GLY D 122 -30.06 -22.04 -5.82
C GLY D 122 -28.57 -22.22 -5.59
N GLY D 123 -27.79 -21.22 -5.97
CA GLY D 123 -26.34 -21.30 -5.77
C GLY D 123 -25.58 -20.09 -6.26
N VAL D 124 -24.26 -20.20 -6.18
CA VAL D 124 -23.32 -19.16 -6.58
C VAL D 124 -22.36 -19.78 -7.57
N VAL D 125 -22.12 -19.09 -8.71
CA VAL D 125 -21.13 -19.51 -9.68
C VAL D 125 -20.09 -18.41 -9.85
N LEU D 126 -18.81 -18.80 -9.97
CA LEU D 126 -17.73 -17.87 -10.18
C LEU D 126 -17.03 -18.34 -11.45
N ILE D 127 -17.24 -17.60 -12.53
CA ILE D 127 -16.64 -17.88 -13.83
C ILE D 127 -15.31 -17.15 -14.01
N SER D 128 -14.26 -17.91 -14.33
CA SER D 128 -13.03 -17.29 -14.78
C SER D 128 -12.46 -18.11 -15.94
N GLY D 129 -12.69 -17.59 -17.15
CA GLY D 129 -12.17 -18.12 -18.40
C GLY D 129 -11.53 -16.96 -19.13
N THR D 130 -11.85 -16.75 -20.41
CA THR D 130 -11.38 -15.51 -21.09
C THR D 130 -11.96 -14.26 -20.41
N GLY D 131 -13.19 -14.36 -19.86
CA GLY D 131 -13.72 -13.30 -18.97
C GLY D 131 -14.07 -13.82 -17.57
N SER D 132 -14.63 -12.96 -16.72
CA SER D 132 -15.05 -13.41 -15.39
C SER D 132 -16.44 -12.85 -15.06
N ASN D 133 -17.09 -13.44 -14.06
CA ASN D 133 -18.49 -13.16 -13.72
C ASN D 133 -18.83 -13.91 -12.43
N CYS D 134 -19.54 -13.25 -11.51
CA CYS D 134 -20.02 -13.93 -10.31
C CYS D 134 -21.52 -13.69 -10.24
N ARG D 135 -22.30 -14.77 -10.22
CA ARG D 135 -23.76 -14.69 -10.12
C ARG D 135 -24.32 -15.56 -9.00
N LEU D 136 -25.32 -15.03 -8.33
CA LEU D 136 -26.06 -15.72 -7.29
C LEU D 136 -27.49 -15.83 -7.75
N ILE D 137 -28.08 -17.02 -7.56
CA ILE D 137 -29.52 -17.22 -7.66
C ILE D 137 -29.94 -17.85 -6.34
N ASN D 138 -30.77 -17.14 -5.59
CA ASN D 138 -31.22 -17.63 -4.28
C ASN D 138 -32.33 -18.67 -4.42
N PRO D 139 -32.58 -19.45 -3.36
CA PRO D 139 -33.67 -20.41 -3.36
C PRO D 139 -35.00 -19.81 -3.82
N ASP D 140 -35.26 -18.57 -3.42
CA ASP D 140 -36.51 -17.88 -3.79
C ASP D 140 -36.48 -17.25 -5.18
N GLY D 141 -35.37 -17.40 -5.91
CA GLY D 141 -35.23 -16.87 -7.26
C GLY D 141 -34.72 -15.43 -7.34
N SER D 142 -34.50 -14.77 -6.22
CA SER D 142 -33.82 -13.48 -6.23
C SER D 142 -32.35 -13.65 -6.73
N GLU D 143 -31.86 -12.64 -7.42
CA GLU D 143 -30.56 -12.71 -8.06
C GLU D 143 -29.67 -11.55 -7.65
N SER D 144 -28.37 -11.78 -7.73
CA SER D 144 -27.42 -10.72 -7.53
C SER D 144 -26.14 -11.13 -8.27
N GLY D 145 -25.27 -10.17 -8.51
CA GLY D 145 -24.01 -10.45 -9.15
C GLY D 145 -22.97 -9.39 -8.90
N CYS D 146 -21.75 -9.74 -9.27
CA CYS D 146 -20.64 -8.85 -9.26
C CYS D 146 -19.82 -9.14 -10.51
N GLY D 147 -19.47 -8.10 -11.25
CA GLY D 147 -18.70 -8.29 -12.46
C GLY D 147 -19.52 -8.76 -13.65
N GLY D 148 -18.86 -9.45 -14.56
CA GLY D 148 -19.51 -9.90 -15.81
C GLY D 148 -19.58 -8.78 -16.85
N TRP D 149 -18.72 -7.78 -16.74
CA TRP D 149 -18.87 -6.55 -17.56
C TRP D 149 -18.04 -6.53 -18.87
N GLY D 150 -17.22 -7.56 -19.07
CA GLY D 150 -16.42 -7.67 -20.26
C GLY D 150 -15.12 -6.93 -20.19
N HIS D 151 -14.34 -7.04 -21.26
CA HIS D 151 -12.95 -6.55 -21.25
C HIS D 151 -12.89 -5.03 -21.24
N MET D 152 -13.98 -4.38 -21.62
CA MET D 152 -13.97 -2.90 -21.69
C MET D 152 -14.24 -2.25 -20.33
N MET D 153 -14.60 -3.04 -19.31
CA MET D 153 -15.09 -2.46 -18.06
C MET D 153 -14.87 -3.35 -16.85
N GLY D 154 -14.09 -4.42 -16.98
CA GLY D 154 -13.87 -5.32 -15.83
C GLY D 154 -13.13 -6.58 -16.19
N ASP D 155 -13.83 -7.70 -16.08
CA ASP D 155 -13.24 -9.03 -16.25
C ASP D 155 -12.08 -9.34 -15.32
N GLU D 156 -12.13 -8.76 -14.12
CA GLU D 156 -11.02 -8.94 -13.20
C GLU D 156 -10.88 -10.41 -12.77
N GLY D 157 -9.64 -10.89 -12.74
CA GLY D 157 -9.34 -12.26 -12.33
C GLY D 157 -9.43 -13.25 -13.49
N SER D 158 -9.77 -12.78 -14.68
CA SER D 158 -9.90 -13.64 -15.89
C SER D 158 -8.56 -13.81 -16.62
N ALA D 159 -8.58 -14.68 -17.66
CA ALA D 159 -7.37 -14.85 -18.52
C ALA D 159 -7.07 -13.56 -19.28
N TYR D 160 -8.11 -12.87 -19.72
CA TYR D 160 -7.92 -11.58 -20.41
C TYR D 160 -7.21 -10.56 -19.46
N TRP D 161 -7.69 -10.52 -18.22
CA TRP D 161 -7.18 -9.59 -17.23
C TRP D 161 -5.73 -9.92 -16.85
N ILE D 162 -5.44 -11.20 -16.66
CA ILE D 162 -4.06 -11.64 -16.42
C ILE D 162 -3.14 -11.23 -17.55
N ALA D 163 -3.55 -11.56 -18.76
CA ALA D 163 -2.79 -11.19 -19.93
C ALA D 163 -2.57 -9.69 -20.01
N HIS D 164 -3.63 -8.92 -19.77
CA HIS D 164 -3.57 -7.48 -19.93
C HIS D 164 -2.67 -6.82 -18.86
N GLN D 165 -2.79 -7.29 -17.61
CA GLN D 165 -1.95 -6.84 -16.53
C GLN D 165 -0.48 -7.08 -16.82
N ALA D 166 -0.15 -8.28 -17.33
CA ALA D 166 1.23 -8.60 -17.71
C ALA D 166 1.76 -7.61 -18.76
N VAL D 167 1.00 -7.42 -19.84
CA VAL D 167 1.39 -6.50 -20.91
C VAL D 167 1.48 -5.04 -20.42
N LYS D 168 0.48 -4.58 -19.67
CA LYS D 168 0.45 -3.24 -19.14
C LYS D 168 1.62 -2.95 -18.16
N ILE D 169 1.96 -3.92 -17.32
CA ILE D 169 3.07 -3.75 -16.37
C ILE D 169 4.42 -3.59 -17.12
N VAL D 170 4.58 -4.32 -18.22
CA VAL D 170 5.74 -4.22 -19.13
C VAL D 170 5.79 -2.85 -19.82
N PHE D 171 4.67 -2.43 -20.40
CA PHE D 171 4.53 -1.12 -21.08
C PHE D 171 4.88 0.03 -20.14
N ASP D 172 4.31 0.03 -18.95
CA ASP D 172 4.54 1.10 -17.95
C ASP D 172 5.97 1.09 -17.39
N SER D 173 6.53 -0.11 -17.23
CA SER D 173 7.90 -0.24 -16.74
C SER D 173 8.88 0.37 -17.76
N ILE D 174 8.74 -0.02 -19.03
CA ILE D 174 9.60 0.47 -20.09
C ILE D 174 9.42 1.99 -20.30
N ASP D 175 8.19 2.47 -20.18
CA ASP D 175 7.91 3.91 -20.31
C ASP D 175 8.50 4.74 -19.16
N ASN D 176 8.75 4.09 -18.04
CA ASN D 176 9.08 4.78 -16.80
C ASN D 176 7.87 5.48 -16.17
N LEU D 177 6.67 5.05 -16.53
CA LEU D 177 5.45 5.61 -15.95
C LEU D 177 5.21 5.04 -14.55
N GLU D 178 5.47 3.74 -14.40
CA GLU D 178 5.31 3.07 -13.12
C GLU D 178 6.26 1.90 -13.03
N ALA D 179 6.98 1.82 -11.90
CA ALA D 179 7.90 0.70 -11.63
C ALA D 179 7.12 -0.60 -11.39
N ALA D 180 7.61 -1.70 -11.93
CA ALA D 180 6.96 -2.99 -11.79
C ALA D 180 7.20 -3.48 -10.36
N PRO D 181 6.28 -4.24 -9.80
CA PRO D 181 6.51 -4.77 -8.43
C PRO D 181 7.61 -5.85 -8.36
N HIS D 182 7.91 -6.47 -9.49
CA HIS D 182 8.97 -7.47 -9.62
C HIS D 182 9.57 -7.38 -11.01
N ASP D 183 10.75 -7.97 -11.19
CA ASP D 183 11.48 -7.85 -12.44
C ASP D 183 10.63 -8.33 -13.61
N ILE D 184 10.63 -7.54 -14.70
CA ILE D 184 9.75 -7.84 -15.87
C ILE D 184 10.36 -8.79 -16.90
N GLY D 185 11.58 -9.24 -16.69
CA GLY D 185 12.36 -9.92 -17.72
C GLY D 185 11.71 -11.13 -18.37
N TYR D 186 11.28 -12.08 -17.56
CA TYR D 186 10.59 -13.25 -18.08
C TYR D 186 9.31 -12.88 -18.83
N VAL D 187 8.50 -12.01 -18.23
CA VAL D 187 7.22 -11.65 -18.82
C VAL D 187 7.42 -10.87 -20.14
N LYS D 188 8.40 -9.97 -20.18
CA LYS D 188 8.67 -9.20 -21.40
C LYS D 188 9.08 -10.13 -22.56
N GLN D 189 9.98 -11.07 -22.30
CA GLN D 189 10.41 -11.98 -23.33
C GLN D 189 9.31 -12.94 -23.75
N ALA D 190 8.50 -13.38 -22.79
CA ALA D 190 7.30 -14.18 -23.14
C ALA D 190 6.33 -13.44 -24.03
N MET D 191 6.15 -12.14 -23.77
CA MET D 191 5.29 -11.29 -24.59
C MET D 191 5.78 -11.22 -26.02
N PHE D 192 7.08 -10.99 -26.21
CA PHE D 192 7.63 -10.95 -27.56
C PHE D 192 7.51 -12.33 -28.23
N HIS D 193 7.75 -13.38 -27.47
CA HIS D 193 7.61 -14.77 -27.97
C HIS D 193 6.15 -15.07 -28.40
N TYR D 194 5.20 -14.86 -27.49
CA TYR D 194 3.79 -15.18 -27.78
C TYR D 194 3.19 -14.40 -28.95
N PHE D 195 3.34 -13.08 -28.90
CA PHE D 195 2.82 -12.24 -29.96
C PHE D 195 3.68 -12.23 -31.22
N GLN D 196 4.88 -12.82 -31.17
CA GLN D 196 5.81 -12.80 -32.30
C GLN D 196 6.06 -11.39 -32.83
N VAL D 197 6.49 -10.49 -31.94
CA VAL D 197 6.86 -9.14 -32.31
C VAL D 197 8.14 -8.74 -31.61
N PRO D 198 8.89 -7.78 -32.18
CA PRO D 198 10.15 -7.36 -31.56
C PRO D 198 10.00 -6.25 -30.51
N ASP D 199 8.87 -5.55 -30.51
CA ASP D 199 8.73 -4.35 -29.71
C ASP D 199 7.26 -4.05 -29.35
N ARG D 200 7.09 -3.10 -28.44
CA ARG D 200 5.76 -2.69 -28.00
C ARG D 200 4.90 -2.19 -29.14
N LEU D 201 5.46 -1.43 -30.08
CA LEU D 201 4.72 -0.99 -31.26
C LEU D 201 4.04 -2.15 -32.01
N GLY D 202 4.75 -3.27 -32.15
CA GLY D 202 4.20 -4.48 -32.77
C GLY D 202 3.01 -5.10 -32.07
N ILE D 203 2.88 -4.88 -30.77
CA ILE D 203 1.78 -5.39 -30.00
C ILE D 203 0.48 -4.66 -30.37
N LEU D 204 0.58 -3.41 -30.81
CA LEU D 204 -0.63 -2.58 -30.95
C LEU D 204 -1.62 -3.10 -31.98
N THR D 205 -1.14 -3.68 -33.07
CA THR D 205 -2.11 -4.25 -34.03
C THR D 205 -2.98 -5.31 -33.40
N HIS D 206 -2.43 -6.02 -32.42
CA HIS D 206 -3.17 -7.05 -31.70
C HIS D 206 -4.16 -6.52 -30.67
N LEU D 207 -4.05 -5.24 -30.33
CA LEU D 207 -5.03 -4.56 -29.49
C LEU D 207 -6.14 -3.84 -30.26
N TYR D 208 -5.89 -3.55 -31.55
CA TYR D 208 -6.73 -2.66 -32.33
C TYR D 208 -7.35 -3.39 -33.53
N ARG D 209 -6.92 -3.12 -34.75
CA ARG D 209 -7.61 -3.71 -35.92
C ARG D 209 -7.67 -5.25 -35.89
N ASP D 210 -6.62 -5.89 -35.41
CA ASP D 210 -6.52 -7.36 -35.35
C ASP D 210 -6.88 -7.95 -33.99
N PHE D 211 -7.49 -7.16 -33.11
CA PHE D 211 -7.85 -7.65 -31.77
C PHE D 211 -8.81 -8.83 -31.83
N ASP D 212 -8.52 -9.86 -31.06
CA ASP D 212 -9.40 -10.97 -30.83
C ASP D 212 -9.20 -11.35 -29.38
N LYS D 213 -10.27 -11.33 -28.60
CA LYS D 213 -10.16 -11.49 -27.14
C LYS D 213 -9.55 -12.82 -26.79
N CYS D 214 -9.87 -13.87 -27.56
CA CYS D 214 -9.34 -15.23 -27.30
C CYS D 214 -7.81 -15.28 -27.55
N ARG D 215 -7.35 -14.70 -28.66
CA ARG D 215 -5.93 -14.70 -29.01
C ARG D 215 -5.14 -13.91 -27.97
N PHE D 216 -5.67 -12.76 -27.54
CA PHE D 216 -4.99 -11.92 -26.56
C PHE D 216 -4.93 -12.62 -25.19
N ALA D 217 -6.09 -13.13 -24.77
CA ALA D 217 -6.21 -13.83 -23.48
C ALA D 217 -5.33 -15.07 -23.36
N GLY D 218 -5.05 -15.70 -24.48
CA GLY D 218 -4.16 -16.85 -24.51
C GLY D 218 -2.76 -16.60 -23.99
N PHE D 219 -2.32 -15.34 -23.97
CA PHE D 219 -1.06 -14.94 -23.32
C PHE D 219 -1.01 -15.33 -21.83
N CYS D 220 -2.17 -15.41 -21.21
CA CYS D 220 -2.28 -15.91 -19.84
C CYS D 220 -1.53 -17.26 -19.62
N ARG D 221 -1.51 -18.14 -20.61
CA ARG D 221 -0.77 -19.38 -20.49
C ARG D 221 0.74 -19.18 -20.20
N LYS D 222 1.34 -18.14 -20.79
CA LYS D 222 2.77 -17.89 -20.56
C LYS D 222 3.00 -17.39 -19.13
N ILE D 223 2.01 -16.72 -18.57
CA ILE D 223 2.12 -16.17 -17.23
C ILE D 223 1.94 -17.31 -16.22
N ALA D 224 1.01 -18.22 -16.49
CA ALA D 224 0.86 -19.44 -15.68
C ALA D 224 2.16 -20.27 -15.67
N GLU D 225 2.78 -20.41 -16.84
CA GLU D 225 4.06 -21.16 -16.95
C GLU D 225 5.15 -20.47 -16.15
N GLY D 226 5.31 -19.16 -16.32
CA GLY D 226 6.29 -18.42 -15.53
C GLY D 226 6.10 -18.62 -14.02
N ALA D 227 4.86 -18.53 -13.56
CA ALA D 227 4.51 -18.69 -12.16
C ALA D 227 4.84 -20.08 -11.63
N GLN D 228 4.53 -21.11 -12.42
CA GLN D 228 4.90 -22.49 -12.07
C GLN D 228 6.42 -22.62 -11.97
N GLN D 229 7.15 -21.88 -12.79
CA GLN D 229 8.62 -21.93 -12.77
C GLN D 229 9.25 -20.99 -11.74
N GLY D 230 8.45 -20.25 -10.99
CA GLY D 230 8.96 -19.45 -9.88
C GLY D 230 9.23 -17.98 -10.20
N ASP D 231 8.82 -17.51 -11.38
CA ASP D 231 9.00 -16.08 -11.69
C ASP D 231 8.17 -15.19 -10.76
N PRO D 232 8.83 -14.33 -9.97
CA PRO D 232 8.07 -13.50 -9.03
C PRO D 232 6.94 -12.62 -9.60
N LEU D 233 7.16 -11.93 -10.73
CA LEU D 233 6.11 -11.11 -11.31
C LEU D 233 4.89 -11.96 -11.70
N SER D 234 5.16 -13.04 -12.42
CA SER D 234 4.12 -13.98 -12.86
C SER D 234 3.30 -14.51 -11.67
N ARG D 235 4.01 -14.90 -10.61
CA ARG D 235 3.31 -15.38 -9.41
C ARG D 235 2.49 -14.25 -8.78
N TYR D 236 3.06 -13.05 -8.74
CA TYR D 236 2.34 -11.84 -8.28
C TYR D 236 1.02 -11.62 -9.02
N ILE D 237 1.04 -11.72 -10.35
CA ILE D 237 -0.18 -11.43 -11.12
C ILE D 237 -1.30 -12.44 -10.80
N PHE D 238 -0.93 -13.71 -10.70
CA PHE D 238 -1.91 -14.75 -10.37
C PHE D 238 -2.43 -14.58 -8.93
N ARG D 239 -1.56 -14.14 -8.00
CA ARG D 239 -1.99 -13.84 -6.61
C ARG D 239 -3.04 -12.74 -6.62
N LYS D 240 -2.77 -11.68 -7.37
CA LYS D 240 -3.75 -10.62 -7.53
C LYS D 240 -5.04 -11.07 -8.23
N ALA D 241 -4.92 -11.93 -9.25
CA ALA D 241 -6.09 -12.50 -9.89
C ALA D 241 -6.96 -13.27 -8.86
N GLY D 242 -6.29 -14.07 -8.03
CA GLY D 242 -6.91 -14.80 -6.90
C GLY D 242 -7.69 -13.83 -6.04
N GLU D 243 -7.02 -12.74 -5.66
CA GLU D 243 -7.65 -11.73 -4.83
C GLU D 243 -8.89 -11.16 -5.45
N MET D 244 -8.83 -10.79 -6.75
CA MET D 244 -9.98 -10.23 -7.45
C MET D 244 -11.17 -11.19 -7.48
N LEU D 245 -10.87 -12.46 -7.71
CA LEU D 245 -11.92 -13.47 -7.75
C LEU D 245 -12.56 -13.63 -6.35
N GLY D 246 -11.74 -13.59 -5.29
CA GLY D 246 -12.28 -13.62 -3.90
C GLY D 246 -13.14 -12.40 -3.56
N ARG D 247 -12.69 -11.23 -4.02
CA ARG D 247 -13.45 -10.02 -3.87
C ARG D 247 -14.85 -10.07 -4.53
N HIS D 248 -15.00 -10.82 -5.63
CA HIS D 248 -16.32 -10.98 -6.23
C HIS D 248 -17.27 -11.69 -5.24
N ILE D 249 -16.78 -12.75 -4.60
CA ILE D 249 -17.58 -13.47 -3.61
C ILE D 249 -17.93 -12.54 -2.45
N VAL D 250 -16.92 -11.85 -1.94
CA VAL D 250 -17.18 -10.92 -0.83
C VAL D 250 -18.25 -9.88 -1.19
N ALA D 251 -18.23 -9.39 -2.43
CA ALA D 251 -19.23 -8.41 -2.91
C ALA D 251 -20.66 -8.92 -2.78
N VAL D 252 -20.91 -10.15 -3.18
CA VAL D 252 -22.27 -10.70 -3.15
C VAL D 252 -22.66 -11.33 -1.80
N LEU D 253 -21.70 -11.50 -0.90
CA LEU D 253 -21.97 -12.16 0.39
C LEU D 253 -23.26 -11.66 1.12
N PRO D 254 -23.46 -10.33 1.21
CA PRO D 254 -24.63 -9.80 1.93
C PRO D 254 -26.00 -10.16 1.35
N GLU D 255 -26.03 -10.61 0.10
CA GLU D 255 -27.29 -10.99 -0.58
C GLU D 255 -27.56 -12.49 -0.56
N ILE D 256 -26.58 -13.29 -0.15
CA ILE D 256 -26.76 -14.73 -0.10
C ILE D 256 -27.73 -15.12 1.03
N ASP D 257 -28.80 -15.84 0.65
CA ASP D 257 -29.71 -16.49 1.61
C ASP D 257 -28.92 -17.41 2.53
N PRO D 258 -28.97 -17.17 3.85
CA PRO D 258 -28.20 -17.97 4.80
C PRO D 258 -28.37 -19.48 4.72
N VAL D 259 -29.49 -19.96 4.16
CA VAL D 259 -29.65 -21.41 4.01
C VAL D 259 -28.56 -22.02 3.10
N LEU D 260 -28.05 -21.24 2.16
CA LEU D 260 -27.00 -21.72 1.28
C LEU D 260 -25.63 -21.90 1.97
N PHE D 261 -25.42 -21.28 3.13
CA PHE D 261 -24.17 -21.40 3.94
C PHE D 261 -24.18 -22.59 4.90
N GLN D 262 -25.36 -23.15 5.12
CA GLN D 262 -25.56 -24.11 6.20
C GLN D 262 -25.24 -25.48 5.65
N GLY D 263 -24.86 -26.38 6.53
CA GLY D 263 -24.59 -27.76 6.16
C GLY D 263 -23.12 -28.14 6.26
N LYS D 264 -22.83 -29.35 5.81
CA LYS D 264 -21.51 -29.96 5.95
C LYS D 264 -20.47 -29.12 5.25
N ILE D 265 -20.73 -28.82 3.98
CA ILE D 265 -19.71 -28.25 3.10
C ILE D 265 -19.67 -26.71 3.10
N GLY D 266 -20.54 -26.09 3.89
CA GLY D 266 -20.56 -24.63 3.98
C GLY D 266 -21.11 -24.06 2.69
N LEU D 267 -20.66 -22.86 2.30
CA LEU D 267 -21.08 -22.28 1.02
C LEU D 267 -20.41 -23.01 -0.14
N PRO D 268 -21.19 -23.65 -1.01
CA PRO D 268 -20.61 -24.22 -2.21
C PRO D 268 -20.45 -23.12 -3.24
N ILE D 269 -19.26 -23.03 -3.83
CA ILE D 269 -19.01 -22.06 -4.90
C ILE D 269 -18.68 -22.86 -6.17
N LEU D 270 -19.55 -22.75 -7.16
CA LEU D 270 -19.32 -23.40 -8.46
C LEU D 270 -18.32 -22.63 -9.30
N CYS D 271 -17.18 -23.28 -9.57
CA CYS D 271 -16.10 -22.66 -10.31
C CYS D 271 -16.05 -23.17 -11.74
N VAL D 272 -16.20 -22.25 -12.69
CA VAL D 272 -16.34 -22.62 -14.10
C VAL D 272 -15.32 -21.78 -14.86
N GLY D 273 -14.61 -22.42 -15.81
CA GLY D 273 -13.70 -21.75 -16.73
C GLY D 273 -12.23 -22.18 -16.60
N SER D 274 -11.46 -21.89 -17.64
CA SER D 274 -10.11 -22.41 -17.79
C SER D 274 -9.14 -21.93 -16.70
N VAL D 275 -9.35 -20.72 -16.17
CA VAL D 275 -8.40 -20.18 -15.19
C VAL D 275 -8.34 -21.07 -13.92
N TRP D 276 -9.43 -21.72 -13.57
CA TRP D 276 -9.42 -22.61 -12.36
C TRP D 276 -8.47 -23.79 -12.43
N LYS D 277 -7.99 -24.15 -13.63
CA LYS D 277 -6.89 -25.17 -13.74
C LYS D 277 -5.63 -24.70 -13.00
N SER D 278 -5.43 -23.38 -12.90
CA SER D 278 -4.35 -22.79 -12.12
C SER D 278 -4.78 -22.40 -10.70
N TRP D 279 -5.72 -23.15 -10.11
CA TRP D 279 -6.11 -22.97 -8.71
C TRP D 279 -4.92 -22.78 -7.76
N GLU D 280 -3.91 -23.64 -7.85
CA GLU D 280 -2.79 -23.51 -6.92
C GLU D 280 -2.06 -22.17 -6.98
N LEU D 281 -2.03 -21.56 -8.18
CA LEU D 281 -1.48 -20.20 -8.33
C LEU D 281 -2.41 -19.07 -7.82
N LEU D 282 -3.71 -19.36 -7.79
CA LEU D 282 -4.74 -18.41 -7.30
C LEU D 282 -4.99 -18.47 -5.79
N LYS D 283 -4.67 -19.62 -5.20
CA LYS D 283 -5.17 -19.96 -3.90
C LYS D 283 -4.88 -18.94 -2.79
N GLU D 284 -3.61 -18.58 -2.61
CA GLU D 284 -3.21 -17.67 -1.53
C GLU D 284 -3.97 -16.33 -1.58
N GLY D 285 -4.05 -15.71 -2.77
CA GLY D 285 -4.75 -14.45 -2.91
C GLY D 285 -6.27 -14.62 -2.76
N PHE D 286 -6.80 -15.73 -3.25
CA PHE D 286 -8.24 -16.00 -3.10
C PHE D 286 -8.62 -16.06 -1.61
N LEU D 287 -7.82 -16.80 -0.83
CA LEU D 287 -8.09 -16.97 0.60
C LEU D 287 -7.92 -15.66 1.38
N LEU D 288 -6.88 -14.90 1.06
CA LEU D 288 -6.67 -13.58 1.70
C LEU D 288 -7.86 -12.68 1.50
N ALA D 289 -8.40 -12.65 0.28
CA ALA D 289 -9.52 -11.78 -0.04
C ALA D 289 -10.79 -12.20 0.73
N LEU D 290 -11.08 -13.49 0.74
CA LEU D 290 -12.23 -14.02 1.47
C LEU D 290 -12.15 -13.77 2.97
N THR D 291 -10.99 -14.02 3.54
CA THR D 291 -10.81 -13.91 4.98
C THR D 291 -10.85 -12.45 5.43
N GLN D 292 -10.21 -11.55 4.68
CA GLN D 292 -10.35 -10.12 4.94
C GLN D 292 -11.80 -9.66 4.78
N GLY D 293 -12.48 -10.09 3.71
CA GLY D 293 -13.84 -9.61 3.44
C GLY D 293 -14.82 -9.97 4.55
N ARG D 294 -14.66 -11.16 5.11
CA ARG D 294 -15.60 -11.63 6.09
C ARG D 294 -15.30 -11.05 7.47
N GLU D 295 -14.06 -10.59 7.69
CA GLU D 295 -13.69 -9.90 8.93
C GLU D 295 -14.42 -8.59 9.16
N ILE D 296 -14.85 -7.95 8.09
CA ILE D 296 -15.74 -6.79 8.19
C ILE D 296 -17.11 -7.26 8.68
N PHE D 302 -21.08 -17.44 7.85
CA PHE D 302 -20.18 -17.92 6.80
C PHE D 302 -18.90 -18.57 7.39
N SER D 303 -19.00 -19.85 7.71
CA SER D 303 -17.99 -20.55 8.53
C SER D 303 -16.95 -21.33 7.73
N SER D 304 -17.36 -21.77 6.54
CA SER D 304 -16.54 -22.58 5.68
C SER D 304 -17.10 -22.47 4.27
N PHE D 305 -16.30 -22.87 3.29
CA PHE D 305 -16.78 -23.02 1.91
C PHE D 305 -16.18 -24.24 1.24
N THR D 306 -16.77 -24.63 0.11
CA THR D 306 -16.29 -25.73 -0.70
C THR D 306 -16.37 -25.30 -2.17
N LEU D 307 -15.24 -25.39 -2.88
CA LEU D 307 -15.17 -25.07 -4.31
C LEU D 307 -15.54 -26.31 -5.08
N MET D 308 -16.47 -26.16 -6.01
CA MET D 308 -16.98 -27.27 -6.82
C MET D 308 -16.63 -27.05 -8.27
N LYS D 309 -16.55 -28.13 -9.04
CA LYS D 309 -16.35 -28.06 -10.48
C LYS D 309 -17.35 -28.97 -11.16
N LEU D 310 -17.71 -28.62 -12.40
CA LEU D 310 -18.67 -29.39 -13.19
C LEU D 310 -18.04 -30.65 -13.79
N ARG D 311 -18.82 -31.74 -13.81
CA ARG D 311 -18.41 -32.98 -14.47
C ARG D 311 -19.09 -33.18 -15.82
N HIS D 312 -20.08 -32.33 -16.15
CA HIS D 312 -20.66 -32.27 -17.49
C HIS D 312 -20.72 -30.83 -17.96
N SER D 313 -20.91 -30.64 -19.26
CA SER D 313 -21.01 -29.33 -19.84
C SER D 313 -22.15 -28.55 -19.21
N SER D 314 -21.96 -27.24 -19.01
CA SER D 314 -23.05 -26.32 -18.71
C SER D 314 -24.25 -26.40 -19.67
N ALA D 315 -24.04 -26.88 -20.90
CA ALA D 315 -25.14 -27.08 -21.83
C ALA D 315 -26.19 -28.05 -21.28
N LEU D 316 -25.81 -28.91 -20.34
CA LEU D 316 -26.75 -29.83 -19.74
C LEU D 316 -27.80 -29.05 -18.94
N GLY D 317 -27.33 -28.11 -18.11
CA GLY D 317 -28.24 -27.18 -17.43
C GLY D 317 -29.05 -26.32 -18.40
N GLY D 318 -28.42 -25.89 -19.49
CA GLY D 318 -29.14 -25.17 -20.55
C GLY D 318 -30.30 -25.99 -21.10
N ALA D 319 -30.04 -27.27 -21.32
CA ALA D 319 -31.05 -28.21 -21.85
C ALA D 319 -32.18 -28.39 -20.83
N SER D 320 -31.83 -28.45 -19.54
CA SER D 320 -32.82 -28.54 -18.45
C SER D 320 -33.75 -27.31 -18.37
N LEU D 321 -33.16 -26.12 -18.42
CA LEU D 321 -33.90 -24.87 -18.48
C LEU D 321 -34.79 -24.77 -19.72
N GLY D 322 -34.23 -25.16 -20.85
CA GLY D 322 -34.98 -25.21 -22.14
C GLY D 322 -36.21 -26.11 -22.13
N ALA D 323 -36.07 -27.27 -21.48
CA ALA D 323 -37.18 -28.17 -21.29
C ALA D 323 -38.26 -27.59 -20.36
N ARG D 324 -37.85 -26.99 -19.24
CA ARG D 324 -38.78 -26.41 -18.27
C ARG D 324 -39.58 -25.30 -18.92
N HIS D 325 -38.92 -24.57 -19.80
CA HIS D 325 -39.54 -23.54 -20.63
C HIS D 325 -40.81 -23.97 -21.37
N ILE D 326 -40.92 -25.26 -21.67
CA ILE D 326 -42.11 -25.78 -22.35
C ILE D 326 -42.92 -26.78 -21.49
N GLY D 327 -42.57 -26.87 -20.21
CA GLY D 327 -43.32 -27.67 -19.25
C GLY D 327 -42.81 -29.05 -18.90
N HIS D 328 -41.61 -29.41 -19.37
CA HIS D 328 -41.05 -30.76 -19.19
C HIS D 328 -39.96 -30.76 -18.14
N LEU D 329 -40.04 -31.67 -17.18
CA LEU D 329 -38.99 -31.89 -16.24
C LEU D 329 -37.95 -32.81 -16.85
N LEU D 330 -36.78 -32.27 -17.17
CA LEU D 330 -35.68 -33.07 -17.70
C LEU D 330 -35.01 -33.75 -16.51
N PRO D 331 -35.03 -35.09 -16.47
CA PRO D 331 -34.34 -35.76 -15.35
C PRO D 331 -32.83 -35.42 -15.28
N MET D 332 -32.36 -35.06 -14.07
CA MET D 332 -30.97 -34.61 -13.83
C MET D 332 -30.35 -35.40 -12.65
N ASP D 333 -29.09 -35.78 -12.79
CA ASP D 333 -28.37 -36.48 -11.73
C ASP D 333 -27.39 -35.47 -11.15
N TYR D 334 -27.90 -34.62 -10.28
CA TYR D 334 -27.12 -33.48 -9.78
C TYR D 334 -25.84 -33.93 -9.04
N SER D 335 -25.90 -35.08 -8.37
CA SER D 335 -24.75 -35.62 -7.66
C SER D 335 -23.62 -35.97 -8.59
N ALA D 336 -23.96 -36.43 -9.79
CA ALA D 336 -22.96 -36.77 -10.81
C ALA D 336 -22.43 -35.54 -11.56
N ASN D 337 -23.18 -34.45 -11.52
CA ASN D 337 -22.86 -33.30 -12.38
C ASN D 337 -21.80 -32.37 -11.84
N ALA D 338 -21.49 -32.48 -10.56
CA ALA D 338 -20.47 -31.63 -9.93
C ALA D 338 -19.73 -32.36 -8.80
N ILE D 339 -18.49 -31.91 -8.52
CA ILE D 339 -17.71 -32.52 -7.44
C ILE D 339 -16.84 -31.47 -6.75
N ALA D 340 -16.60 -31.67 -5.45
CA ALA D 340 -15.76 -30.75 -4.67
C ALA D 340 -14.29 -30.94 -5.06
N PHE D 341 -13.55 -29.85 -5.16
CA PHE D 341 -12.10 -29.97 -5.35
C PHE D 341 -11.29 -29.26 -4.27
N TYR D 342 -11.96 -28.50 -3.40
CA TYR D 342 -11.28 -27.81 -2.29
C TYR D 342 -12.26 -27.42 -1.23
N SER D 343 -11.82 -27.44 0.02
CA SER D 343 -12.66 -27.08 1.13
C SER D 343 -11.81 -26.36 2.20
N TYR D 344 -12.40 -25.39 2.89
CA TYR D 344 -11.69 -24.59 3.90
C TYR D 344 -12.67 -24.15 4.99
N THR D 345 -12.24 -24.26 6.24
CA THR D 345 -12.97 -23.78 7.41
C THR D 345 -12.15 -22.68 8.06
N PHE D 346 -12.76 -21.51 8.23
CA PHE D 346 -12.10 -20.34 8.76
C PHE D 346 -11.76 -20.51 10.24
N SER D 347 -10.67 -19.86 10.62
CA SER D 347 -10.32 -19.72 12.02
C SER D 347 -10.92 -18.40 12.51
#